data_6VEN
#
_entry.id   6VEN
#
_cell.length_a   1.00
_cell.length_b   1.00
_cell.length_c   1.00
_cell.angle_alpha   90.00
_cell.angle_beta   90.00
_cell.angle_gamma   90.00
#
_symmetry.space_group_name_H-M   'P 1'
#
loop_
_entity.id
_entity.type
_entity.pdbx_description
1 polymer 'Histone H3.2'
2 polymer 'Histone H4'
3 polymer 'Histone H2A type 1'
4 polymer 'Histone H2B 1.1'
5 polymer '601 DNA (146-MER)'
6 polymer '601 DNA (146-MER)'
7 polymer Ubiquitin
8 polymer 'COMPASS component SWD3'
9 polymer 'COMPASS component SWD1'
10 polymer 'Histone-lysine N-methyltransferase, H3 lysine-4 specific'
11 polymer 'COMPASS component BRE2'
12 polymer 'COMPASS component SDC1'
13 polymer 'COMPASS component SPP1'
14 non-polymer 'ZINC ION'
15 non-polymer S-ADENOSYLMETHIONINE
#
loop_
_entity_poly.entity_id
_entity_poly.type
_entity_poly.pdbx_seq_one_letter_code
_entity_poly.pdbx_strand_id
1 'polypeptide(L)'
;ART(NLE)QTARKSTGGKAPRKQLATKAARKSAPATGGVKKPHRYRPGTVALREIRRYQKSTELLIRKLPFQRLVREIAQ
DFKTDLRFQSSAV(NLE)ALQEASEAYLVALFEDTNLCAIHAKRVTI(NLE)PKDIQLARRIRGERA
;
A,E
2 'polypeptide(L)'
;SGRGKGGKGLGKGGAKRHRKVLRDNIQGITKPAIRRLARRGGVKRISGLIYEETRGVLKVFLENVIRDAVTYTEHAKRKT
VTAMDVVYALKRQGRTLYGFGG
;
B,F
3 'polypeptide(L)'
;SGRGKQGGKTRAKAKTRSSRAGLQFPVGRVHRLLRKGNYAERVGAGAPVYLAAVLEYLTAEILELAGNAARDNKKTRIIP
RHLQLAVRNDEELNKLLGRVTIAQGGVLPNIQSVLLPKKTESSKSAKSK
;
C,G
4 'polypeptide(L)'
;AKSAPAPKKGSKKAVTKTQKKDGKKRRKTRKESYAIYVYKVLKQVHPDTGISSKAMSIMNSFVNDVFERIAGEASRLAHY
NKRSTITSREIQTAVRLLLPGELAKHAVSEGTKAVTCYTSAK
;
D,H
5 'polydeoxyribonucleotide'
;(DT)(DC)(DG)(DA)(DG)(DA)(DA)(DT)(DC)(DC)(DC)(DG)(DG)(DT)(DG)(DC)(DC)(DG)(DA)(DG)
(DG)(DC)(DC)(DG)(DC)(DT)(DC)(DA)(DA)(DT)(DT)(DG)(DG)(DT)(DC)(DG)(DT)(DA)(DG)(DA)
(DC)(DA)(DG)(DC)(DT)(DC)(DT)(DA)(DG)(DC)(DA)(DC)(DC)(DG)(DC)(DT)(DT)(DA)(DA)(DA)
(DC)(DG)(DC)(DA)(DC)(DG)(DT)(DA)(DC)(DG)(DC)(DG)(DC)(DT)(DG)(DT)(DC)(DC)(DC)(DC)
(DC)(DG)(DC)(DG)(DT)(DT)(DT)(DT)(DA)(DA)(DC)(DC)(DG)(DC)(DC)(DA)(DA)(DG)(DG)(DG)
(DG)(DA)(DT)(DT)(DA)(DC)(DT)(DC)(DC)(DC)(DT)(DA)(DG)(DT)(DC)(DT)(DC)(DC)(DA)(DG)
(DG)(DC)(DA)(DC)(DG)(DT)(DG)(DT)(DC)(DA)(DG)(DA)(DT)(DA)(DT)(DA)(DT)(DA)(DC)(DA)
(DT)(DC)(DC)(DG)(DA)(DT)
;
I
6 'polydeoxyribonucleotide'
;(DA)(DT)(DC)(DG)(DG)(DA)(DT)(DG)(DT)(DA)(DT)(DA)(DT)(DA)(DT)(DC)(DT)(DG)(DA)(DC)
(DA)(DC)(DG)(DT)(DG)(DC)(DC)(DT)(DG)(DG)(DA)(DG)(DA)(DC)(DT)(DA)(DG)(DG)(DG)(DA)
(DG)(DT)(DA)(DA)(DT)(DC)(DC)(DC)(DC)(DT)(DT)(DG)(DG)(DC)(DG)(DG)(DT)(DT)(DA)(DA)
(DA)(DA)(DC)(DG)(DC)(DG)(DG)(DG)(DG)(DG)(DA)(DC)(DA)(DG)(DC)(DG)(DC)(DG)(DT)(DA)
(DC)(DG)(DT)(DG)(DC)(DG)(DT)(DT)(DT)(DA)(DA)(DG)(DC)(DG)(DG)(DT)(DG)(DC)(DT)(DA)
(DG)(DA)(DG)(DC)(DT)(DG)(DT)(DC)(DT)(DA)(DC)(DG)(DA)(DC)(DC)(DA)(DA)(DT)(DT)(DG)
(DA)(DG)(DC)(DG)(DG)(DC)(DC)(DT)(DC)(DG)(DG)(DC)(DA)(DC)(DC)(DG)(DG)(DG)(DA)(DT)
(DT)(DC)(DT)(DC)(DG)(DA)
;
J
7 'polypeptide(L)' GSHMMQIFVKTLTGKTITLEVEPSDTIENVKAKIQDKEGIPPDQQRLIFAGKQLEDGRTLSDYNIQKESTLHLVLRLRGC K
8 'polypeptide(L)'
;MFQFVTPVGTQNGLKATCAKISPDGQFLAITQGLNILIYDINRRTVSQTLVTSHARPFSELCWSPDGQCIATASDDFSVE
IIHLSYGLLHTFIGHTAPVISLTFNRKGNLLFTSSMDESIKIWDTLNGSLMKTISAHSEAVVSVDVPMNDSSILSSGSYD
GLIRIFDAETGHCLKTLTYDKDWKRENGVVPISQVKFSENARYLLVKSLDGVVKIWDCIGGCVVRTFQVQPLEKGVLHHS
CGMDFLNPEDGSTPLVISGYENGDIYCWNSDTKSLLQLLDGSLYHHSSPVMSIHCFGNIMCSLALNGDCCLWRWV
;
L
9 'polypeptide(L)'
;MNILLQDPFAVLKEHPEKLTHTIENPLRTECLQFSPCGDYLALGCANGALVIYDMDTFRPICVPGNMLGAHVRPITSIAW
SPDGRLLLTSSRDWSIKLWDLSKPSKPLKEIRFDSPIWGCQWLDAKRRLCVATIFEESDAYVIDFSNDPVASLLSKSDEK
QLSSTPDHGYVLVCTVHTKHPNIIIVGTSKGWLDFYKFHSLYQTECIHSLKITSSNIKHLIVSQNGERLAINCSDRTIRQ
YEISIDDENSAVELTLEHKYQDVINKLQWNCILFSNNTAEYLVASTHGSSAHELYIWETTSGTLVRVLEGAEEELIDINW
DFYSMSIVSNGFESGNVYVWSVVIPPKWSALAPDFEEVEENVDYLEKEDEFDEVDEAEQQQGLEQEEEIAIDLRTREQYD
VRGNNLLVERFTIPTDYTRIIKMQSS
;
M
10 'polypeptide(L)'
;MHHHHHHGSSDYKDHDGDYKDHDIDYKDDDDKENLYFQGMDLQNAIKDEEDMLILKQLLSTYTPTVTPETSAALEYKIWQ
SRRKVLEEEKASDWQIELNGTLFDSELQPGSSFKAEGFRKIADKLKINYLPHRRRVHQPLNTVNIHNERNEYTPELCQRE
ESSNKEPSDSVPQEVSSSRDNRASNRRFQQDIEAQKAAIGTESELLSLNQLNKRKKPVMFARSAIHNWGLYALDSIAAKE
MIIEYVGERIRQPVAEMREKRYLKNGIGSSYLFRVDENTVIDATKKGGIARFINHCCDPNCTAKIIKVGGRRRIVIYALR
DIAASEELTYDYKFEREKDDEERLPCLCGAPNCKGFLN
;
N
11 'polypeptide(L)'
;MKLGIIPYQEGTDIVYKNALQGQQEGKRPNLPQMEATHQIKSSVQGTSYEFVRTEDIPLNRRHFVYRPCSANPFFTILGY
GCTEYPFDHSGMSVMDRSEGLSISRDGNDLVSVPDQYGWRTARSDVCIKEGMTYWEVEVIRGGNKKFADGVNNKENADDS
VDEVQSGIYEKMHKQVNDTPHLRFGVCRREASLEAPVGFDVYGYGIRDISLESIHEGKLNCVLENGSPLKEGDKIGFLLS
LPSIHTQIKQAKEFTKRRIFALNSHMDTMNEPWREDAENGPSRKKLKQETTNKEFQRALLEDIEYNDVVRDQIAIRYKNQ
LFFEATDYVKTTKPEYYSSDKRERQDYYQLEDSYLAIFQNGKYLGKAFENLKPLLPPFSELQYNEKFYLGYWQHGEARDE
SNDKNTTSAKKKKQQQKKKKGLILRNKYVNNNKLGYYPTISCFNGGTARIISEEDKLEYLDQIRSAYCVDGNSKVNTLDT
LYKEQIAEDIVWDIIDELEQIALQQ
;
O
12 'polypeptide(L)'
;MNESENSPQHNEVTVPMVEDTSSNADIPMEQIQREDNKNYDKHDNECFDMNGNHNNNSDNLQFDSVPSSATKDLKNIKSV
TNQNVKIEESSSTNSVIEESSEPKISKLENVNLAATVGGSQTRKYLNTNVTPHLLAGMRLIAVQQPEDPLRVLGEYLIEQ
SNILKSGEKESNASK
;
P,Q
13 'polypeptide(L)'
;MWSHPQFEKGGGSGGGSGGSSAWSHPQFEKGSENLYFQGSLPQWCPPHSTLKRNPTTGEDVYCICKRPDYGELMVGCDGC
DDWFHFTCLHIPEQFKDLVFSFYCPYCQAGITGKNKDAIINGEGSLPKTLWKRKCRISDCYKPCLQDSKYCSEEHGREFV
NDIWSRLKTDEDRAVVKKMVEQTGHIDKFKKFGQLDFIDNNIVVKTDDEKEIFDQIVVRDMTLKTLEDDLQEVQEISLPL
FKKKLELLEVYLGWLDNVYTEMRKLDDDAASHVECGKEDSKGTKRKKKKNSSRSRARKNICGYCSTYERIPCSVEEFVRD
FGSNEEATKIHEVCTKWKCNRHLDWVSTNQEQYLQQIDSLESMQERLQHLIQARKKQLNIQYYEEILRRGL
;
R
#
loop_
_chem_comp.id
_chem_comp.type
_chem_comp.name
_chem_comp.formula
DA DNA linking 2'-DEOXYADENOSINE-5'-MONOPHOSPHATE 'C10 H14 N5 O6 P'
DC DNA linking 2'-DEOXYCYTIDINE-5'-MONOPHOSPHATE 'C9 H14 N3 O7 P'
DG DNA linking 2'-DEOXYGUANOSINE-5'-MONOPHOSPHATE 'C10 H14 N5 O7 P'
DT DNA linking THYMIDINE-5'-MONOPHOSPHATE 'C10 H15 N2 O8 P'
SAM non-polymer S-ADENOSYLMETHIONINE 'C15 H22 N6 O5 S'
ZN non-polymer 'ZINC ION' 'Zn 2'
#
# COMPACT_ATOMS: atom_id res chain seq x y z
N ALA A 1 -14.02 8.18 30.60
CA ALA A 1 -13.21 7.33 29.74
C ALA A 1 -13.13 5.91 30.30
N ARG A 2 -13.21 4.93 29.41
CA ARG A 2 -13.16 3.52 29.82
C ARG A 2 -12.55 2.70 28.69
N THR A 3 -12.14 1.48 29.03
CA THR A 3 -11.53 0.58 28.07
C THR A 3 -12.53 0.04 27.06
N NLE A 4 -12.32 0.36 25.79
CA NLE A 4 -13.17 -0.16 24.72
C NLE A 4 -12.95 -1.65 24.56
O NLE A 4 -11.98 -2.20 25.08
CB NLE A 4 -12.87 0.57 23.42
CG NLE A 4 -11.48 0.35 22.90
CD NLE A 4 -11.00 1.53 22.09
CE NLE A 4 -10.93 2.78 22.94
N GLN A 5 -13.85 -2.31 23.83
CA GLN A 5 -13.77 -3.75 23.67
C GLN A 5 -14.57 -4.23 22.46
N THR A 6 -14.53 -5.54 22.22
CA THR A 6 -15.33 -6.16 21.17
C THR A 6 -16.54 -6.90 21.72
N ALA A 7 -16.54 -7.23 23.01
CA ALA A 7 -17.66 -7.91 23.63
C ALA A 7 -17.76 -7.48 25.09
N ARG A 8 -18.90 -7.76 25.70
CA ARG A 8 -19.13 -7.38 27.09
C ARG A 8 -19.42 -8.59 27.96
N PRO A 38 -50.42 -21.77 15.48
CA PRO A 38 -48.97 -21.75 15.65
C PRO A 38 -48.29 -20.78 14.69
N HIS A 39 -46.98 -20.93 14.51
CA HIS A 39 -46.22 -20.01 13.68
C HIS A 39 -46.20 -20.47 12.24
N ARG A 40 -46.15 -19.50 11.32
CA ARG A 40 -46.15 -19.81 9.88
C ARG A 40 -45.46 -18.66 9.16
N TYR A 41 -44.22 -18.88 8.75
CA TYR A 41 -43.51 -17.88 7.96
C TYR A 41 -44.21 -17.66 6.63
N ARG A 42 -44.33 -16.40 6.23
CA ARG A 42 -45.00 -16.08 4.98
C ARG A 42 -44.25 -16.70 3.81
N PRO A 43 -44.96 -17.12 2.76
CA PRO A 43 -44.30 -17.83 1.65
C PRO A 43 -43.27 -16.94 0.97
N GLY A 44 -42.07 -17.49 0.80
CA GLY A 44 -40.96 -16.77 0.20
C GLY A 44 -39.84 -16.43 1.16
N THR A 45 -39.99 -16.72 2.45
CA THR A 45 -38.97 -16.42 3.43
C THR A 45 -38.10 -17.62 3.77
N VAL A 46 -38.69 -18.81 3.94
CA VAL A 46 -37.88 -20.01 4.14
C VAL A 46 -37.02 -20.30 2.92
N ALA A 47 -37.48 -19.87 1.74
CA ALA A 47 -36.66 -20.01 0.54
C ALA A 47 -35.42 -19.11 0.63
N LEU A 48 -35.62 -17.84 0.99
CA LEU A 48 -34.50 -16.92 1.11
C LEU A 48 -33.56 -17.31 2.23
N ARG A 49 -33.96 -18.25 3.09
CA ARG A 49 -33.07 -18.76 4.12
C ARG A 49 -32.34 -20.01 3.67
N GLU A 50 -33.02 -20.90 2.95
CA GLU A 50 -32.35 -22.05 2.36
C GLU A 50 -31.30 -21.61 1.36
N ILE A 51 -31.57 -20.54 0.62
CA ILE A 51 -30.57 -20.03 -0.32
C ILE A 51 -29.31 -19.63 0.41
N ARG A 52 -29.45 -18.93 1.55
CA ARG A 52 -28.27 -18.48 2.27
C ARG A 52 -27.57 -19.64 2.97
N ARG A 53 -28.31 -20.67 3.39
CA ARG A 53 -27.66 -21.78 4.07
C ARG A 53 -27.06 -22.79 3.12
N TYR A 54 -27.46 -22.79 1.86
CA TYR A 54 -26.84 -23.67 0.87
C TYR A 54 -25.73 -23.00 0.10
N GLN A 55 -25.86 -21.70 -0.18
CA GLN A 55 -24.78 -20.99 -0.85
C GLN A 55 -23.54 -20.85 0.01
N LYS A 56 -23.59 -21.25 1.28
CA LYS A 56 -22.43 -21.22 2.15
C LYS A 56 -21.91 -22.60 2.51
N SER A 57 -22.73 -23.63 2.41
CA SER A 57 -22.27 -24.99 2.61
C SER A 57 -21.54 -25.47 1.36
N THR A 58 -20.84 -26.60 1.49
CA THR A 58 -20.06 -27.10 0.37
C THR A 58 -20.12 -28.62 0.24
N GLU A 59 -21.21 -29.24 0.68
CA GLU A 59 -21.35 -30.68 0.56
C GLU A 59 -22.12 -31.02 -0.72
N LEU A 60 -22.33 -32.31 -0.96
CA LEU A 60 -23.02 -32.77 -2.15
C LEU A 60 -24.52 -32.87 -1.87
N LEU A 61 -25.33 -32.41 -2.83
CA LEU A 61 -26.76 -32.25 -2.63
C LEU A 61 -27.58 -33.36 -3.27
N ILE A 62 -26.96 -34.44 -3.70
CA ILE A 62 -27.66 -35.59 -4.26
C ILE A 62 -27.24 -36.83 -3.49
N ARG A 63 -28.20 -37.68 -3.16
CA ARG A 63 -27.90 -38.93 -2.47
C ARG A 63 -26.89 -39.73 -3.28
N LYS A 64 -26.08 -40.54 -2.58
CA LYS A 64 -24.96 -41.17 -3.25
C LYS A 64 -25.31 -42.51 -3.89
N LEU A 65 -26.21 -43.28 -3.29
CA LEU A 65 -26.57 -44.58 -3.85
C LEU A 65 -27.44 -44.44 -5.09
N PRO A 66 -28.43 -43.52 -5.11
CA PRO A 66 -29.16 -43.32 -6.38
C PRO A 66 -28.27 -42.87 -7.51
N PHE A 67 -27.29 -42.00 -7.25
CA PHE A 67 -26.39 -41.59 -8.32
C PHE A 67 -25.47 -42.72 -8.75
N GLN A 68 -25.00 -43.53 -7.80
CA GLN A 68 -24.27 -44.75 -8.12
C GLN A 68 -25.06 -45.60 -9.12
N ARG A 69 -26.30 -45.89 -8.76
CA ARG A 69 -27.10 -46.76 -9.60
C ARG A 69 -27.40 -46.11 -10.95
N LEU A 70 -27.62 -44.80 -10.98
CA LEU A 70 -27.90 -44.13 -12.24
C LEU A 70 -26.70 -44.18 -13.17
N VAL A 71 -25.50 -43.93 -12.64
CA VAL A 71 -24.29 -44.02 -13.45
C VAL A 71 -24.10 -45.43 -13.98
N ARG A 72 -24.27 -46.43 -13.11
CA ARG A 72 -24.10 -47.81 -13.56
C ARG A 72 -25.13 -48.18 -14.61
N GLU A 73 -26.36 -47.67 -14.48
CA GLU A 73 -27.41 -48.02 -15.43
C GLU A 73 -27.19 -47.33 -16.76
N ILE A 74 -26.67 -46.11 -16.75
CA ILE A 74 -26.39 -45.42 -18.01
C ILE A 74 -25.22 -46.08 -18.72
N ALA A 75 -24.23 -46.55 -17.96
CA ALA A 75 -23.11 -47.16 -18.67
C ALA A 75 -23.41 -48.54 -19.20
N GLN A 76 -24.65 -49.05 -19.16
CA GLN A 76 -24.94 -50.32 -19.81
C GLN A 76 -24.97 -50.19 -21.31
N ASP A 77 -25.48 -49.06 -21.81
CA ASP A 77 -25.65 -48.84 -23.24
C ASP A 77 -24.32 -48.75 -23.99
N PHE A 78 -23.19 -48.81 -23.30
CA PHE A 78 -21.89 -48.68 -23.94
C PHE A 78 -21.05 -49.95 -23.81
N LYS A 79 -20.94 -50.51 -22.61
CA LYS A 79 -20.28 -51.79 -22.42
C LYS A 79 -20.97 -52.50 -21.26
N THR A 80 -21.08 -53.82 -21.37
CA THR A 80 -21.98 -54.57 -20.50
C THR A 80 -21.56 -54.45 -19.03
N ASP A 81 -20.37 -54.96 -18.69
CA ASP A 81 -19.99 -55.15 -17.29
C ASP A 81 -18.70 -54.40 -16.99
N LEU A 82 -18.83 -53.14 -16.57
CA LEU A 82 -17.72 -52.36 -16.08
C LEU A 82 -17.73 -52.36 -14.56
N ARG A 83 -16.64 -51.87 -13.96
CA ARG A 83 -16.45 -52.00 -12.52
C ARG A 83 -16.39 -50.67 -11.77
N PHE A 84 -16.23 -49.55 -12.45
CA PHE A 84 -16.47 -48.23 -11.87
C PHE A 84 -15.76 -48.06 -10.51
N GLN A 85 -14.44 -48.00 -10.58
CA GLN A 85 -13.61 -47.64 -9.44
C GLN A 85 -14.24 -46.52 -8.64
N SER A 86 -14.22 -46.67 -7.31
CA SER A 86 -15.07 -45.87 -6.43
C SER A 86 -14.78 -44.38 -6.47
N SER A 87 -13.65 -43.95 -7.05
CA SER A 87 -13.40 -42.53 -7.21
C SER A 87 -13.95 -41.98 -8.51
N ALA A 88 -14.22 -42.85 -9.49
CA ALA A 88 -14.85 -42.40 -10.72
C ALA A 88 -16.23 -41.83 -10.45
N VAL A 89 -17.11 -42.63 -9.86
CA VAL A 89 -18.48 -42.24 -9.56
C VAL A 89 -18.50 -40.89 -8.88
N NLE A 90 -17.81 -40.81 -7.75
CA NLE A 90 -17.72 -39.58 -6.99
C NLE A 90 -17.36 -38.41 -7.87
O NLE A 90 -18.03 -37.38 -7.85
CB NLE A 90 -16.68 -39.72 -5.88
CG NLE A 90 -17.01 -38.96 -4.62
CD NLE A 90 -17.23 -39.91 -3.45
CE NLE A 90 -18.41 -40.83 -3.70
N ALA A 91 -16.31 -38.59 -8.68
CA ALA A 91 -15.87 -37.56 -9.62
C ALA A 91 -17.06 -37.04 -10.41
N LEU A 92 -17.76 -37.96 -11.08
CA LEU A 92 -18.91 -37.58 -11.87
C LEU A 92 -19.86 -36.72 -11.06
N GLN A 93 -20.20 -37.17 -9.84
CA GLN A 93 -21.14 -36.44 -9.02
C GLN A 93 -20.73 -34.98 -8.89
N GLU A 94 -19.46 -34.73 -8.59
CA GLU A 94 -18.98 -33.37 -8.46
C GLU A 94 -19.37 -32.56 -9.69
N ALA A 95 -18.93 -33.02 -10.87
CA ALA A 95 -19.27 -32.31 -12.10
C ALA A 95 -20.78 -32.18 -12.23
N SER A 96 -21.51 -33.27 -11.97
CA SER A 96 -22.94 -33.25 -12.19
C SER A 96 -23.63 -32.22 -11.31
N GLU A 97 -23.03 -31.86 -10.18
CA GLU A 97 -23.57 -30.72 -9.45
C GLU A 97 -23.12 -29.42 -10.08
N ALA A 98 -21.81 -29.24 -10.24
CA ALA A 98 -21.28 -27.97 -10.71
C ALA A 98 -21.79 -27.58 -12.07
N TYR A 99 -22.41 -28.51 -12.80
CA TYR A 99 -23.13 -28.16 -14.01
C TYR A 99 -24.52 -27.63 -13.68
N LEU A 100 -25.35 -28.47 -13.07
CA LEU A 100 -26.74 -28.11 -12.84
C LEU A 100 -26.86 -26.78 -12.11
N VAL A 101 -26.16 -26.65 -10.98
CA VAL A 101 -26.15 -25.41 -10.22
C VAL A 101 -25.91 -24.24 -11.15
N ALA A 102 -24.80 -24.28 -11.91
CA ALA A 102 -24.47 -23.17 -12.80
C ALA A 102 -25.62 -22.92 -13.77
N LEU A 103 -26.13 -23.99 -14.38
CA LEU A 103 -27.28 -23.86 -15.27
C LEU A 103 -28.38 -23.04 -14.62
N PHE A 104 -28.74 -23.40 -13.39
CA PHE A 104 -29.86 -22.73 -12.74
C PHE A 104 -29.59 -21.23 -12.62
N GLU A 105 -28.36 -20.86 -12.27
CA GLU A 105 -28.01 -19.44 -12.21
C GLU A 105 -28.46 -18.75 -13.48
N ASP A 106 -28.03 -19.27 -14.63
CA ASP A 106 -28.38 -18.63 -15.90
C ASP A 106 -29.88 -18.57 -16.07
N THR A 107 -30.57 -19.69 -15.81
CA THR A 107 -32.02 -19.70 -15.99
C THR A 107 -32.67 -18.64 -15.12
N ASN A 108 -32.14 -18.47 -13.91
CA ASN A 108 -32.67 -17.45 -13.02
C ASN A 108 -32.73 -16.11 -13.71
N LEU A 109 -31.62 -15.69 -14.31
CA LEU A 109 -31.58 -14.41 -14.99
C LEU A 109 -32.67 -14.32 -16.04
N CYS A 110 -32.82 -15.37 -16.84
CA CYS A 110 -33.84 -15.37 -17.87
C CYS A 110 -35.20 -15.08 -17.26
N ALA A 111 -35.53 -15.76 -16.15
CA ALA A 111 -36.78 -15.49 -15.46
C ALA A 111 -36.88 -14.02 -15.07
N ILE A 112 -35.85 -13.51 -14.39
CA ILE A 112 -35.86 -12.12 -13.97
C ILE A 112 -35.93 -11.21 -15.17
N HIS A 113 -35.42 -11.66 -16.31
CA HIS A 113 -35.49 -10.85 -17.53
C HIS A 113 -36.92 -10.71 -18.01
N ALA A 114 -37.71 -11.78 -17.90
CA ALA A 114 -39.08 -11.76 -18.38
C ALA A 114 -40.05 -11.10 -17.40
N LYS A 115 -39.54 -10.41 -16.38
CA LYS A 115 -40.37 -9.73 -15.39
C LYS A 115 -41.23 -10.72 -14.60
N ARG A 116 -40.60 -11.75 -14.06
CA ARG A 116 -41.28 -12.70 -13.20
C ARG A 116 -40.27 -13.23 -12.18
N VAL A 117 -40.70 -14.17 -11.36
CA VAL A 117 -39.83 -14.68 -10.29
C VAL A 117 -39.69 -16.19 -10.42
N THR A 118 -40.70 -16.84 -10.99
CA THR A 118 -40.61 -18.27 -11.18
C THR A 118 -39.66 -18.61 -12.32
N ILE A 119 -39.08 -19.81 -12.25
CA ILE A 119 -38.29 -20.30 -13.37
C ILE A 119 -39.08 -21.41 -14.04
N NLE A 120 -39.24 -21.29 -15.36
CA NLE A 120 -40.09 -22.20 -16.10
C NLE A 120 -39.26 -23.00 -17.09
O NLE A 120 -38.13 -22.62 -17.39
CB NLE A 120 -41.19 -21.41 -16.80
CG NLE A 120 -41.90 -20.44 -15.88
CD NLE A 120 -43.19 -19.94 -16.48
CE NLE A 120 -43.88 -19.00 -15.52
N PRO A 121 -39.81 -24.12 -17.60
CA PRO A 121 -39.03 -24.91 -18.54
C PRO A 121 -38.63 -24.16 -19.80
N LYS A 122 -39.40 -23.13 -20.17
CA LYS A 122 -39.00 -22.32 -21.31
C LYS A 122 -37.85 -21.38 -20.97
N ASP A 123 -37.44 -21.33 -19.71
CA ASP A 123 -36.23 -20.60 -19.32
C ASP A 123 -34.99 -21.46 -19.47
N ILE A 124 -35.05 -22.69 -18.96
CA ILE A 124 -33.94 -23.62 -19.12
C ILE A 124 -33.61 -23.83 -20.59
N GLN A 125 -34.63 -23.96 -21.43
CA GLN A 125 -34.39 -24.19 -22.85
C GLN A 125 -33.74 -22.98 -23.50
N LEU A 126 -34.13 -21.77 -23.10
CA LEU A 126 -33.52 -20.58 -23.66
C LEU A 126 -32.07 -20.43 -23.21
N ALA A 127 -31.80 -20.74 -21.94
CA ALA A 127 -30.43 -20.70 -21.46
C ALA A 127 -29.56 -21.70 -22.22
N ARG A 128 -30.05 -22.92 -22.39
CA ARG A 128 -29.27 -23.92 -23.10
C ARG A 128 -29.11 -23.58 -24.57
N ARG A 129 -30.07 -22.87 -25.15
CA ARG A 129 -29.94 -22.47 -26.55
C ARG A 129 -28.91 -21.37 -26.72
N ILE A 130 -29.08 -20.26 -25.98
CA ILE A 130 -28.13 -19.16 -26.04
C ILE A 130 -26.72 -19.64 -25.72
N ARG A 131 -26.60 -20.53 -24.74
CA ARG A 131 -25.29 -20.92 -24.24
C ARG A 131 -24.55 -21.85 -25.20
N GLY A 132 -25.26 -22.49 -26.13
CA GLY A 132 -24.63 -23.29 -27.16
C GLY A 132 -24.92 -24.77 -27.10
N GLU A 133 -25.66 -25.24 -26.10
CA GLU A 133 -25.85 -26.67 -25.91
C GLU A 133 -26.93 -27.26 -26.81
N ARG A 134 -27.72 -26.44 -27.50
CA ARG A 134 -28.75 -26.95 -28.40
C ARG A 134 -28.57 -26.48 -29.84
N ALA A 135 -28.34 -25.18 -30.04
CA ALA A 135 -28.17 -24.61 -31.37
C ALA A 135 -29.36 -24.92 -32.29
N LEU B 22 -31.41 -52.98 -13.23
CA LEU B 22 -31.14 -51.56 -13.30
C LEU B 22 -31.96 -50.90 -14.42
N ARG B 23 -33.24 -50.68 -14.15
CA ARG B 23 -34.14 -50.03 -15.09
C ARG B 23 -34.90 -48.93 -14.38
N ASP B 24 -35.01 -47.77 -15.03
CA ASP B 24 -35.75 -46.62 -14.50
C ASP B 24 -35.18 -46.17 -13.16
N ASN B 25 -33.92 -45.74 -13.19
CA ASN B 25 -33.25 -45.21 -12.01
C ASN B 25 -33.20 -43.69 -12.00
N ILE B 26 -33.50 -43.03 -13.11
CA ILE B 26 -33.45 -41.57 -13.18
C ILE B 26 -34.42 -40.95 -12.17
N GLN B 27 -35.45 -41.69 -11.75
CA GLN B 27 -36.31 -41.24 -10.67
C GLN B 27 -35.58 -41.16 -9.34
N GLY B 28 -34.33 -41.60 -9.28
CA GLY B 28 -33.54 -41.44 -8.07
C GLY B 28 -33.04 -40.03 -7.84
N ILE B 29 -33.06 -39.19 -8.87
CA ILE B 29 -32.76 -37.76 -8.70
C ILE B 29 -34.10 -37.14 -8.32
N THR B 30 -34.41 -37.20 -7.04
CA THR B 30 -35.76 -36.91 -6.57
C THR B 30 -36.01 -35.40 -6.57
N LYS B 31 -37.18 -35.02 -6.06
CA LYS B 31 -37.55 -33.60 -6.09
C LYS B 31 -36.74 -32.77 -5.09
N PRO B 32 -36.56 -33.20 -3.83
CA PRO B 32 -35.78 -32.36 -2.91
C PRO B 32 -34.36 -32.11 -3.36
N ALA B 33 -33.71 -33.07 -4.02
CA ALA B 33 -32.36 -32.85 -4.50
C ALA B 33 -32.34 -31.72 -5.54
N ILE B 34 -33.32 -31.72 -6.44
CA ILE B 34 -33.41 -30.65 -7.43
C ILE B 34 -33.70 -29.32 -6.75
N ARG B 35 -34.55 -29.34 -5.72
CA ARG B 35 -34.80 -28.11 -4.96
C ARG B 35 -33.52 -27.58 -4.35
N ARG B 36 -32.70 -28.44 -3.77
CA ARG B 36 -31.48 -27.98 -3.13
C ARG B 36 -30.49 -27.44 -4.14
N LEU B 37 -30.35 -28.12 -5.29
CA LEU B 37 -29.48 -27.62 -6.34
C LEU B 37 -29.95 -26.24 -6.80
N ALA B 38 -31.26 -26.06 -6.96
CA ALA B 38 -31.77 -24.78 -7.42
C ALA B 38 -31.62 -23.70 -6.36
N ARG B 39 -31.70 -24.06 -5.08
CA ARG B 39 -31.45 -23.08 -4.03
C ARG B 39 -30.01 -22.62 -4.07
N ARG B 40 -29.06 -23.55 -4.12
CA ARG B 40 -27.67 -23.16 -4.27
C ARG B 40 -27.46 -22.34 -5.54
N GLY B 41 -28.27 -22.57 -6.57
CA GLY B 41 -28.18 -21.77 -7.77
C GLY B 41 -28.67 -20.34 -7.60
N GLY B 42 -29.51 -20.09 -6.60
CA GLY B 42 -29.97 -18.75 -6.31
C GLY B 42 -31.39 -18.46 -6.69
N VAL B 43 -32.16 -19.44 -7.15
CA VAL B 43 -33.54 -19.19 -7.54
C VAL B 43 -34.45 -19.26 -6.32
N LYS B 44 -35.57 -18.56 -6.40
CA LYS B 44 -36.43 -18.32 -5.24
C LYS B 44 -37.75 -19.07 -5.30
N ARG B 45 -38.35 -19.21 -6.48
CA ARG B 45 -39.71 -19.77 -6.59
C ARG B 45 -39.74 -20.74 -7.77
N ILE B 46 -39.52 -22.02 -7.49
CA ILE B 46 -39.52 -23.03 -8.53
C ILE B 46 -40.91 -23.19 -9.14
N SER B 47 -40.96 -23.54 -10.42
CA SER B 47 -42.19 -23.96 -11.05
C SER B 47 -42.46 -25.42 -10.68
N GLY B 48 -43.42 -26.04 -11.37
CA GLY B 48 -43.74 -27.42 -11.06
C GLY B 48 -43.28 -28.39 -12.13
N LEU B 49 -42.96 -27.87 -13.31
CA LEU B 49 -42.54 -28.69 -14.43
C LEU B 49 -41.03 -28.83 -14.55
N ILE B 50 -40.26 -28.06 -13.78
CA ILE B 50 -38.80 -28.11 -13.87
C ILE B 50 -38.27 -29.50 -13.55
N TYR B 51 -38.95 -30.24 -12.68
CA TYR B 51 -38.40 -31.48 -12.16
C TYR B 51 -38.37 -32.62 -13.18
N GLU B 52 -38.71 -32.36 -14.43
CA GLU B 52 -38.53 -33.33 -15.50
C GLU B 52 -37.58 -32.82 -16.57
N GLU B 53 -37.69 -31.55 -16.94
CA GLU B 53 -36.69 -30.92 -17.79
C GLU B 53 -35.30 -31.10 -17.19
N THR B 54 -35.19 -31.00 -15.86
CA THR B 54 -33.89 -31.10 -15.22
C THR B 54 -33.34 -32.52 -15.29
N ARG B 55 -34.19 -33.52 -15.08
CA ARG B 55 -33.72 -34.90 -15.22
C ARG B 55 -33.31 -35.18 -16.65
N GLY B 56 -34.03 -34.64 -17.63
CA GLY B 56 -33.61 -34.81 -19.01
C GLY B 56 -32.25 -34.20 -19.29
N VAL B 57 -32.05 -32.97 -18.82
CA VAL B 57 -30.76 -32.30 -19.00
C VAL B 57 -29.64 -33.11 -18.35
N LEU B 58 -29.87 -33.58 -17.13
CA LEU B 58 -28.83 -34.31 -16.41
C LEU B 58 -28.53 -35.63 -17.09
N LYS B 59 -29.55 -36.32 -17.62
CA LYS B 59 -29.31 -37.56 -18.34
C LYS B 59 -28.49 -37.31 -19.60
N VAL B 60 -28.79 -36.23 -20.32
CA VAL B 60 -28.02 -35.92 -21.52
C VAL B 60 -26.56 -35.68 -21.16
N PHE B 61 -26.33 -34.85 -20.13
CA PHE B 61 -24.96 -34.58 -19.70
C PHE B 61 -24.24 -35.86 -19.31
N LEU B 62 -24.91 -36.72 -18.54
CA LEU B 62 -24.26 -37.94 -18.07
C LEU B 62 -23.93 -38.87 -19.23
N GLU B 63 -24.82 -38.98 -20.20
CA GLU B 63 -24.50 -39.79 -21.37
C GLU B 63 -23.29 -39.24 -22.10
N ASN B 64 -23.28 -37.92 -22.34
CA ASN B 64 -22.16 -37.32 -23.07
C ASN B 64 -20.83 -37.52 -22.35
N VAL B 65 -20.83 -37.58 -21.02
CA VAL B 65 -19.58 -37.74 -20.30
C VAL B 65 -19.17 -39.22 -20.20
N ILE B 66 -20.11 -40.09 -19.83
CA ILE B 66 -19.77 -41.50 -19.66
C ILE B 66 -19.43 -42.16 -20.97
N ARG B 67 -19.93 -41.67 -22.10
CA ARG B 67 -19.53 -42.23 -23.38
C ARG B 67 -18.03 -42.10 -23.58
N ASP B 68 -17.49 -40.90 -23.36
CA ASP B 68 -16.05 -40.70 -23.53
C ASP B 68 -15.26 -41.37 -22.42
N ALA B 69 -15.81 -41.42 -21.20
CA ALA B 69 -15.14 -42.15 -20.14
C ALA B 69 -14.96 -43.62 -20.51
N VAL B 70 -16.02 -44.25 -21.01
CA VAL B 70 -15.94 -45.66 -21.36
C VAL B 70 -15.05 -45.87 -22.57
N THR B 71 -15.04 -44.92 -23.51
CA THR B 71 -14.10 -45.01 -24.62
C THR B 71 -12.66 -45.00 -24.13
N TYR B 72 -12.33 -44.02 -23.28
CA TYR B 72 -10.99 -43.94 -22.71
C TYR B 72 -10.63 -45.20 -21.94
N THR B 73 -11.61 -45.84 -21.29
CA THR B 73 -11.29 -46.99 -20.44
C THR B 73 -11.24 -48.30 -21.21
N GLU B 74 -11.89 -48.40 -22.36
CA GLU B 74 -11.77 -49.61 -23.16
C GLU B 74 -10.73 -49.48 -24.26
N HIS B 75 -10.20 -48.29 -24.49
CA HIS B 75 -9.04 -48.16 -25.35
C HIS B 75 -7.79 -48.72 -24.67
N ALA B 76 -7.70 -48.58 -23.36
CA ALA B 76 -6.55 -49.05 -22.61
C ALA B 76 -6.64 -50.52 -22.24
N LYS B 77 -7.59 -51.25 -22.83
CA LYS B 77 -7.73 -52.69 -22.64
C LYS B 77 -7.88 -53.04 -21.17
N ARG B 78 -8.85 -52.42 -20.51
CA ARG B 78 -9.19 -52.77 -19.14
C ARG B 78 -10.68 -52.56 -18.93
N LYS B 79 -11.18 -53.10 -17.83
CA LYS B 79 -12.62 -53.19 -17.57
C LYS B 79 -13.01 -52.46 -16.29
N THR B 80 -12.30 -51.39 -15.94
CA THR B 80 -12.56 -50.65 -14.72
C THR B 80 -12.45 -49.17 -15.02
N VAL B 81 -13.58 -48.46 -14.93
CA VAL B 81 -13.60 -47.03 -15.18
C VAL B 81 -12.91 -46.32 -14.04
N THR B 82 -11.70 -45.82 -14.28
CA THR B 82 -10.91 -45.17 -13.25
C THR B 82 -11.41 -43.74 -13.06
N ALA B 83 -10.73 -42.99 -12.22
CA ALA B 83 -11.07 -41.58 -12.05
C ALA B 83 -10.34 -40.69 -13.04
N MET B 84 -9.16 -41.12 -13.48
CA MET B 84 -8.48 -40.38 -14.54
C MET B 84 -9.27 -40.41 -15.83
N ASP B 85 -10.01 -41.49 -16.08
CA ASP B 85 -10.84 -41.55 -17.28
C ASP B 85 -11.95 -40.50 -17.23
N VAL B 86 -12.60 -40.35 -16.08
CA VAL B 86 -13.64 -39.34 -15.97
C VAL B 86 -13.02 -37.94 -16.03
N VAL B 87 -11.85 -37.75 -15.44
CA VAL B 87 -11.21 -36.45 -15.49
C VAL B 87 -10.87 -36.07 -16.93
N TYR B 88 -10.38 -37.03 -17.71
CA TYR B 88 -10.08 -36.77 -19.11
C TYR B 88 -11.34 -36.49 -19.90
N ALA B 89 -12.37 -37.33 -19.72
CA ALA B 89 -13.61 -37.14 -20.44
C ALA B 89 -14.26 -35.80 -20.11
N LEU B 90 -14.00 -35.28 -18.92
CA LEU B 90 -14.50 -33.95 -18.58
C LEU B 90 -13.65 -32.86 -19.22
N LYS B 91 -12.33 -32.91 -19.01
CA LYS B 91 -11.44 -31.91 -19.59
C LYS B 91 -11.62 -31.81 -21.10
N ARG B 92 -12.02 -32.89 -21.75
CA ARG B 92 -12.15 -32.85 -23.20
C ARG B 92 -13.36 -32.05 -23.67
N GLN B 93 -14.38 -31.89 -22.84
CA GLN B 93 -15.59 -31.16 -23.22
C GLN B 93 -15.55 -29.71 -22.80
N GLY B 94 -14.42 -29.21 -22.33
CA GLY B 94 -14.30 -27.85 -21.88
C GLY B 94 -14.38 -27.68 -20.37
N ARG B 95 -14.93 -28.65 -19.67
CA ARG B 95 -15.15 -28.57 -18.23
C ARG B 95 -14.07 -29.39 -17.53
N THR B 96 -13.02 -28.74 -17.07
CA THR B 96 -12.01 -29.45 -16.31
C THR B 96 -12.54 -29.73 -14.90
N LEU B 97 -11.72 -30.39 -14.09
CA LEU B 97 -12.15 -30.74 -12.73
C LEU B 97 -10.90 -30.99 -11.89
N TYR B 98 -10.70 -30.16 -10.87
CA TYR B 98 -9.53 -30.24 -10.02
C TYR B 98 -9.83 -31.07 -8.78
N GLY B 99 -8.90 -31.92 -8.39
CA GLY B 99 -9.01 -32.57 -7.11
C GLY B 99 -8.94 -34.08 -7.12
N PHE B 100 -9.12 -34.69 -8.29
CA PHE B 100 -9.19 -36.13 -8.40
C PHE B 100 -8.00 -36.71 -9.16
N GLY B 101 -6.81 -36.16 -8.92
CA GLY B 101 -5.62 -36.62 -9.61
C GLY B 101 -5.40 -35.99 -10.96
N GLY B 102 -5.96 -34.82 -11.22
CA GLY B 102 -5.84 -34.18 -12.51
C GLY B 102 -4.42 -33.86 -12.95
N LYS C 15 4.58 -47.75 -57.48
CA LYS C 15 3.46 -48.10 -56.60
C LYS C 15 3.46 -47.25 -55.34
N THR C 16 2.76 -46.12 -55.39
CA THR C 16 2.66 -45.24 -54.24
C THR C 16 1.81 -45.90 -53.15
N ARG C 17 2.11 -45.56 -51.89
CA ARG C 17 1.43 -46.20 -50.77
C ARG C 17 -0.03 -45.80 -50.67
N SER C 18 -0.47 -44.78 -51.38
CA SER C 18 -1.90 -44.47 -51.41
C SER C 18 -2.65 -45.40 -52.35
N SER C 19 -2.12 -45.58 -53.56
CA SER C 19 -2.75 -46.49 -54.52
C SER C 19 -2.86 -47.90 -53.95
N ARG C 20 -1.84 -48.35 -53.22
CA ARG C 20 -1.88 -49.69 -52.62
C ARG C 20 -3.04 -49.85 -51.66
N ALA C 21 -3.58 -48.75 -51.12
CA ALA C 21 -4.71 -48.83 -50.22
C ALA C 21 -6.04 -48.55 -50.92
N GLY C 22 -6.02 -48.02 -52.14
CA GLY C 22 -7.24 -47.66 -52.82
C GLY C 22 -7.78 -46.35 -52.32
N LEU C 23 -6.93 -45.33 -52.31
CA LEU C 23 -7.26 -44.02 -51.75
C LEU C 23 -6.89 -42.95 -52.77
N GLN C 24 -7.27 -41.71 -52.45
CA GLN C 24 -6.91 -40.56 -53.25
C GLN C 24 -6.06 -39.55 -52.51
N PHE C 25 -5.92 -39.68 -51.17
CA PHE C 25 -5.15 -38.79 -50.32
C PHE C 25 -3.73 -39.31 -50.14
N PRO C 26 -2.75 -38.40 -50.02
CA PRO C 26 -1.35 -38.80 -50.07
C PRO C 26 -0.85 -39.40 -48.76
N VAL C 27 -1.00 -40.71 -48.61
CA VAL C 27 -0.55 -41.40 -47.40
C VAL C 27 0.88 -41.02 -47.06
N GLY C 28 1.72 -40.80 -48.06
CA GLY C 28 3.09 -40.40 -47.80
C GLY C 28 3.18 -39.05 -47.11
N ARG C 29 2.44 -38.07 -47.63
CA ARG C 29 2.48 -36.73 -47.06
C ARG C 29 1.86 -36.71 -45.67
N VAL C 30 0.85 -37.55 -45.41
CA VAL C 30 0.26 -37.59 -44.08
C VAL C 30 1.21 -38.27 -43.10
N HIS C 31 1.91 -39.30 -43.53
CA HIS C 31 2.95 -39.90 -42.69
C HIS C 31 4.03 -38.86 -42.37
N ARG C 32 4.43 -38.08 -43.36
CA ARG C 32 5.44 -37.05 -43.13
C ARG C 32 4.95 -36.02 -42.11
N LEU C 33 3.72 -35.54 -42.28
CA LEU C 33 3.18 -34.57 -41.35
C LEU C 33 3.11 -35.12 -39.93
N LEU C 34 2.64 -36.37 -39.79
CA LEU C 34 2.55 -36.96 -38.47
C LEU C 34 3.93 -37.09 -37.83
N ARG C 35 4.94 -37.44 -38.62
CA ARG C 35 6.30 -37.53 -38.08
C ARG C 35 6.82 -36.17 -37.66
N LYS C 36 6.70 -35.18 -38.54
CA LYS C 36 7.32 -33.88 -38.37
C LYS C 36 6.43 -32.87 -37.63
N GLY C 37 5.34 -33.31 -37.04
CA GLY C 37 4.48 -32.42 -36.29
C GLY C 37 4.64 -32.49 -34.79
N ASN C 38 5.58 -33.30 -34.30
CA ASN C 38 5.84 -33.45 -32.87
C ASN C 38 4.59 -33.92 -32.13
N TYR C 39 4.10 -35.09 -32.55
CA TYR C 39 2.91 -35.69 -31.96
C TYR C 39 3.24 -36.84 -31.02
N ALA C 40 4.10 -37.76 -31.46
CA ALA C 40 4.58 -38.83 -30.60
C ALA C 40 5.98 -39.21 -31.05
N GLU C 41 6.61 -40.12 -30.32
CA GLU C 41 8.01 -40.43 -30.57
C GLU C 41 8.19 -41.26 -31.82
N ARG C 42 7.31 -42.22 -32.07
CA ARG C 42 7.47 -43.15 -33.17
C ARG C 42 6.12 -43.37 -33.84
N VAL C 43 5.93 -42.77 -35.02
CA VAL C 43 4.70 -42.96 -35.77
C VAL C 43 4.59 -44.41 -36.20
N GLY C 44 3.41 -44.99 -36.04
CA GLY C 44 3.18 -46.36 -36.44
C GLY C 44 3.24 -46.53 -37.94
N ALA C 45 2.79 -47.70 -38.40
CA ALA C 45 2.81 -48.05 -39.80
C ALA C 45 1.46 -47.81 -40.48
N GLY C 46 0.37 -48.27 -39.87
CA GLY C 46 -0.93 -48.11 -40.47
C GLY C 46 -1.72 -46.94 -39.91
N ALA C 47 -1.02 -45.97 -39.33
CA ALA C 47 -1.69 -44.75 -38.87
C ALA C 47 -1.93 -43.78 -40.02
N PRO C 48 -0.95 -43.49 -40.88
CA PRO C 48 -1.23 -42.58 -42.00
C PRO C 48 -2.27 -43.11 -42.96
N VAL C 49 -2.33 -44.42 -43.19
CA VAL C 49 -3.36 -44.98 -44.06
C VAL C 49 -4.73 -44.69 -43.49
N TYR C 50 -4.93 -45.04 -42.21
CA TYR C 50 -6.19 -44.77 -41.54
C TYR C 50 -6.55 -43.30 -41.60
N LEU C 51 -5.59 -42.42 -41.33
CA LEU C 51 -5.91 -41.00 -41.25
C LEU C 51 -6.24 -40.43 -42.62
N ALA C 52 -5.51 -40.84 -43.65
CA ALA C 52 -5.82 -40.39 -44.99
C ALA C 52 -7.19 -40.88 -45.44
N ALA C 53 -7.53 -42.13 -45.08
CA ALA C 53 -8.85 -42.63 -45.42
C ALA C 53 -9.96 -41.83 -44.74
N VAL C 54 -9.75 -41.49 -43.46
CA VAL C 54 -10.76 -40.71 -42.73
C VAL C 54 -10.92 -39.34 -43.36
N LEU C 55 -9.81 -38.67 -43.66
CA LEU C 55 -9.89 -37.33 -44.27
C LEU C 55 -10.57 -37.39 -45.62
N GLU C 56 -10.26 -38.41 -46.43
CA GLU C 56 -10.91 -38.54 -47.72
C GLU C 56 -12.40 -38.76 -47.57
N TYR C 57 -12.81 -39.63 -46.63
CA TYR C 57 -14.23 -39.83 -46.41
C TYR C 57 -14.92 -38.53 -46.03
N LEU C 58 -14.31 -37.74 -45.15
CA LEU C 58 -14.96 -36.52 -44.70
C LEU C 58 -15.07 -35.50 -45.83
N THR C 59 -13.99 -35.30 -46.60
CA THR C 59 -14.07 -34.32 -47.67
C THR C 59 -15.04 -34.76 -48.75
N ALA C 60 -15.18 -36.08 -48.98
CA ALA C 60 -16.20 -36.54 -49.91
C ALA C 60 -17.59 -36.27 -49.38
N GLU C 61 -17.82 -36.56 -48.10
CA GLU C 61 -19.13 -36.36 -47.50
C GLU C 61 -19.54 -34.90 -47.53
N ILE C 62 -18.60 -33.98 -47.45
CA ILE C 62 -18.97 -32.56 -47.51
C ILE C 62 -19.08 -32.07 -48.94
N LEU C 63 -18.22 -32.55 -49.85
CA LEU C 63 -18.31 -32.08 -51.24
C LEU C 63 -19.56 -32.59 -51.93
N GLU C 64 -20.06 -33.75 -51.52
CA GLU C 64 -21.30 -34.25 -52.11
C GLU C 64 -22.46 -33.30 -51.84
N LEU C 65 -22.67 -32.94 -50.58
CA LEU C 65 -23.74 -31.99 -50.25
C LEU C 65 -23.46 -30.60 -50.81
N ALA C 66 -22.19 -30.20 -50.88
CA ALA C 66 -21.89 -28.91 -51.49
C ALA C 66 -22.32 -28.87 -52.94
N GLY C 67 -21.99 -29.93 -53.69
CA GLY C 67 -22.41 -29.99 -55.08
C GLY C 67 -23.92 -30.05 -55.22
N ASN C 68 -24.59 -30.85 -54.38
CA ASN C 68 -26.04 -30.87 -54.38
C ASN C 68 -26.62 -29.47 -54.22
N ALA C 69 -26.18 -28.75 -53.18
CA ALA C 69 -26.69 -27.40 -52.95
C ALA C 69 -26.39 -26.48 -54.12
N ALA C 70 -25.21 -26.62 -54.72
CA ALA C 70 -24.87 -25.76 -55.86
C ALA C 70 -25.68 -26.11 -57.10
N ARG C 71 -26.21 -27.32 -57.18
CA ARG C 71 -27.00 -27.72 -58.33
C ARG C 71 -28.42 -27.15 -58.26
N ASP C 72 -29.07 -27.30 -57.09
CA ASP C 72 -30.41 -26.78 -56.92
C ASP C 72 -30.49 -25.29 -57.22
N ASN C 73 -29.42 -24.55 -56.97
CA ASN C 73 -29.37 -23.14 -57.32
C ASN C 73 -28.95 -22.91 -58.76
N LYS C 74 -29.03 -23.96 -59.59
CA LYS C 74 -28.82 -23.86 -61.04
C LYS C 74 -27.46 -23.24 -61.37
N LYS C 75 -26.42 -23.73 -60.70
CA LYS C 75 -25.05 -23.36 -61.01
C LYS C 75 -24.19 -24.61 -61.03
N THR C 76 -23.02 -24.49 -61.67
CA THR C 76 -22.09 -25.60 -61.75
C THR C 76 -20.79 -25.34 -61.01
N ARG C 77 -20.67 -24.22 -60.30
CA ARG C 77 -19.48 -23.90 -59.52
C ARG C 77 -19.86 -23.81 -58.06
N ILE C 78 -19.05 -24.42 -57.20
CA ILE C 78 -19.28 -24.41 -55.77
C ILE C 78 -18.59 -23.19 -55.18
N ILE C 79 -19.36 -22.34 -54.52
CA ILE C 79 -18.83 -21.12 -53.90
C ILE C 79 -19.10 -21.21 -52.39
N PRO C 80 -18.46 -20.38 -51.56
CA PRO C 80 -18.62 -20.55 -50.10
C PRO C 80 -20.06 -20.55 -49.62
N ARG C 81 -20.98 -19.89 -50.34
CA ARG C 81 -22.38 -19.97 -49.97
C ARG C 81 -22.87 -21.41 -49.97
N HIS C 82 -22.41 -22.21 -50.92
CA HIS C 82 -22.88 -23.58 -51.01
C HIS C 82 -22.26 -24.47 -49.95
N LEU C 83 -21.00 -24.23 -49.58
CA LEU C 83 -20.43 -24.96 -48.46
C LEU C 83 -21.13 -24.61 -47.15
N GLN C 84 -21.43 -23.32 -46.97
CA GLN C 84 -22.20 -22.89 -45.80
C GLN C 84 -23.53 -23.62 -45.74
N LEU C 85 -24.27 -23.63 -46.86
CA LEU C 85 -25.56 -24.30 -46.90
C LEU C 85 -25.41 -25.80 -46.59
N ALA C 86 -24.47 -26.45 -47.28
CA ALA C 86 -24.29 -27.88 -47.11
C ALA C 86 -23.99 -28.24 -45.66
N VAL C 87 -23.12 -27.48 -45.01
CA VAL C 87 -22.74 -27.78 -43.64
C VAL C 87 -23.90 -27.50 -42.70
N ARG C 88 -24.39 -26.25 -42.70
CA ARG C 88 -25.38 -25.86 -41.69
C ARG C 88 -26.70 -26.62 -41.86
N ASN C 89 -27.01 -27.07 -43.07
CA ASN C 89 -28.26 -27.81 -43.26
C ASN C 89 -28.15 -29.21 -42.68
N ASP C 90 -26.97 -29.84 -42.82
CA ASP C 90 -26.74 -31.13 -42.19
C ASP C 90 -26.82 -30.99 -40.67
N GLU C 91 -26.92 -32.14 -39.99
CA GLU C 91 -27.10 -32.15 -38.55
C GLU C 91 -25.90 -32.69 -37.79
N GLU C 92 -25.02 -33.42 -38.45
CA GLU C 92 -23.80 -33.92 -37.81
C GLU C 92 -22.53 -33.23 -38.30
N LEU C 93 -22.56 -32.61 -39.48
CA LEU C 93 -21.48 -31.72 -39.85
C LEU C 93 -21.60 -30.38 -39.14
N ASN C 94 -22.82 -29.92 -38.89
CA ASN C 94 -23.01 -28.69 -38.14
C ASN C 94 -22.48 -28.80 -36.71
N LYS C 95 -22.34 -30.02 -36.20
CA LYS C 95 -21.75 -30.21 -34.88
C LYS C 95 -20.23 -30.30 -34.96
N LEU C 96 -19.70 -30.99 -35.97
CA LEU C 96 -18.26 -30.99 -36.21
C LEU C 96 -17.75 -29.57 -36.38
N LEU C 97 -18.24 -28.88 -37.41
CA LEU C 97 -17.91 -27.47 -37.62
C LEU C 97 -18.83 -26.55 -36.85
N GLY C 98 -18.88 -26.75 -35.53
CA GLY C 98 -19.79 -25.97 -34.70
C GLY C 98 -19.35 -24.55 -34.42
N ARG C 99 -18.06 -24.27 -34.50
CA ARG C 99 -17.54 -22.97 -34.16
C ARG C 99 -16.88 -22.23 -35.33
N VAL C 100 -16.72 -22.86 -36.47
CA VAL C 100 -16.07 -22.22 -37.60
C VAL C 100 -17.01 -21.17 -38.18
N THR C 101 -16.44 -20.16 -38.84
CA THR C 101 -17.21 -19.16 -39.56
C THR C 101 -16.69 -19.15 -40.99
N ILE C 102 -17.34 -19.94 -41.85
CA ILE C 102 -16.96 -19.98 -43.26
C ILE C 102 -17.10 -18.59 -43.84
N ALA C 103 -16.02 -18.06 -44.40
CA ALA C 103 -16.03 -16.72 -44.97
C ALA C 103 -16.94 -16.68 -46.19
N GLN C 104 -17.49 -15.49 -46.44
CA GLN C 104 -18.45 -15.28 -47.52
C GLN C 104 -19.57 -16.32 -47.48
N GLY C 105 -19.97 -16.70 -46.27
CA GLY C 105 -20.91 -17.79 -46.10
C GLY C 105 -22.35 -17.36 -45.92
N GLY C 106 -22.56 -16.27 -45.19
CA GLY C 106 -23.91 -15.82 -44.96
C GLY C 106 -24.64 -16.66 -43.91
N VAL C 107 -25.93 -16.41 -43.80
CA VAL C 107 -26.77 -17.03 -42.79
C VAL C 107 -27.80 -17.93 -43.47
N LEU C 108 -28.25 -18.95 -42.76
CA LEU C 108 -29.35 -19.78 -43.22
C LEU C 108 -30.66 -19.02 -43.07
N PRO C 109 -31.43 -18.85 -44.14
CA PRO C 109 -32.68 -18.09 -44.05
C PRO C 109 -33.64 -18.69 -43.04
N ASN C 110 -34.05 -17.88 -42.06
CA ASN C 110 -35.03 -18.30 -41.08
C ASN C 110 -35.58 -17.04 -40.40
N ILE C 111 -36.89 -17.02 -40.18
CA ILE C 111 -37.57 -15.93 -39.50
C ILE C 111 -38.42 -16.52 -38.39
N GLN C 112 -38.32 -15.94 -37.19
CA GLN C 112 -39.14 -16.39 -36.07
C GLN C 112 -40.62 -16.22 -36.42
N SER C 113 -41.42 -17.23 -36.06
CA SER C 113 -42.82 -17.25 -36.46
C SER C 113 -43.58 -16.04 -35.92
N VAL C 114 -43.20 -15.57 -34.74
CA VAL C 114 -43.91 -14.45 -34.10
C VAL C 114 -43.81 -13.19 -34.94
N LEU C 115 -42.74 -13.06 -35.73
CA LEU C 115 -42.46 -11.79 -36.40
C LEU C 115 -43.31 -11.63 -37.67
N LEU C 116 -43.35 -12.66 -38.51
CA LEU C 116 -44.09 -12.55 -39.75
C LEU C 116 -45.60 -12.51 -39.47
N PRO C 117 -46.36 -11.71 -40.22
CA PRO C 117 -47.80 -11.57 -40.01
C PRO C 117 -48.60 -12.65 -40.70
N LYS D 28 9.49 -19.83 -57.88
CA LYS D 28 9.32 -18.75 -56.91
C LYS D 28 9.32 -19.29 -55.48
N THR D 29 8.15 -19.67 -54.98
CA THR D 29 7.98 -20.15 -53.63
C THR D 29 7.03 -21.33 -53.62
N ARG D 30 7.46 -22.45 -53.04
CA ARG D 30 6.71 -23.69 -53.08
C ARG D 30 5.89 -23.85 -51.80
N LYS D 31 4.57 -23.96 -51.95
CA LYS D 31 3.66 -24.19 -50.85
C LYS D 31 2.73 -25.33 -51.21
N GLU D 32 2.66 -26.33 -50.35
CA GLU D 32 1.88 -27.53 -50.61
C GLU D 32 0.51 -27.42 -49.96
N SER D 33 -0.51 -27.94 -50.65
CA SER D 33 -1.88 -27.89 -50.19
C SER D 33 -2.62 -29.12 -50.69
N TYR D 34 -3.84 -29.28 -50.19
CA TYR D 34 -4.68 -30.42 -50.54
C TYR D 34 -5.65 -30.10 -51.68
N ALA D 35 -5.26 -29.22 -52.59
CA ALA D 35 -6.17 -28.79 -53.65
C ALA D 35 -6.43 -29.92 -54.64
N ILE D 36 -5.38 -30.59 -55.11
CA ILE D 36 -5.54 -31.58 -56.16
C ILE D 36 -6.30 -32.80 -55.68
N TYR D 37 -6.14 -33.17 -54.40
CA TYR D 37 -6.86 -34.32 -53.89
C TYR D 37 -8.34 -34.00 -53.69
N VAL D 38 -8.61 -32.80 -53.17
CA VAL D 38 -10.00 -32.35 -53.10
C VAL D 38 -10.62 -32.36 -54.49
N TYR D 39 -9.88 -31.96 -55.53
CA TYR D 39 -10.39 -31.97 -56.89
C TYR D 39 -10.65 -33.40 -57.38
N LYS D 40 -9.72 -34.32 -57.11
CA LYS D 40 -9.92 -35.72 -57.49
C LYS D 40 -11.13 -36.32 -56.82
N VAL D 41 -11.46 -35.87 -55.61
CA VAL D 41 -12.64 -36.41 -54.93
C VAL D 41 -13.91 -35.76 -55.49
N LEU D 42 -13.86 -34.46 -55.78
CA LEU D 42 -14.97 -33.80 -56.44
C LEU D 42 -15.33 -34.50 -57.74
N LYS D 43 -14.31 -34.89 -58.51
CA LYS D 43 -14.57 -35.53 -59.79
C LYS D 43 -15.13 -36.95 -59.65
N GLN D 44 -15.25 -37.47 -58.43
CA GLN D 44 -15.99 -38.69 -58.20
C GLN D 44 -17.38 -38.44 -57.63
N VAL D 45 -17.53 -37.45 -56.75
CA VAL D 45 -18.85 -37.24 -56.17
C VAL D 45 -19.76 -36.46 -57.12
N HIS D 46 -19.19 -35.62 -57.99
CA HIS D 46 -19.97 -34.87 -58.98
C HIS D 46 -19.09 -34.67 -60.20
N PRO D 47 -19.20 -35.52 -61.22
CA PRO D 47 -18.22 -35.54 -62.30
C PRO D 47 -18.24 -34.32 -63.21
N ASP D 48 -19.10 -33.33 -62.99
CA ASP D 48 -19.14 -32.19 -63.89
C ASP D 48 -19.25 -30.84 -63.17
N THR D 49 -19.06 -30.78 -61.87
CA THR D 49 -19.03 -29.52 -61.14
C THR D 49 -17.58 -29.07 -60.94
N GLY D 50 -17.42 -27.82 -60.54
CA GLY D 50 -16.10 -27.27 -60.34
C GLY D 50 -16.00 -26.28 -59.20
N ILE D 51 -15.07 -26.52 -58.27
CA ILE D 51 -14.91 -25.63 -57.13
C ILE D 51 -14.24 -24.34 -57.59
N SER D 52 -14.63 -23.22 -56.96
CA SER D 52 -14.01 -21.94 -57.20
C SER D 52 -12.70 -21.86 -56.41
N SER D 53 -12.12 -20.68 -56.31
CA SER D 53 -10.86 -20.54 -55.58
C SER D 53 -11.10 -20.40 -54.09
N LYS D 54 -12.06 -19.55 -53.70
CA LYS D 54 -12.35 -19.37 -52.28
C LYS D 54 -12.85 -20.67 -51.65
N ALA D 55 -13.69 -21.41 -52.36
CA ALA D 55 -14.19 -22.66 -51.80
C ALA D 55 -13.08 -23.70 -51.68
N MET D 56 -12.11 -23.68 -52.59
CA MET D 56 -11.00 -24.61 -52.46
C MET D 56 -10.11 -24.23 -51.28
N SER D 57 -9.91 -22.93 -51.06
CA SER D 57 -9.19 -22.49 -49.87
C SER D 57 -9.90 -22.93 -48.60
N ILE D 58 -11.23 -22.84 -48.60
CA ILE D 58 -12.00 -23.24 -47.43
C ILE D 58 -11.88 -24.73 -47.19
N MET D 59 -11.94 -25.53 -48.25
CA MET D 59 -11.81 -26.97 -48.08
C MET D 59 -10.41 -27.35 -47.60
N ASN D 60 -9.39 -26.65 -48.08
CA ASN D 60 -8.04 -26.89 -47.58
C ASN D 60 -7.93 -26.60 -46.09
N SER D 61 -8.47 -25.45 -45.64
CA SER D 61 -8.46 -25.15 -44.22
C SER D 61 -9.24 -26.16 -43.41
N PHE D 62 -10.35 -26.68 -43.97
CA PHE D 62 -11.12 -27.69 -43.26
C PHE D 62 -10.32 -28.97 -43.06
N VAL D 63 -9.65 -29.42 -44.12
CA VAL D 63 -8.83 -30.64 -43.99
C VAL D 63 -7.72 -30.43 -42.98
N ASN D 64 -7.08 -29.26 -43.01
CA ASN D 64 -6.03 -28.98 -42.02
C ASN D 64 -6.58 -29.03 -40.60
N ASP D 65 -7.74 -28.41 -40.38
CA ASP D 65 -8.32 -28.38 -39.03
C ASP D 65 -8.62 -29.79 -38.53
N VAL D 66 -9.25 -30.62 -39.38
CA VAL D 66 -9.63 -31.95 -38.92
C VAL D 66 -8.40 -32.81 -38.69
N PHE D 67 -7.39 -32.69 -39.56
CA PHE D 67 -6.14 -33.40 -39.33
C PHE D 67 -5.53 -33.03 -38.00
N GLU D 68 -5.50 -31.73 -37.68
CA GLU D 68 -4.87 -31.31 -36.44
C GLU D 68 -5.66 -31.79 -35.22
N ARG D 69 -6.99 -31.77 -35.30
CA ARG D 69 -7.78 -32.29 -34.18
C ARG D 69 -7.49 -33.76 -33.94
N ILE D 70 -7.55 -34.57 -34.99
CA ILE D 70 -7.38 -36.02 -34.80
C ILE D 70 -5.97 -36.33 -34.34
N ALA D 71 -4.98 -35.66 -34.91
CA ALA D 71 -3.60 -35.92 -34.52
C ALA D 71 -3.35 -35.53 -33.07
N GLY D 72 -3.85 -34.37 -32.65
CA GLY D 72 -3.68 -33.97 -31.26
C GLY D 72 -4.34 -34.92 -30.29
N GLU D 73 -5.56 -35.35 -30.61
CA GLU D 73 -6.24 -36.27 -29.70
C GLU D 73 -5.52 -37.61 -29.63
N ALA D 74 -5.02 -38.12 -30.76
CA ALA D 74 -4.27 -39.37 -30.72
C ALA D 74 -2.98 -39.20 -29.93
N SER D 75 -2.33 -38.04 -30.04
CA SER D 75 -1.11 -37.81 -29.27
C SER D 75 -1.39 -37.85 -27.77
N ARG D 76 -2.41 -37.12 -27.33
CA ARG D 76 -2.75 -37.14 -25.91
C ARG D 76 -3.15 -38.55 -25.47
N LEU D 77 -3.85 -39.27 -26.33
CA LEU D 77 -4.33 -40.61 -25.98
C LEU D 77 -3.19 -41.60 -25.87
N ALA D 78 -2.11 -41.39 -26.63
CA ALA D 78 -0.93 -42.22 -26.44
C ALA D 78 -0.17 -41.81 -25.18
N HIS D 79 -0.13 -40.52 -24.89
CA HIS D 79 0.54 -40.05 -23.68
C HIS D 79 -0.13 -40.57 -22.42
N TYR D 80 -1.44 -40.79 -22.46
CA TYR D 80 -2.14 -41.23 -21.25
C TYR D 80 -1.74 -42.64 -20.84
N ASN D 81 -1.69 -43.57 -21.79
CA ASN D 81 -1.34 -44.94 -21.47
C ASN D 81 0.16 -45.17 -21.39
N LYS D 82 0.96 -44.10 -21.41
CA LYS D 82 2.42 -44.18 -21.31
C LYS D 82 3.00 -45.07 -22.41
N ARG D 83 2.76 -44.65 -23.65
CA ARG D 83 3.34 -45.28 -24.82
C ARG D 83 4.06 -44.22 -25.65
N SER D 84 4.67 -44.66 -26.74
CA SER D 84 5.31 -43.76 -27.68
C SER D 84 4.91 -44.00 -29.13
N THR D 85 4.51 -45.21 -29.49
CA THR D 85 4.03 -45.48 -30.84
C THR D 85 2.60 -44.97 -30.97
N ILE D 86 2.36 -44.14 -31.97
CA ILE D 86 1.01 -43.69 -32.31
C ILE D 86 0.55 -44.54 -33.48
N THR D 87 -0.11 -45.66 -33.16
CA THR D 87 -0.47 -46.65 -34.17
C THR D 87 -1.93 -46.48 -34.59
N SER D 88 -2.41 -47.36 -35.45
CA SER D 88 -3.74 -47.24 -36.03
C SER D 88 -4.85 -47.50 -35.02
N ARG D 89 -4.53 -47.83 -33.78
CA ARG D 89 -5.53 -47.94 -32.73
C ARG D 89 -5.85 -46.60 -32.12
N GLU D 90 -4.82 -45.76 -31.94
CA GLU D 90 -5.03 -44.43 -31.39
C GLU D 90 -5.84 -43.56 -32.34
N ILE D 91 -5.59 -43.67 -33.65
CA ILE D 91 -6.37 -42.90 -34.61
C ILE D 91 -7.82 -43.37 -34.61
N GLN D 92 -8.04 -44.66 -34.43
CA GLN D 92 -9.41 -45.18 -34.39
C GLN D 92 -10.14 -44.64 -33.17
N THR D 93 -9.50 -44.70 -32.00
CA THR D 93 -10.14 -44.18 -30.80
C THR D 93 -10.35 -42.68 -30.88
N ALA D 94 -9.43 -41.96 -31.52
CA ALA D 94 -9.59 -40.51 -31.66
C ALA D 94 -10.74 -40.17 -32.61
N VAL D 95 -10.94 -40.98 -33.65
CA VAL D 95 -12.08 -40.77 -34.52
C VAL D 95 -13.37 -41.07 -33.77
N ARG D 96 -13.35 -42.09 -32.92
CA ARG D 96 -14.54 -42.38 -32.12
C ARG D 96 -14.85 -41.26 -31.13
N LEU D 97 -13.81 -40.58 -30.64
CA LEU D 97 -14.03 -39.48 -29.69
C LEU D 97 -14.51 -38.21 -30.39
N LEU D 98 -13.81 -37.80 -31.45
CA LEU D 98 -14.07 -36.48 -32.02
C LEU D 98 -15.35 -36.46 -32.86
N LEU D 99 -15.42 -37.32 -33.88
CA LEU D 99 -16.53 -37.24 -34.81
C LEU D 99 -17.85 -37.56 -34.12
N PRO D 100 -18.95 -36.97 -34.60
CA PRO D 100 -20.26 -37.23 -33.98
C PRO D 100 -20.74 -38.65 -34.19
N GLY D 101 -21.95 -38.94 -33.74
CA GLY D 101 -22.50 -40.29 -33.74
C GLY D 101 -22.34 -41.07 -35.03
N GLU D 102 -22.96 -40.61 -36.12
CA GLU D 102 -23.01 -41.41 -37.33
C GLU D 102 -21.71 -41.33 -38.13
N LEU D 103 -21.16 -40.12 -38.27
CA LEU D 103 -19.90 -39.97 -39.00
C LEU D 103 -18.80 -40.84 -38.40
N ALA D 104 -18.85 -41.09 -37.10
CA ALA D 104 -17.86 -41.94 -36.47
C ALA D 104 -17.90 -43.35 -37.04
N LYS D 105 -19.10 -43.91 -37.20
CA LYS D 105 -19.23 -45.28 -37.68
C LYS D 105 -18.70 -45.42 -39.09
N HIS D 106 -19.14 -44.55 -40.00
CA HIS D 106 -18.67 -44.66 -41.37
C HIS D 106 -17.19 -44.35 -41.48
N ALA D 107 -16.67 -43.43 -40.66
CA ALA D 107 -15.25 -43.11 -40.73
C ALA D 107 -14.40 -44.26 -40.24
N VAL D 108 -14.78 -44.88 -39.12
CA VAL D 108 -14.02 -46.02 -38.63
C VAL D 108 -14.13 -47.19 -39.61
N SER D 109 -15.27 -47.31 -40.30
CA SER D 109 -15.42 -48.38 -41.28
C SER D 109 -14.50 -48.15 -42.48
N GLU D 110 -14.50 -46.94 -43.04
CA GLU D 110 -13.60 -46.65 -44.14
C GLU D 110 -12.15 -46.82 -43.73
N GLY D 111 -11.80 -46.41 -42.51
CA GLY D 111 -10.44 -46.56 -42.06
C GLY D 111 -9.99 -48.00 -41.95
N THR D 112 -10.79 -48.83 -41.28
CA THR D 112 -10.40 -50.23 -41.16
C THR D 112 -10.39 -50.92 -42.51
N LYS D 113 -11.31 -50.56 -43.41
CA LYS D 113 -11.29 -51.12 -44.75
C LYS D 113 -10.00 -50.76 -45.48
N ALA D 114 -9.55 -49.51 -45.34
CA ALA D 114 -8.34 -49.09 -46.05
C ALA D 114 -7.10 -49.75 -45.46
N VAL D 115 -7.03 -49.86 -44.13
CA VAL D 115 -5.84 -50.49 -43.56
C VAL D 115 -5.83 -51.98 -43.89
N THR D 116 -7.00 -52.62 -43.96
CA THR D 116 -7.05 -54.01 -44.40
C THR D 116 -6.57 -54.16 -45.84
N CYS D 117 -7.13 -53.35 -46.75
CA CYS D 117 -6.74 -53.41 -48.14
C CYS D 117 -5.32 -52.91 -48.39
N TYR D 118 -4.67 -52.33 -47.38
CA TYR D 118 -3.27 -51.95 -47.51
C TYR D 118 -2.31 -52.98 -46.94
N THR D 119 -2.66 -53.65 -45.85
CA THR D 119 -1.78 -54.64 -45.25
C THR D 119 -1.70 -55.93 -46.05
N SER D 120 -2.28 -55.97 -47.24
CA SER D 120 -2.22 -57.17 -48.08
C SER D 120 -1.83 -56.81 -49.51
N PRO E 38 -51.60 8.90 -51.23
CA PRO E 38 -51.33 8.15 -52.46
C PRO E 38 -51.07 6.67 -52.22
N HIS E 39 -49.89 6.35 -51.71
CA HIS E 39 -49.52 4.97 -51.41
C HIS E 39 -48.42 4.96 -50.38
N ARG E 40 -48.51 4.03 -49.43
CA ARG E 40 -47.51 3.93 -48.37
C ARG E 40 -47.57 2.53 -47.77
N TYR E 41 -46.48 1.78 -47.93
CA TYR E 41 -46.37 0.47 -47.29
C TYR E 41 -46.65 0.58 -45.79
N ARG E 42 -47.38 -0.40 -45.27
CA ARG E 42 -47.77 -0.37 -43.87
C ARG E 42 -46.53 -0.39 -42.98
N PRO E 43 -46.48 0.40 -41.92
CA PRO E 43 -45.31 0.42 -41.04
C PRO E 43 -44.88 -0.95 -40.57
N GLY E 44 -43.70 -1.39 -40.98
CA GLY E 44 -43.16 -2.67 -40.56
C GLY E 44 -43.15 -3.74 -41.63
N THR E 45 -43.76 -3.50 -42.78
CA THR E 45 -43.76 -4.51 -43.83
C THR E 45 -42.55 -4.42 -44.74
N VAL E 46 -41.83 -3.30 -44.72
CA VAL E 46 -40.55 -3.23 -45.41
C VAL E 46 -39.46 -3.91 -44.60
N ALA E 47 -39.71 -4.15 -43.32
CA ALA E 47 -38.74 -4.84 -42.48
C ALA E 47 -38.50 -6.26 -42.97
N LEU E 48 -39.58 -7.01 -43.21
CA LEU E 48 -39.43 -8.39 -43.65
C LEU E 48 -38.83 -8.48 -45.05
N ARG E 49 -39.15 -7.52 -45.92
CA ARG E 49 -38.53 -7.50 -47.23
C ARG E 49 -37.02 -7.35 -47.13
N GLU E 50 -36.57 -6.43 -46.27
CA GLU E 50 -35.14 -6.27 -46.05
C GLU E 50 -34.53 -7.51 -45.39
N ILE E 51 -35.28 -8.14 -44.48
CA ILE E 51 -34.80 -9.36 -43.84
C ILE E 51 -34.50 -10.43 -44.87
N ARG E 52 -35.48 -10.70 -45.74
CA ARG E 52 -35.29 -11.69 -46.78
C ARG E 52 -34.21 -11.28 -47.78
N ARG E 53 -34.09 -9.98 -48.05
CA ARG E 53 -33.10 -9.52 -49.01
C ARG E 53 -31.69 -9.69 -48.48
N TYR E 54 -31.49 -9.50 -47.17
CA TYR E 54 -30.15 -9.56 -46.60
C TYR E 54 -29.76 -10.96 -46.14
N GLN E 55 -30.71 -11.76 -45.66
CA GLN E 55 -30.39 -13.13 -45.27
C GLN E 55 -30.02 -14.00 -46.46
N LYS E 56 -30.34 -13.56 -47.68
CA LYS E 56 -30.11 -14.37 -48.86
C LYS E 56 -28.77 -14.08 -49.53
N SER E 57 -28.23 -12.88 -49.33
CA SER E 57 -26.96 -12.51 -49.96
C SER E 57 -25.80 -12.85 -49.03
N THR E 58 -24.57 -12.58 -49.50
CA THR E 58 -23.36 -12.84 -48.72
C THR E 58 -22.40 -11.66 -48.74
N GLU E 59 -22.87 -10.47 -49.13
CA GLU E 59 -22.01 -9.32 -49.20
C GLU E 59 -21.58 -8.88 -47.80
N LEU E 60 -20.72 -7.87 -47.75
CA LEU E 60 -20.26 -7.30 -46.49
C LEU E 60 -21.11 -6.08 -46.18
N LEU E 61 -21.67 -6.03 -44.97
CA LEU E 61 -22.68 -5.03 -44.66
C LEU E 61 -22.07 -3.70 -44.25
N ILE E 62 -21.00 -3.74 -43.45
CA ILE E 62 -20.34 -2.51 -43.03
C ILE E 62 -19.47 -1.99 -44.16
N ARG E 63 -19.47 -0.68 -44.36
CA ARG E 63 -18.59 -0.07 -45.34
C ARG E 63 -17.13 -0.42 -45.04
N LYS E 64 -16.36 -0.67 -46.09
CA LYS E 64 -15.02 -1.23 -45.93
C LYS E 64 -14.01 -0.21 -45.43
N LEU E 65 -14.06 1.01 -45.97
CA LEU E 65 -13.02 1.99 -45.64
C LEU E 65 -13.15 2.53 -44.22
N PRO E 66 -14.33 2.89 -43.71
CA PRO E 66 -14.39 3.31 -42.30
C PRO E 66 -14.03 2.20 -41.35
N PHE E 67 -14.35 0.95 -41.68
CA PHE E 67 -13.93 -0.15 -40.84
C PHE E 67 -12.42 -0.32 -40.87
N GLN E 68 -11.80 -0.14 -42.04
CA GLN E 68 -10.34 -0.17 -42.11
C GLN E 68 -9.74 0.90 -41.21
N ARG E 69 -10.32 2.10 -41.23
CA ARG E 69 -9.83 3.17 -40.36
C ARG E 69 -9.99 2.80 -38.88
N LEU E 70 -11.14 2.24 -38.51
CA LEU E 70 -11.37 1.89 -37.11
C LEU E 70 -10.39 0.84 -36.64
N VAL E 71 -10.25 -0.25 -37.40
CA VAL E 71 -9.32 -1.30 -37.00
C VAL E 71 -7.89 -0.78 -37.01
N ARG E 72 -7.62 0.15 -37.94
CA ARG E 72 -6.23 0.66 -38.01
C ARG E 72 -5.92 1.57 -36.82
N GLU E 73 -6.93 2.24 -36.21
CA GLU E 73 -6.68 3.13 -35.09
C GLU E 73 -6.88 2.47 -33.73
N ILE E 74 -7.57 1.34 -33.67
CA ILE E 74 -7.65 0.61 -32.40
C ILE E 74 -6.29 0.01 -32.06
N ALA E 75 -5.55 -0.43 -33.06
CA ALA E 75 -4.23 -1.02 -32.83
C ALA E 75 -3.17 0.01 -32.52
N GLN E 76 -3.52 1.30 -32.48
CA GLN E 76 -2.56 2.32 -32.10
C GLN E 76 -2.24 2.31 -30.61
N ASP E 77 -3.00 1.55 -29.82
CA ASP E 77 -2.75 1.44 -28.40
C ASP E 77 -1.75 0.34 -28.05
N PHE E 78 -1.36 -0.48 -29.02
CA PHE E 78 -0.44 -1.58 -28.78
C PHE E 78 0.88 -1.43 -29.50
N LYS E 79 0.89 -0.76 -30.65
CA LYS E 79 2.11 -0.38 -31.35
C LYS E 79 1.83 0.88 -32.14
N THR E 80 2.81 1.32 -32.91
CA THR E 80 2.63 2.56 -33.65
C THR E 80 2.93 2.40 -35.14
N ASP E 81 3.99 1.67 -35.49
CA ASP E 81 4.36 1.48 -36.90
C ASP E 81 3.73 0.19 -37.45
N LEU E 82 2.42 0.08 -37.31
CA LEU E 82 1.70 -1.11 -37.75
C LEU E 82 1.24 -0.92 -39.19
N ARG E 83 1.27 -2.01 -39.95
CA ARG E 83 1.04 -1.93 -41.40
C ARG E 83 -0.23 -2.62 -41.87
N PHE E 84 -0.67 -3.71 -41.24
CA PHE E 84 -1.98 -4.29 -41.52
C PHE E 84 -2.11 -4.70 -42.98
N GLN E 85 -1.37 -5.75 -43.34
CA GLN E 85 -1.48 -6.39 -44.65
C GLN E 85 -2.94 -6.47 -45.09
N SER E 86 -3.16 -6.24 -46.38
CA SER E 86 -4.51 -5.98 -46.89
C SER E 86 -5.49 -7.10 -46.54
N SER E 87 -5.13 -8.34 -46.83
CA SER E 87 -6.05 -9.44 -46.56
C SER E 87 -6.24 -9.72 -45.08
N ALA E 88 -5.52 -9.03 -44.20
CA ALA E 88 -5.77 -9.18 -42.78
C ALA E 88 -7.03 -8.44 -42.36
N VAL E 89 -7.12 -7.16 -42.71
CA VAL E 89 -8.25 -6.32 -42.35
C VAL E 89 -9.56 -7.00 -42.71
N NLE E 90 -9.72 -7.32 -43.98
CA NLE E 90 -10.91 -8.01 -44.46
C NLE E 90 -11.20 -9.23 -43.61
O NLE E 90 -12.33 -9.42 -43.17
CB NLE E 90 -10.76 -8.42 -45.92
CG NLE E 90 -10.99 -7.28 -46.90
CD NLE E 90 -10.93 -7.79 -48.33
CE NLE E 90 -11.15 -6.66 -49.31
N ALA E 91 -10.16 -10.02 -43.37
CA ALA E 91 -10.26 -11.18 -42.48
C ALA E 91 -10.97 -10.76 -41.21
N LEU E 92 -10.36 -9.83 -40.48
CA LEU E 92 -10.98 -9.28 -39.29
C LEU E 92 -12.43 -8.91 -39.56
N GLN E 93 -12.65 -8.07 -40.57
CA GLN E 93 -14.00 -7.61 -40.86
C GLN E 93 -14.96 -8.78 -40.98
N GLU E 94 -14.57 -9.79 -41.76
CA GLU E 94 -15.45 -10.95 -41.93
C GLU E 94 -15.80 -11.56 -40.58
N ALA E 95 -14.79 -11.87 -39.77
CA ALA E 95 -15.06 -12.38 -38.44
C ALA E 95 -15.95 -11.42 -37.68
N SER E 96 -15.61 -10.14 -37.73
CA SER E 96 -16.34 -9.14 -36.96
C SER E 96 -17.75 -8.92 -37.46
N GLU E 97 -18.14 -9.54 -38.57
CA GLU E 97 -19.56 -9.56 -38.91
C GLU E 97 -20.22 -10.81 -38.34
N ALA E 98 -19.59 -11.97 -38.54
CA ALA E 98 -20.18 -13.22 -38.10
C ALA E 98 -20.39 -13.24 -36.59
N TYR E 99 -19.68 -12.37 -35.86
CA TYR E 99 -19.98 -12.16 -34.45
C TYR E 99 -21.31 -11.43 -34.29
N LEU E 100 -21.37 -10.19 -34.80
CA LEU E 100 -22.51 -9.33 -34.52
C LEU E 100 -23.81 -9.97 -34.97
N VAL E 101 -23.85 -10.43 -36.23
CA VAL E 101 -25.02 -11.15 -36.73
C VAL E 101 -25.43 -12.24 -35.74
N ALA E 102 -24.49 -13.11 -35.39
CA ALA E 102 -24.80 -14.18 -34.45
C ALA E 102 -25.36 -13.62 -33.16
N LEU E 103 -24.72 -12.57 -32.64
CA LEU E 103 -25.20 -11.97 -31.40
C LEU E 103 -26.64 -11.52 -31.53
N PHE E 104 -26.99 -10.89 -32.66
CA PHE E 104 -28.36 -10.45 -32.84
C PHE E 104 -29.31 -11.63 -32.91
N GLU E 105 -28.88 -12.72 -33.55
CA GLU E 105 -29.69 -13.93 -33.58
C GLU E 105 -30.06 -14.36 -32.17
N ASP E 106 -29.21 -14.07 -31.19
CA ASP E 106 -29.54 -14.39 -29.81
C ASP E 106 -30.35 -13.28 -29.17
N THR E 107 -29.99 -12.03 -29.45
CA THR E 107 -30.69 -10.90 -28.85
C THR E 107 -32.19 -11.00 -29.12
N ASN E 108 -32.55 -11.25 -30.38
CA ASN E 108 -33.95 -11.45 -30.75
C ASN E 108 -34.63 -12.45 -29.83
N LEU E 109 -34.00 -13.61 -29.63
CA LEU E 109 -34.59 -14.61 -28.75
C LEU E 109 -34.92 -14.01 -27.38
N CYS E 110 -33.95 -13.33 -26.78
CA CYS E 110 -34.19 -12.72 -25.48
C CYS E 110 -35.35 -11.75 -25.56
N ALA E 111 -35.40 -10.93 -26.61
CA ALA E 111 -36.55 -10.05 -26.80
C ALA E 111 -37.83 -10.85 -26.87
N ILE E 112 -37.85 -11.88 -27.71
CA ILE E 112 -39.04 -12.72 -27.83
C ILE E 112 -39.36 -13.40 -26.51
N HIS E 113 -38.36 -13.57 -25.64
CA HIS E 113 -38.63 -14.17 -24.34
C HIS E 113 -39.50 -13.27 -23.49
N ALA E 114 -39.33 -11.96 -23.61
CA ALA E 114 -40.09 -11.01 -22.82
C ALA E 114 -41.40 -10.60 -23.49
N LYS E 115 -41.90 -11.42 -24.39
CA LYS E 115 -43.12 -11.12 -25.14
C LYS E 115 -43.02 -9.74 -25.78
N ARG E 116 -42.02 -9.61 -26.66
CA ARG E 116 -41.67 -8.33 -27.24
C ARG E 116 -41.34 -8.52 -28.71
N VAL E 117 -41.08 -7.40 -29.39
CA VAL E 117 -40.62 -7.40 -30.77
C VAL E 117 -39.32 -6.61 -30.91
N THR E 118 -39.29 -5.38 -30.38
CA THR E 118 -38.07 -4.59 -30.37
C THR E 118 -36.99 -5.29 -29.57
N ILE E 119 -35.74 -4.96 -29.87
CA ILE E 119 -34.63 -5.48 -29.09
C ILE E 119 -33.96 -4.32 -28.33
N NLE E 120 -34.36 -4.15 -27.08
CA NLE E 120 -33.83 -3.06 -26.26
C NLE E 120 -32.47 -3.45 -25.69
O NLE E 120 -32.16 -4.63 -25.57
CB NLE E 120 -34.84 -2.70 -25.18
CG NLE E 120 -36.04 -1.95 -25.72
CD NLE E 120 -37.06 -1.67 -24.64
CE NLE E 120 -37.62 -2.96 -24.10
N PRO E 121 -31.64 -2.45 -25.33
CA PRO E 121 -30.25 -2.72 -24.96
C PRO E 121 -30.04 -3.56 -23.71
N LYS E 122 -31.11 -3.94 -23.01
CA LYS E 122 -30.97 -4.87 -21.91
C LYS E 122 -31.10 -6.32 -22.36
N ASP E 123 -31.24 -6.55 -23.66
CA ASP E 123 -31.21 -7.89 -24.23
C ASP E 123 -29.78 -8.30 -24.59
N ILE E 124 -29.05 -7.42 -25.27
CA ILE E 124 -27.66 -7.68 -25.61
C ILE E 124 -26.86 -8.04 -24.38
N GLN E 125 -27.15 -7.39 -23.25
CA GLN E 125 -26.38 -7.65 -22.03
C GLN E 125 -26.67 -9.04 -21.48
N LEU E 126 -27.92 -9.46 -21.49
CA LEU E 126 -28.23 -10.83 -21.08
C LEU E 126 -27.62 -11.84 -22.06
N ALA E 127 -27.77 -11.57 -23.37
CA ALA E 127 -27.23 -12.48 -24.36
C ALA E 127 -25.72 -12.60 -24.29
N ARG E 128 -25.04 -11.57 -23.77
CA ARG E 128 -23.59 -11.65 -23.58
C ARG E 128 -23.19 -12.19 -22.23
N ARG E 129 -24.06 -12.13 -21.23
CA ARG E 129 -23.71 -12.69 -19.94
C ARG E 129 -23.99 -14.18 -19.86
N ILE E 130 -24.98 -14.68 -20.59
CA ILE E 130 -25.28 -16.11 -20.53
C ILE E 130 -24.15 -16.92 -21.15
N ARG E 131 -23.65 -16.49 -22.32
CA ARG E 131 -22.59 -17.22 -23.00
C ARG E 131 -21.22 -16.98 -22.40
N GLY E 132 -21.13 -16.35 -21.25
CA GLY E 132 -19.87 -16.21 -20.55
C GLY E 132 -18.95 -15.15 -21.08
N GLU E 133 -19.40 -14.31 -22.01
CA GLU E 133 -18.55 -13.24 -22.52
C GLU E 133 -18.42 -12.07 -21.55
N ARG E 134 -18.99 -12.18 -20.35
CA ARG E 134 -18.93 -11.11 -19.37
C ARG E 134 -19.37 -11.61 -17.99
N VAL F 21 -2.04 10.78 -36.18
CA VAL F 21 -2.82 9.80 -35.44
C VAL F 21 -4.29 9.92 -35.82
N LEU F 22 -5.07 8.91 -35.45
CA LEU F 22 -6.50 8.88 -35.68
C LEU F 22 -7.23 8.93 -34.33
N ARG F 23 -8.47 9.40 -34.38
CA ARG F 23 -9.26 9.53 -33.16
C ARG F 23 -10.73 9.59 -33.51
N ASP F 24 -11.55 9.05 -32.60
CA ASP F 24 -13.01 9.03 -32.74
C ASP F 24 -13.43 8.53 -34.12
N ASN F 25 -12.87 7.39 -34.51
CA ASN F 25 -13.23 6.75 -35.77
C ASN F 25 -14.31 5.69 -35.60
N ILE F 26 -14.68 5.37 -34.35
CA ILE F 26 -15.74 4.40 -34.10
C ILE F 26 -17.06 4.87 -34.67
N GLN F 27 -17.27 6.18 -34.79
CA GLN F 27 -18.51 6.71 -35.34
C GLN F 27 -18.71 6.34 -36.81
N GLY F 28 -17.71 5.75 -37.46
CA GLY F 28 -17.87 5.30 -38.83
C GLY F 28 -18.80 4.12 -38.98
N ILE F 29 -19.04 3.38 -37.90
CA ILE F 29 -20.02 2.30 -37.92
C ILE F 29 -21.39 2.97 -37.80
N THR F 30 -22.01 3.22 -38.94
CA THR F 30 -23.16 4.13 -38.99
C THR F 30 -24.41 3.45 -38.44
N LYS F 31 -25.52 4.17 -38.52
CA LYS F 31 -26.80 3.59 -38.12
C LYS F 31 -27.32 2.60 -39.16
N PRO F 32 -27.32 2.89 -40.47
CA PRO F 32 -27.80 1.89 -41.43
C PRO F 32 -26.96 0.63 -41.45
N ALA F 33 -25.68 0.69 -41.11
CA ALA F 33 -24.86 -0.53 -41.10
C ALA F 33 -25.30 -1.47 -39.99
N ILE F 34 -25.39 -0.98 -38.76
CA ILE F 34 -25.91 -1.77 -37.66
C ILE F 34 -27.31 -2.25 -37.98
N ARG F 35 -28.10 -1.40 -38.63
CA ARG F 35 -29.46 -1.79 -39.01
C ARG F 35 -29.44 -3.00 -39.94
N ARG F 36 -28.57 -2.97 -40.94
CA ARG F 36 -28.50 -4.09 -41.88
C ARG F 36 -27.98 -5.35 -41.20
N LEU F 37 -27.03 -5.19 -40.27
CA LEU F 37 -26.55 -6.35 -39.53
C LEU F 37 -27.67 -7.00 -38.73
N ALA F 38 -28.44 -6.20 -38.02
CA ALA F 38 -29.60 -6.72 -37.30
C ALA F 38 -30.58 -7.38 -38.25
N ARG F 39 -30.81 -6.78 -39.41
CA ARG F 39 -31.77 -7.35 -40.35
C ARG F 39 -31.31 -8.71 -40.87
N ARG F 40 -30.01 -8.85 -41.10
CA ARG F 40 -29.48 -10.17 -41.47
C ARG F 40 -29.65 -11.16 -40.32
N GLY F 41 -29.37 -10.73 -39.09
CA GLY F 41 -29.56 -11.62 -37.96
C GLY F 41 -30.99 -12.01 -37.71
N GLY F 42 -31.95 -11.28 -38.28
CA GLY F 42 -33.35 -11.61 -38.15
C GLY F 42 -34.19 -10.57 -37.45
N VAL F 43 -33.60 -9.48 -36.96
CA VAL F 43 -34.38 -8.49 -36.21
C VAL F 43 -35.37 -7.78 -37.12
N LYS F 44 -36.39 -7.21 -36.52
CA LYS F 44 -37.46 -6.54 -37.26
C LYS F 44 -37.75 -5.14 -36.77
N ARG F 45 -37.44 -4.79 -35.52
CA ARG F 45 -37.69 -3.45 -35.00
C ARG F 45 -36.58 -3.15 -34.00
N ILE F 46 -35.62 -2.35 -34.43
CA ILE F 46 -34.47 -2.01 -33.60
C ILE F 46 -34.79 -0.80 -32.75
N SER F 47 -34.41 -0.85 -31.48
CA SER F 47 -34.58 0.28 -30.58
C SER F 47 -33.63 1.41 -30.99
N GLY F 48 -33.67 2.51 -30.23
CA GLY F 48 -32.87 3.66 -30.56
C GLY F 48 -31.53 3.67 -29.87
N LEU F 49 -31.47 3.18 -28.64
CA LEU F 49 -30.24 3.15 -27.86
C LEU F 49 -29.30 2.02 -28.27
N ILE F 50 -29.69 1.18 -29.23
CA ILE F 50 -28.89 0.01 -29.57
C ILE F 50 -27.57 0.42 -30.18
N TYR F 51 -27.59 1.37 -31.11
CA TYR F 51 -26.40 1.68 -31.90
C TYR F 51 -25.17 1.90 -31.03
N GLU F 52 -25.31 2.68 -29.96
CA GLU F 52 -24.19 2.89 -29.06
C GLU F 52 -23.75 1.59 -28.40
N GLU F 53 -24.70 0.76 -27.99
CA GLU F 53 -24.36 -0.49 -27.32
C GLU F 53 -23.57 -1.42 -28.24
N THR F 54 -24.05 -1.60 -29.47
CA THR F 54 -23.33 -2.47 -30.40
C THR F 54 -22.01 -1.86 -30.82
N ARG F 55 -21.89 -0.53 -30.83
CA ARG F 55 -20.59 0.07 -31.09
C ARG F 55 -19.60 -0.29 -29.99
N GLY F 56 -20.05 -0.22 -28.74
CA GLY F 56 -19.18 -0.62 -27.64
C GLY F 56 -18.80 -2.09 -27.69
N VAL F 57 -19.78 -2.95 -28.00
CA VAL F 57 -19.51 -4.39 -28.07
C VAL F 57 -18.50 -4.70 -29.18
N LEU F 58 -18.71 -4.11 -30.35
CA LEU F 58 -17.78 -4.31 -31.46
C LEU F 58 -16.40 -3.81 -31.11
N LYS F 59 -16.30 -2.66 -30.44
CA LYS F 59 -14.99 -2.15 -30.05
C LYS F 59 -14.30 -3.12 -29.09
N VAL F 60 -15.04 -3.69 -28.15
CA VAL F 60 -14.44 -4.63 -27.20
C VAL F 60 -13.92 -5.86 -27.93
N PHE F 61 -14.75 -6.43 -28.82
CA PHE F 61 -14.33 -7.60 -29.58
C PHE F 61 -13.06 -7.31 -30.38
N LEU F 62 -13.06 -6.17 -31.08
CA LEU F 62 -11.91 -5.85 -31.92
C LEU F 62 -10.65 -5.66 -31.08
N GLU F 63 -10.78 -5.00 -29.93
CA GLU F 63 -9.61 -4.85 -29.05
C GLU F 63 -9.07 -6.21 -28.64
N ASN F 64 -9.96 -7.10 -28.19
CA ASN F 64 -9.51 -8.41 -27.71
C ASN F 64 -8.82 -9.21 -28.81
N VAL F 65 -9.28 -9.08 -30.06
CA VAL F 65 -8.66 -9.87 -31.12
C VAL F 65 -7.35 -9.23 -31.58
N ILE F 66 -7.33 -7.90 -31.73
CA ILE F 66 -6.13 -7.25 -32.24
C ILE F 66 -5.00 -7.31 -31.22
N ARG F 67 -5.31 -7.40 -29.93
CA ARG F 67 -4.26 -7.58 -28.94
C ARG F 67 -3.44 -8.82 -29.24
N ASP F 68 -4.12 -9.96 -29.44
CA ASP F 68 -3.42 -11.20 -29.72
C ASP F 68 -2.77 -11.17 -31.10
N ALA F 69 -3.43 -10.53 -32.07
CA ALA F 69 -2.81 -10.40 -33.39
C ALA F 69 -1.47 -9.67 -33.30
N VAL F 70 -1.44 -8.56 -32.57
CA VAL F 70 -0.22 -7.78 -32.45
C VAL F 70 0.83 -8.53 -31.64
N THR F 71 0.40 -9.28 -30.63
CA THR F 71 1.36 -10.11 -29.90
C THR F 71 2.02 -11.13 -30.81
N TYR F 72 1.22 -11.82 -31.62
CA TYR F 72 1.76 -12.80 -32.56
C TYR F 72 2.69 -12.16 -33.56
N THR F 73 2.38 -10.93 -33.99
CA THR F 73 3.29 -10.22 -34.88
C THR F 73 4.60 -9.87 -34.18
N GLU F 74 4.54 -9.18 -33.05
CA GLU F 74 5.74 -8.83 -32.29
C GLU F 74 6.65 -10.02 -32.08
N HIS F 75 6.08 -11.18 -31.73
CA HIS F 75 6.94 -12.33 -31.43
C HIS F 75 7.83 -12.69 -32.61
N ALA F 76 7.39 -12.44 -33.84
CA ALA F 76 8.12 -12.83 -35.02
C ALA F 76 9.00 -11.70 -35.56
N LYS F 77 9.15 -10.61 -34.81
CA LYS F 77 9.95 -9.46 -35.21
C LYS F 77 9.54 -8.97 -36.60
N ARG F 78 8.27 -8.59 -36.71
CA ARG F 78 7.72 -8.03 -37.94
C ARG F 78 7.00 -6.73 -37.62
N LYS F 79 6.65 -6.00 -38.68
CA LYS F 79 5.91 -4.75 -38.54
C LYS F 79 4.65 -4.73 -39.39
N THR F 80 4.28 -5.84 -39.99
CA THR F 80 3.02 -5.96 -40.72
C THR F 80 2.20 -7.08 -40.09
N VAL F 81 0.94 -6.79 -39.80
CA VAL F 81 0.04 -7.78 -39.22
C VAL F 81 -0.43 -8.67 -40.35
N THR F 82 0.12 -9.89 -40.41
CA THR F 82 -0.21 -10.82 -41.48
C THR F 82 -1.67 -11.26 -41.33
N ALA F 83 -2.14 -12.03 -42.32
CA ALA F 83 -3.48 -12.60 -42.19
C ALA F 83 -3.48 -13.85 -41.33
N MET F 84 -2.38 -14.61 -41.36
CA MET F 84 -2.29 -15.78 -40.50
C MET F 84 -2.22 -15.40 -39.03
N ASP F 85 -1.72 -14.20 -38.72
CA ASP F 85 -1.73 -13.77 -37.33
C ASP F 85 -3.14 -13.52 -36.84
N VAL F 86 -3.99 -12.92 -37.69
CA VAL F 86 -5.38 -12.73 -37.32
C VAL F 86 -6.10 -14.06 -37.22
N VAL F 87 -5.77 -15.00 -38.13
CA VAL F 87 -6.39 -16.32 -38.07
C VAL F 87 -6.02 -17.03 -36.79
N TYR F 88 -4.74 -16.97 -36.38
CA TYR F 88 -4.32 -17.62 -35.16
C TYR F 88 -4.91 -16.94 -33.93
N ALA F 89 -4.98 -15.61 -33.93
CA ALA F 89 -5.62 -14.90 -32.82
C ALA F 89 -7.07 -15.33 -32.67
N LEU F 90 -7.78 -15.47 -33.78
CA LEU F 90 -9.18 -15.89 -33.71
C LEU F 90 -9.30 -17.35 -33.26
N LYS F 91 -8.40 -18.20 -33.75
CA LYS F 91 -8.45 -19.62 -33.39
C LYS F 91 -8.17 -19.82 -31.91
N ARG F 92 -7.23 -19.06 -31.36
CA ARG F 92 -6.87 -19.16 -29.96
C ARG F 92 -8.03 -18.80 -29.03
N GLN F 93 -9.11 -18.22 -29.54
CA GLN F 93 -10.26 -17.84 -28.74
C GLN F 93 -11.46 -18.74 -29.00
N GLY F 94 -11.28 -19.85 -29.70
CA GLY F 94 -12.39 -20.71 -30.05
C GLY F 94 -13.31 -20.13 -31.10
N ARG F 95 -12.79 -19.31 -32.00
CA ARG F 95 -13.54 -18.82 -33.16
C ARG F 95 -12.63 -18.97 -34.37
N THR F 96 -12.66 -20.13 -35.01
CA THR F 96 -11.80 -20.37 -36.15
C THR F 96 -12.40 -19.66 -37.37
N LEU F 97 -11.66 -19.62 -38.47
CA LEU F 97 -12.10 -18.88 -39.64
C LEU F 97 -11.49 -19.53 -40.88
N TYR F 98 -12.34 -19.95 -41.81
CA TYR F 98 -11.93 -20.68 -43.00
C TYR F 98 -11.85 -19.73 -44.18
N GLY F 99 -10.68 -19.64 -44.80
CA GLY F 99 -10.56 -18.89 -46.03
C GLY F 99 -9.34 -18.00 -46.13
N PHE F 100 -8.47 -18.04 -45.13
CA PHE F 100 -7.28 -17.20 -45.15
C PHE F 100 -6.05 -17.98 -44.68
N LYS G 13 31.05 -29.71 -4.76
CA LYS G 13 29.81 -30.36 -4.37
C LYS G 13 28.67 -29.91 -5.28
N ALA G 14 27.62 -30.73 -5.36
CA ALA G 14 26.47 -30.40 -6.19
C ALA G 14 25.78 -29.14 -5.67
N LYS G 15 24.96 -28.55 -6.54
CA LYS G 15 24.23 -27.34 -6.20
C LYS G 15 22.96 -27.31 -7.05
N THR G 16 21.83 -27.56 -6.41
CA THR G 16 20.57 -27.72 -7.12
C THR G 16 20.32 -26.54 -8.06
N ARG G 17 19.89 -26.85 -9.28
CA ARG G 17 19.70 -25.82 -10.29
C ARG G 17 18.58 -24.86 -9.94
N SER G 18 17.64 -25.28 -9.09
CA SER G 18 16.55 -24.41 -8.67
C SER G 18 16.92 -23.55 -7.47
N SER G 19 18.09 -23.75 -6.89
CA SER G 19 18.59 -22.90 -5.82
C SER G 19 19.48 -21.79 -6.33
N ARG G 20 20.02 -21.93 -7.54
CA ARG G 20 20.85 -20.84 -8.11
C ARG G 20 19.96 -19.67 -8.54
N ALA G 21 18.64 -19.83 -8.63
CA ALA G 21 17.75 -18.78 -9.10
C ALA G 21 16.78 -18.31 -8.01
N GLY G 22 16.96 -18.75 -6.77
CA GLY G 22 16.08 -18.32 -5.71
C GLY G 22 14.68 -18.88 -5.78
N LEU G 23 14.49 -19.97 -6.51
CA LEU G 23 13.18 -20.59 -6.65
C LEU G 23 13.03 -21.72 -5.65
N GLN G 24 11.78 -22.09 -5.40
CA GLN G 24 11.44 -23.27 -4.61
C GLN G 24 11.02 -24.44 -5.47
N PHE G 25 10.26 -24.18 -6.54
CA PHE G 25 9.83 -25.23 -7.43
C PHE G 25 11.02 -25.85 -8.15
N PRO G 26 10.97 -27.14 -8.45
CA PRO G 26 12.11 -27.80 -9.08
C PRO G 26 12.27 -27.37 -10.52
N VAL G 27 13.52 -27.16 -10.93
CA VAL G 27 13.85 -26.79 -12.30
C VAL G 27 14.33 -27.98 -13.11
N GLY G 28 15.06 -28.90 -12.49
CA GLY G 28 15.41 -30.13 -13.18
C GLY G 28 14.18 -30.95 -13.54
N ARG G 29 13.20 -30.98 -12.64
CA ARG G 29 11.96 -31.70 -12.93
C ARG G 29 11.23 -31.06 -14.10
N VAL G 30 10.99 -29.76 -14.04
CA VAL G 30 10.32 -29.07 -15.14
C VAL G 30 11.07 -29.27 -16.44
N HIS G 31 12.40 -29.29 -16.38
CA HIS G 31 13.18 -29.50 -17.60
C HIS G 31 12.98 -30.90 -18.15
N ARG G 32 12.94 -31.90 -17.27
CA ARG G 32 12.72 -33.26 -17.74
C ARG G 32 11.31 -33.42 -18.32
N LEU G 33 10.33 -32.74 -17.72
CA LEU G 33 8.97 -32.79 -18.25
C LEU G 33 8.88 -32.14 -19.62
N LEU G 34 9.50 -30.97 -19.78
CA LEU G 34 9.52 -30.32 -21.09
C LEU G 34 10.23 -31.20 -22.12
N ARG G 35 11.33 -31.83 -21.73
CA ARG G 35 12.05 -32.70 -22.66
C ARG G 35 11.21 -33.89 -23.09
N LYS G 36 10.64 -34.61 -22.12
CA LYS G 36 9.98 -35.88 -22.39
C LYS G 36 8.46 -35.77 -22.47
N GLY G 37 7.94 -34.58 -22.69
CA GLY G 37 6.53 -34.40 -22.96
C GLY G 37 6.18 -34.17 -24.41
N ASN G 38 7.18 -34.16 -25.28
CA ASN G 38 6.99 -33.98 -26.73
C ASN G 38 6.30 -32.65 -27.02
N TYR G 39 6.94 -31.57 -26.61
CA TYR G 39 6.51 -30.23 -26.96
C TYR G 39 7.33 -29.62 -28.07
N ALA G 40 8.61 -29.96 -28.17
CA ALA G 40 9.45 -29.50 -29.26
C ALA G 40 10.68 -30.39 -29.31
N GLU G 41 11.42 -30.27 -30.40
CA GLU G 41 12.59 -31.11 -30.60
C GLU G 41 13.75 -30.72 -29.70
N ARG G 42 13.77 -29.48 -29.22
CA ARG G 42 14.88 -28.97 -28.42
C ARG G 42 14.32 -27.98 -27.39
N VAL G 43 14.88 -28.01 -26.19
CA VAL G 43 14.44 -27.15 -25.10
C VAL G 43 15.61 -26.28 -24.67
N GLY G 44 15.45 -24.97 -24.83
CA GLY G 44 16.45 -24.02 -24.37
C GLY G 44 16.83 -24.26 -22.92
N ALA G 45 18.05 -23.88 -22.53
CA ALA G 45 18.53 -24.22 -21.20
C ALA G 45 17.95 -23.31 -20.12
N GLY G 46 17.36 -22.19 -20.50
CA GLY G 46 16.72 -21.30 -19.55
C GLY G 46 15.21 -21.33 -19.57
N ALA G 47 14.60 -22.11 -20.45
CA ALA G 47 13.14 -22.19 -20.47
C ALA G 47 12.58 -22.84 -19.21
N PRO G 48 13.10 -23.98 -18.72
CA PRO G 48 12.55 -24.53 -17.48
C PRO G 48 12.64 -23.57 -16.30
N VAL G 49 13.70 -22.77 -16.23
CA VAL G 49 13.84 -21.82 -15.12
C VAL G 49 12.73 -20.77 -15.18
N TYR G 50 12.52 -20.18 -16.35
CA TYR G 50 11.47 -19.20 -16.52
C TYR G 50 10.10 -19.79 -16.18
N LEU G 51 9.82 -20.98 -16.72
CA LEU G 51 8.53 -21.61 -16.49
C LEU G 51 8.31 -21.93 -15.01
N ALA G 52 9.36 -22.40 -14.33
CA ALA G 52 9.23 -22.72 -12.92
C ALA G 52 9.02 -21.47 -12.08
N ALA G 53 9.68 -20.37 -12.47
CA ALA G 53 9.44 -19.10 -11.80
C ALA G 53 7.99 -18.68 -11.94
N VAL G 54 7.45 -18.78 -13.14
CA VAL G 54 6.06 -18.38 -13.37
C VAL G 54 5.11 -19.28 -12.58
N LEU G 55 5.39 -20.59 -12.57
CA LEU G 55 4.55 -21.52 -11.82
C LEU G 55 4.55 -21.17 -10.33
N GLU G 56 5.73 -20.92 -9.75
CA GLU G 56 5.73 -20.66 -8.32
C GLU G 56 5.13 -19.28 -8.02
N TYR G 57 5.25 -18.34 -8.94
CA TYR G 57 4.60 -17.05 -8.73
C TYR G 57 3.09 -17.22 -8.68
N LEU G 58 2.52 -17.96 -9.63
CA LEU G 58 1.08 -18.15 -9.63
C LEU G 58 0.62 -18.91 -8.40
N THR G 59 1.35 -19.97 -8.01
CA THR G 59 0.89 -20.75 -6.86
C THR G 59 1.03 -19.95 -5.58
N ALA G 60 2.04 -19.09 -5.46
CA ALA G 60 2.12 -18.23 -4.29
C ALA G 60 1.01 -17.19 -4.28
N GLU G 61 0.70 -16.63 -5.46
CA GLU G 61 -0.35 -15.62 -5.54
C GLU G 61 -1.71 -16.19 -5.18
N ILE G 62 -1.94 -17.48 -5.44
CA ILE G 62 -3.23 -18.05 -5.04
C ILE G 62 -3.19 -18.57 -3.62
N LEU G 63 -2.07 -19.13 -3.16
CA LEU G 63 -1.98 -19.59 -1.78
C LEU G 63 -2.05 -18.43 -0.79
N GLU G 64 -1.61 -17.25 -1.19
CA GLU G 64 -1.70 -16.09 -0.28
C GLU G 64 -3.16 -15.71 -0.03
N LEU G 65 -3.95 -15.60 -1.09
CA LEU G 65 -5.37 -15.31 -0.92
C LEU G 65 -6.08 -16.46 -0.20
N ALA G 66 -5.68 -17.70 -0.45
CA ALA G 66 -6.29 -18.82 0.25
C ALA G 66 -6.01 -18.74 1.74
N GLY G 67 -4.79 -18.38 2.12
CA GLY G 67 -4.48 -18.22 3.53
C GLY G 67 -5.20 -17.03 4.15
N ASN G 68 -5.28 -15.92 3.42
CA ASN G 68 -6.06 -14.78 3.90
C ASN G 68 -7.49 -15.18 4.18
N ALA G 69 -8.10 -15.95 3.28
CA ALA G 69 -9.47 -16.40 3.50
C ALA G 69 -9.56 -17.32 4.70
N ALA G 70 -8.68 -18.33 4.77
CA ALA G 70 -8.72 -19.27 5.88
C ALA G 70 -8.45 -18.60 7.21
N ARG G 71 -7.78 -17.46 7.22
CA ARG G 71 -7.55 -16.72 8.46
C ARG G 71 -8.74 -15.84 8.81
N ASP G 72 -9.25 -15.10 7.83
CA ASP G 72 -10.47 -14.32 8.03
C ASP G 72 -11.69 -15.20 8.27
N ASN G 73 -11.54 -16.53 8.21
CA ASN G 73 -12.59 -17.46 8.61
C ASN G 73 -12.23 -18.19 9.89
N LYS G 74 -11.22 -17.71 10.62
CA LYS G 74 -10.85 -18.20 11.94
C LYS G 74 -10.42 -19.67 11.95
N LYS G 75 -10.03 -20.19 10.80
CA LYS G 75 -9.39 -21.50 10.72
C LYS G 75 -7.89 -21.33 10.50
N THR G 76 -7.17 -22.44 10.53
CA THR G 76 -5.74 -22.41 10.28
C THR G 76 -5.32 -23.53 9.33
N ARG G 77 -6.22 -23.96 8.46
CA ARG G 77 -5.90 -24.98 7.46
C ARG G 77 -6.59 -24.61 6.16
N ILE G 78 -5.80 -24.32 5.13
CA ILE G 78 -6.35 -24.09 3.81
C ILE G 78 -7.12 -25.32 3.36
N ILE G 79 -8.30 -25.09 2.80
CA ILE G 79 -9.25 -26.17 2.53
C ILE G 79 -9.96 -25.79 1.24
N PRO G 80 -10.41 -26.75 0.41
CA PRO G 80 -10.92 -26.42 -0.93
C PRO G 80 -11.87 -25.23 -1.00
N ARG G 81 -12.73 -25.08 0.01
CA ARG G 81 -13.62 -23.93 0.04
C ARG G 81 -12.82 -22.62 0.05
N HIS G 82 -11.68 -22.60 0.73
CA HIS G 82 -10.88 -21.40 0.78
C HIS G 82 -10.24 -21.10 -0.57
N LEU G 83 -9.85 -22.13 -1.32
CA LEU G 83 -9.33 -21.89 -2.66
C LEU G 83 -10.42 -21.39 -3.59
N GLN G 84 -11.62 -21.97 -3.50
CA GLN G 84 -12.72 -21.48 -4.32
C GLN G 84 -13.02 -20.02 -4.02
N LEU G 85 -13.01 -19.65 -2.73
CA LEU G 85 -13.23 -18.24 -2.37
C LEU G 85 -12.12 -17.36 -2.91
N ALA G 86 -10.87 -17.75 -2.69
CA ALA G 86 -9.74 -16.95 -3.15
C ALA G 86 -9.76 -16.73 -4.65
N VAL G 87 -10.20 -17.72 -5.40
CA VAL G 87 -10.24 -17.57 -6.86
C VAL G 87 -11.43 -16.74 -7.29
N ARG G 88 -12.64 -17.18 -6.96
CA ARG G 88 -13.84 -16.50 -7.47
C ARG G 88 -14.02 -15.10 -6.89
N ASN G 89 -13.32 -14.75 -5.81
CA ASN G 89 -13.43 -13.39 -5.30
C ASN G 89 -12.48 -12.44 -6.02
N ASP G 90 -11.40 -12.96 -6.60
CA ASP G 90 -10.52 -12.12 -7.39
C ASP G 90 -11.20 -11.77 -8.71
N GLU G 91 -10.49 -11.03 -9.55
CA GLU G 91 -11.01 -10.63 -10.85
C GLU G 91 -10.18 -11.15 -12.01
N GLU G 92 -8.88 -11.36 -11.81
CA GLU G 92 -8.03 -11.92 -12.85
C GLU G 92 -7.72 -13.39 -12.64
N LEU G 93 -7.56 -13.84 -11.39
CA LEU G 93 -7.55 -15.26 -11.13
C LEU G 93 -8.87 -15.94 -11.48
N ASN G 94 -9.92 -15.16 -11.73
CA ASN G 94 -11.19 -15.75 -12.13
C ASN G 94 -11.23 -16.03 -13.62
N LYS G 95 -10.54 -15.23 -14.43
CA LYS G 95 -10.48 -15.49 -15.87
C LYS G 95 -9.50 -16.60 -16.19
N LEU G 96 -8.43 -16.74 -15.41
CA LEU G 96 -7.50 -17.84 -15.61
C LEU G 96 -8.14 -19.18 -15.30
N LEU G 97 -9.14 -19.19 -14.42
CA LEU G 97 -9.84 -20.40 -14.02
C LEU G 97 -11.34 -20.23 -14.21
N GLY G 98 -11.73 -19.73 -15.38
CA GLY G 98 -13.14 -19.57 -15.66
C GLY G 98 -13.86 -20.84 -16.00
N ARG G 99 -13.14 -21.84 -16.51
CA ARG G 99 -13.74 -23.11 -16.90
C ARG G 99 -13.64 -24.19 -15.84
N VAL G 100 -12.67 -24.09 -14.94
CA VAL G 100 -12.43 -25.17 -13.99
C VAL G 100 -13.58 -25.25 -12.99
N THR G 101 -13.68 -26.39 -12.32
CA THR G 101 -14.54 -26.56 -11.16
C THR G 101 -13.68 -27.15 -10.05
N ILE G 102 -13.66 -26.49 -8.90
CA ILE G 102 -12.84 -26.90 -7.79
C ILE G 102 -13.68 -27.80 -6.88
N ALA G 103 -13.36 -29.09 -6.87
CA ALA G 103 -14.13 -30.07 -6.13
C ALA G 103 -14.22 -29.67 -4.66
N GLN G 104 -15.44 -29.73 -4.11
CA GLN G 104 -15.72 -29.37 -2.73
C GLN G 104 -15.51 -27.88 -2.47
N GLY G 105 -15.71 -27.05 -3.48
CA GLY G 105 -15.52 -25.63 -3.32
C GLY G 105 -16.81 -24.87 -3.12
N GLY G 106 -17.94 -25.55 -3.26
CA GLY G 106 -19.21 -24.87 -3.10
C GLY G 106 -19.43 -23.81 -4.16
N VAL G 107 -20.04 -22.70 -3.75
CA VAL G 107 -20.34 -21.59 -4.64
C VAL G 107 -20.24 -20.30 -3.84
N LEU G 108 -20.24 -19.17 -4.54
CA LEU G 108 -20.10 -17.87 -3.88
C LEU G 108 -21.46 -17.32 -3.47
N PRO G 109 -21.60 -16.81 -2.25
CA PRO G 109 -22.89 -16.25 -1.82
C PRO G 109 -23.30 -15.08 -2.70
N ASN G 110 -24.52 -15.16 -3.23
CA ASN G 110 -25.04 -14.13 -4.12
C ASN G 110 -26.53 -14.32 -4.24
N ILE G 111 -27.29 -13.25 -4.03
CA ILE G 111 -28.74 -13.26 -4.21
C ILE G 111 -29.11 -12.02 -5.02
N GLN G 112 -29.93 -12.21 -6.04
CA GLN G 112 -30.34 -11.10 -6.88
C GLN G 112 -31.12 -10.07 -6.07
N SER G 113 -31.26 -8.88 -6.64
CA SER G 113 -31.94 -7.78 -5.95
C SER G 113 -33.45 -7.78 -6.18
N VAL G 114 -33.92 -8.33 -7.31
CA VAL G 114 -35.34 -8.47 -7.53
C VAL G 114 -35.97 -9.44 -6.53
N LEU G 115 -35.16 -10.29 -5.91
CA LEU G 115 -35.65 -11.32 -5.01
C LEU G 115 -35.66 -10.90 -3.56
N LEU G 116 -34.76 -10.02 -3.15
CA LEU G 116 -34.71 -9.56 -1.77
C LEU G 116 -35.98 -8.80 -1.42
N PRO G 117 -36.57 -9.05 -0.25
CA PRO G 117 -37.85 -8.42 0.07
C PRO G 117 -37.73 -6.91 0.20
N LYS G 118 -38.88 -6.24 0.14
CA LYS G 118 -38.94 -4.79 0.24
C LYS G 118 -39.77 -4.35 1.44
N LYS H 28 6.99 -50.53 -3.52
CA LYS H 28 5.95 -50.04 -4.41
C LYS H 28 6.50 -49.00 -5.37
N THR H 29 5.84 -48.83 -6.51
CA THR H 29 6.25 -47.82 -7.47
C THR H 29 6.04 -46.42 -6.89
N ARG H 30 7.02 -45.56 -7.09
CA ARG H 30 7.01 -44.21 -6.51
C ARG H 30 6.49 -43.23 -7.55
N LYS H 31 5.32 -42.65 -7.27
CA LYS H 31 4.80 -41.58 -8.11
C LYS H 31 5.19 -40.23 -7.53
N GLU H 32 5.09 -39.20 -8.36
CA GLU H 32 5.60 -37.88 -8.02
C GLU H 32 4.49 -36.85 -8.05
N SER H 33 4.78 -35.68 -7.50
CA SER H 33 3.82 -34.59 -7.40
C SER H 33 4.58 -33.32 -7.04
N TYR H 34 3.84 -32.26 -6.73
CA TYR H 34 4.40 -30.98 -6.31
C TYR H 34 4.09 -30.67 -4.86
N ALA H 35 3.84 -31.70 -4.06
CA ALA H 35 3.41 -31.50 -2.68
C ALA H 35 4.44 -30.72 -1.88
N ILE H 36 5.68 -31.21 -1.85
CA ILE H 36 6.67 -30.60 -0.97
C ILE H 36 7.01 -29.18 -1.41
N TYR H 37 6.89 -28.89 -2.71
CA TYR H 37 7.22 -27.55 -3.19
C TYR H 37 6.11 -26.56 -2.89
N VAL H 38 4.85 -26.98 -3.08
CA VAL H 38 3.73 -26.16 -2.65
C VAL H 38 3.80 -25.91 -1.15
N TYR H 39 4.27 -26.89 -0.40
CA TYR H 39 4.40 -26.73 1.04
C TYR H 39 5.51 -25.74 1.39
N LYS H 40 6.65 -25.84 0.70
CA LYS H 40 7.73 -24.88 0.94
C LYS H 40 7.34 -23.46 0.54
N VAL H 41 6.39 -23.32 -0.39
CA VAL H 41 5.93 -21.97 -0.73
C VAL H 41 4.91 -21.47 0.30
N LEU H 42 4.04 -22.37 0.77
CA LEU H 42 3.10 -21.99 1.81
C LEU H 42 3.82 -21.58 3.08
N LYS H 43 4.91 -22.27 3.42
CA LYS H 43 5.68 -21.95 4.60
C LYS H 43 6.58 -20.75 4.42
N GLN H 44 6.42 -20.00 3.34
CA GLN H 44 7.07 -18.70 3.21
C GLN H 44 6.11 -17.59 2.85
N VAL H 45 4.88 -17.92 2.45
CA VAL H 45 3.86 -16.89 2.28
C VAL H 45 3.05 -16.72 3.56
N HIS H 46 2.67 -17.82 4.21
CA HIS H 46 2.02 -17.80 5.52
C HIS H 46 2.81 -18.74 6.43
N PRO H 47 3.76 -18.20 7.20
CA PRO H 47 4.69 -19.06 7.95
C PRO H 47 4.05 -19.89 9.05
N ASP H 48 2.74 -19.82 9.25
CA ASP H 48 2.10 -20.58 10.31
C ASP H 48 0.90 -21.39 9.85
N THR H 49 0.36 -21.13 8.67
CA THR H 49 -0.78 -21.89 8.19
C THR H 49 -0.31 -23.26 7.68
N GLY H 50 -1.27 -24.16 7.49
CA GLY H 50 -0.97 -25.49 7.00
C GLY H 50 -2.05 -26.01 6.08
N ILE H 51 -1.67 -26.62 4.97
CA ILE H 51 -2.65 -27.00 3.96
C ILE H 51 -3.26 -28.36 4.31
N SER H 52 -4.47 -28.59 3.83
CA SER H 52 -5.15 -29.86 4.00
C SER H 52 -4.61 -30.86 2.98
N SER H 53 -5.30 -31.98 2.80
CA SER H 53 -4.88 -32.96 1.80
C SER H 53 -5.57 -32.73 0.46
N LYS H 54 -6.90 -32.66 0.47
CA LYS H 54 -7.63 -32.39 -0.76
C LYS H 54 -7.20 -31.05 -1.37
N ALA H 55 -6.95 -30.05 -0.53
CA ALA H 55 -6.47 -28.78 -1.05
C ALA H 55 -5.09 -28.92 -1.66
N MET H 56 -4.26 -29.82 -1.11
CA MET H 56 -2.95 -30.06 -1.70
C MET H 56 -3.09 -30.73 -3.07
N SER H 57 -4.01 -31.69 -3.19
CA SER H 57 -4.22 -32.32 -4.48
C SER H 57 -4.78 -31.33 -5.49
N ILE H 58 -5.63 -30.40 -5.02
CA ILE H 58 -6.17 -29.38 -5.92
C ILE H 58 -5.06 -28.47 -6.42
N MET H 59 -4.18 -28.03 -5.52
CA MET H 59 -3.07 -27.18 -5.95
C MET H 59 -2.14 -27.94 -6.89
N ASN H 60 -1.96 -29.24 -6.67
CA ASN H 60 -1.11 -30.03 -7.55
C ASN H 60 -1.70 -30.11 -8.95
N SER H 61 -3.00 -30.42 -9.06
CA SER H 61 -3.62 -30.49 -10.38
C SER H 61 -3.68 -29.12 -11.02
N PHE H 62 -3.79 -28.05 -10.24
CA PHE H 62 -3.73 -26.70 -10.79
C PHE H 62 -2.38 -26.43 -11.41
N VAL H 63 -1.31 -26.78 -10.71
CA VAL H 63 0.03 -26.57 -11.25
C VAL H 63 0.21 -27.38 -12.53
N ASN H 64 -0.25 -28.63 -12.54
CA ASN H 64 -0.13 -29.44 -13.75
C ASN H 64 -0.90 -28.83 -14.91
N ASP H 65 -2.11 -28.35 -14.65
CA ASP H 65 -2.94 -27.79 -15.72
C ASP H 65 -2.31 -26.53 -16.31
N VAL H 66 -1.81 -25.63 -15.46
CA VAL H 66 -1.17 -24.43 -15.97
C VAL H 66 0.12 -24.76 -16.70
N PHE H 67 0.87 -25.74 -16.19
CA PHE H 67 2.06 -26.22 -16.90
C PHE H 67 1.71 -26.66 -18.31
N GLU H 68 0.67 -27.49 -18.44
CA GLU H 68 0.32 -28.01 -19.76
C GLU H 68 -0.17 -26.90 -20.68
N ARG H 69 -1.00 -25.99 -20.16
CA ARG H 69 -1.44 -24.85 -20.96
C ARG H 69 -0.25 -24.08 -21.51
N ILE H 70 0.67 -23.70 -20.63
CA ILE H 70 1.76 -22.81 -21.03
C ILE H 70 2.69 -23.54 -21.99
N ALA H 71 3.01 -24.80 -21.72
CA ALA H 71 3.94 -25.51 -22.59
C ALA H 71 3.31 -25.80 -23.95
N GLY H 72 2.01 -26.07 -23.98
CA GLY H 72 1.36 -26.33 -25.26
C GLY H 72 1.28 -25.09 -26.12
N GLU H 73 0.93 -23.95 -25.52
CA GLU H 73 0.92 -22.70 -26.29
C GLU H 73 2.33 -22.35 -26.75
N ALA H 74 3.32 -22.55 -25.88
CA ALA H 74 4.70 -22.27 -26.27
C ALA H 74 5.13 -23.13 -27.44
N SER H 75 4.73 -24.40 -27.45
CA SER H 75 5.04 -25.27 -28.59
C SER H 75 4.36 -24.78 -29.86
N ARG H 76 3.04 -24.58 -29.81
CA ARG H 76 2.32 -24.04 -30.96
C ARG H 76 2.99 -22.79 -31.50
N LEU H 77 3.51 -21.94 -30.61
CA LEU H 77 4.15 -20.70 -31.04
C LEU H 77 5.53 -20.94 -31.61
N ALA H 78 6.27 -21.91 -31.08
CA ALA H 78 7.55 -22.29 -31.64
C ALA H 78 7.41 -23.21 -32.84
N HIS H 79 6.19 -23.38 -33.33
CA HIS H 79 5.92 -24.09 -34.57
C HIS H 79 5.55 -23.17 -35.72
N TYR H 80 4.64 -22.22 -35.49
CA TYR H 80 4.30 -21.24 -36.50
C TYR H 80 5.54 -20.57 -37.08
N ASN H 81 6.52 -20.27 -36.23
CA ASN H 81 7.71 -19.56 -36.65
C ASN H 81 8.78 -20.49 -37.22
N LYS H 82 8.51 -21.79 -37.29
CA LYS H 82 9.38 -22.79 -37.88
C LYS H 82 10.68 -22.98 -37.11
N ARG H 83 10.83 -22.33 -35.96
CA ARG H 83 11.93 -22.67 -35.06
C ARG H 83 11.82 -24.14 -34.65
N SER H 84 12.96 -24.70 -34.26
CA SER H 84 13.02 -26.09 -33.84
C SER H 84 13.25 -26.25 -32.35
N THR H 85 13.03 -25.18 -31.58
CA THR H 85 13.34 -25.20 -30.16
C THR H 85 12.35 -24.29 -29.43
N ILE H 86 12.21 -24.55 -28.14
CA ILE H 86 11.24 -23.85 -27.30
C ILE H 86 12.03 -23.12 -26.23
N THR H 87 12.34 -21.86 -26.50
CA THR H 87 13.30 -21.09 -25.71
C THR H 87 12.60 -20.21 -24.68
N SER H 88 13.40 -19.44 -23.95
CA SER H 88 12.91 -18.60 -22.86
C SER H 88 12.09 -17.41 -23.34
N ARG H 89 11.87 -17.28 -24.65
CA ARG H 89 11.05 -16.21 -25.18
C ARG H 89 9.72 -16.70 -25.72
N GLU H 90 9.68 -17.90 -26.29
CA GLU H 90 8.40 -18.55 -26.53
C GLU H 90 7.60 -18.66 -25.25
N ILE H 91 8.28 -19.00 -24.15
CA ILE H 91 7.60 -19.12 -22.87
C ILE H 91 7.08 -17.77 -22.42
N GLN H 92 7.85 -16.70 -22.64
CA GLN H 92 7.40 -15.38 -22.22
C GLN H 92 6.18 -14.94 -23.01
N THR H 93 6.20 -15.14 -24.32
CA THR H 93 5.03 -14.76 -25.11
C THR H 93 3.82 -15.62 -24.78
N ALA H 94 4.03 -16.91 -24.51
CA ALA H 94 2.94 -17.76 -24.05
C ALA H 94 2.34 -17.23 -22.75
N VAL H 95 3.19 -16.90 -21.78
CA VAL H 95 2.71 -16.36 -20.51
C VAL H 95 1.95 -15.07 -20.73
N ARG H 96 2.38 -14.27 -21.70
CA ARG H 96 1.73 -12.99 -21.94
C ARG H 96 0.43 -13.14 -22.71
N LEU H 97 0.27 -14.23 -23.46
CA LEU H 97 -1.01 -14.49 -24.12
C LEU H 97 -2.03 -15.10 -23.16
N LEU H 98 -1.64 -16.15 -22.43
CA LEU H 98 -2.61 -16.88 -21.63
C LEU H 98 -3.02 -16.11 -20.37
N LEU H 99 -2.07 -15.50 -19.69
CA LEU H 99 -2.41 -14.89 -18.42
C LEU H 99 -3.13 -13.56 -18.63
N PRO H 100 -4.10 -13.23 -17.79
CA PRO H 100 -4.87 -11.99 -17.98
C PRO H 100 -4.04 -10.73 -17.79
N GLY H 101 -4.70 -9.58 -17.89
CA GLY H 101 -4.06 -8.28 -17.94
C GLY H 101 -2.89 -8.03 -17.00
N GLU H 102 -3.11 -8.10 -15.69
CA GLU H 102 -2.09 -7.70 -14.74
C GLU H 102 -1.24 -8.87 -14.26
N LEU H 103 -1.80 -10.08 -14.19
CA LEU H 103 -0.98 -11.24 -13.85
C LEU H 103 0.15 -11.42 -14.83
N ALA H 104 -0.03 -10.95 -16.07
CA ALA H 104 1.01 -11.12 -17.09
C ALA H 104 2.26 -10.34 -16.74
N LYS H 105 2.09 -9.08 -16.32
CA LYS H 105 3.25 -8.24 -16.02
C LYS H 105 4.04 -8.79 -14.85
N HIS H 106 3.37 -9.14 -13.76
CA HIS H 106 4.09 -9.68 -12.61
C HIS H 106 4.72 -11.03 -12.93
N ALA H 107 4.01 -11.86 -13.69
CA ALA H 107 4.58 -13.16 -14.06
C ALA H 107 5.84 -12.99 -14.90
N VAL H 108 5.81 -12.08 -15.87
CA VAL H 108 6.99 -11.91 -16.72
C VAL H 108 8.12 -11.27 -15.93
N SER H 109 7.81 -10.42 -14.96
CA SER H 109 8.86 -9.84 -14.13
C SER H 109 9.53 -10.90 -13.28
N GLU H 110 8.74 -11.72 -12.59
CA GLU H 110 9.32 -12.81 -11.79
C GLU H 110 10.14 -13.75 -12.66
N GLY H 111 9.64 -14.06 -13.85
CA GLY H 111 10.36 -14.96 -14.74
C GLY H 111 11.72 -14.39 -15.16
N THR H 112 11.73 -13.15 -15.64
CA THR H 112 12.99 -12.59 -16.10
C THR H 112 13.96 -12.37 -14.95
N LYS H 113 13.46 -12.04 -13.75
CA LYS H 113 14.33 -11.93 -12.59
C LYS H 113 14.99 -13.27 -12.29
N ALA H 114 14.19 -14.34 -12.28
CA ALA H 114 14.75 -15.66 -12.02
C ALA H 114 15.78 -16.06 -13.07
N VAL H 115 15.50 -15.75 -14.33
CA VAL H 115 16.41 -16.17 -15.39
C VAL H 115 17.72 -15.40 -15.31
N THR H 116 17.64 -14.10 -14.96
CA THR H 116 18.87 -13.33 -14.78
C THR H 116 19.67 -13.85 -13.59
N CYS H 117 19.01 -13.99 -12.44
CA CYS H 117 19.69 -14.53 -11.26
C CYS H 117 20.27 -15.91 -11.49
N TYR H 118 19.72 -16.67 -12.45
CA TYR H 118 20.25 -18.00 -12.72
C TYR H 118 21.42 -17.97 -13.70
N THR H 119 21.32 -17.15 -14.74
CA THR H 119 22.38 -17.16 -15.75
C THR H 119 23.68 -16.59 -15.20
N SER H 120 23.63 -15.66 -14.28
CA SER H 120 24.82 -15.07 -13.68
C SER H 120 25.18 -15.77 -12.37
N ALA H 121 25.37 -17.08 -12.47
CA ALA H 121 25.70 -17.90 -11.32
C ALA H 121 26.27 -19.25 -11.76
N MET K 5 27.33 0.44 30.39
CA MET K 5 26.06 1.12 30.19
C MET K 5 25.31 0.60 28.97
N GLN K 6 23.98 0.74 29.03
CA GLN K 6 23.10 0.36 27.93
C GLN K 6 23.00 1.46 26.88
N ILE K 7 23.06 1.05 25.61
CA ILE K 7 22.66 1.86 24.47
C ILE K 7 21.67 1.01 23.69
N PHE K 8 20.94 1.66 22.78
CA PHE K 8 19.97 0.97 21.93
C PHE K 8 20.41 1.00 20.47
N VAL K 9 20.12 -0.10 19.76
CA VAL K 9 20.34 -0.21 18.34
C VAL K 9 19.03 -0.63 17.71
N LYS K 10 18.40 0.31 17.01
CA LYS K 10 17.10 0.10 16.37
C LYS K 10 17.29 -0.42 14.95
N THR K 11 16.82 -1.63 14.70
CA THR K 11 16.89 -2.23 13.38
C THR K 11 15.61 -1.90 12.61
N LEU K 12 15.74 -1.67 11.31
CA LEU K 12 14.59 -1.33 10.46
C LEU K 12 13.41 -2.27 10.71
N THR K 13 13.68 -3.56 10.86
CA THR K 13 12.66 -4.59 10.95
C THR K 13 11.69 -4.41 12.11
N GLY K 14 11.92 -3.43 12.98
CA GLY K 14 11.10 -3.27 14.15
C GLY K 14 11.76 -3.71 15.45
N LYS K 15 12.91 -4.37 15.38
CA LYS K 15 13.62 -4.83 16.56
C LYS K 15 14.59 -3.76 17.05
N THR K 16 14.55 -3.52 18.36
CA THR K 16 15.55 -2.72 19.07
C THR K 16 16.29 -3.63 20.03
N ILE K 17 17.62 -3.62 19.96
CA ILE K 17 18.45 -4.40 20.87
C ILE K 17 19.14 -3.45 21.85
N THR K 18 19.20 -3.87 23.11
CA THR K 18 19.76 -3.06 24.20
C THR K 18 21.16 -3.58 24.51
N LEU K 19 22.18 -3.05 23.76
CA LEU K 19 23.56 -3.48 23.96
C LEU K 19 24.09 -2.90 25.26
N GLU K 20 24.99 -3.59 25.97
CA GLU K 20 25.75 -3.09 27.12
C GLU K 20 27.18 -2.73 26.70
N VAL K 21 27.56 -1.47 26.90
CA VAL K 21 28.84 -0.93 26.43
C VAL K 21 29.39 0.02 27.48
N GLU K 22 30.67 0.38 27.32
CA GLU K 22 31.29 1.44 28.09
C GLU K 22 31.67 2.60 27.18
N PRO K 23 31.58 3.84 27.66
CA PRO K 23 32.00 4.99 26.83
C PRO K 23 33.43 4.91 26.33
N SER K 24 34.31 4.18 27.00
CA SER K 24 35.68 4.04 26.50
C SER K 24 35.82 3.00 25.40
N ASP K 25 34.74 2.27 25.07
CA ASP K 25 34.81 1.31 23.98
C ASP K 25 34.87 2.01 22.63
N THR K 26 35.63 1.42 21.70
CA THR K 26 35.68 1.94 20.35
C THR K 26 34.42 1.52 19.59
N ILE K 27 34.12 2.26 18.51
CA ILE K 27 33.00 1.84 17.66
C ILE K 27 33.25 0.46 17.10
N GLU K 28 34.51 0.13 16.77
CA GLU K 28 34.82 -1.22 16.34
C GLU K 28 34.40 -2.24 17.40
N ASN K 29 34.64 -1.93 18.67
CA ASN K 29 34.14 -2.76 19.76
C ASN K 29 32.63 -2.82 19.76
N VAL K 30 31.96 -1.73 19.38
CA VAL K 30 30.50 -1.73 19.33
C VAL K 30 30.00 -2.67 18.24
N LYS K 31 30.63 -2.59 17.06
CA LYS K 31 30.27 -3.50 15.97
C LYS K 31 30.53 -4.94 16.35
N ALA K 32 31.63 -5.18 17.08
CA ALA K 32 31.91 -6.52 17.57
C ALA K 32 30.84 -6.98 18.56
N LYS K 33 30.40 -6.07 19.44
CA LYS K 33 29.33 -6.40 20.39
C LYS K 33 28.01 -6.70 19.69
N ILE K 34 27.67 -5.93 18.65
CA ILE K 34 26.45 -6.22 17.90
C ILE K 34 26.57 -7.59 17.23
N GLN K 35 27.76 -7.91 16.72
CA GLN K 35 27.96 -9.24 16.15
C GLN K 35 27.78 -10.32 17.21
N ASP K 36 28.59 -10.29 18.26
CA ASP K 36 28.56 -11.36 19.25
C ASP K 36 27.22 -11.45 19.97
N LYS K 37 26.38 -10.42 19.91
CA LYS K 37 25.03 -10.59 20.42
C LYS K 37 24.09 -11.16 19.38
N GLU K 38 24.20 -10.71 18.12
CA GLU K 38 23.21 -11.05 17.10
C GLU K 38 23.80 -11.85 15.93
N GLY K 39 25.12 -11.93 15.82
CA GLY K 39 25.80 -12.68 14.78
C GLY K 39 25.99 -11.95 13.47
N ILE K 40 25.64 -10.67 13.38
CA ILE K 40 25.78 -9.93 12.14
C ILE K 40 27.24 -9.50 12.00
N PRO K 41 27.93 -9.88 10.94
CA PRO K 41 29.33 -9.46 10.78
C PRO K 41 29.46 -7.95 10.72
N PRO K 42 30.43 -7.37 11.43
CA PRO K 42 30.59 -5.91 11.42
C PRO K 42 30.74 -5.30 10.04
N ASP K 43 31.19 -6.09 9.04
CA ASP K 43 31.43 -5.50 7.72
C ASP K 43 30.13 -5.22 6.96
N GLN K 44 29.07 -5.98 7.25
CA GLN K 44 27.85 -5.88 6.46
C GLN K 44 26.87 -4.84 6.99
N GLN K 45 27.09 -4.30 8.18
CA GLN K 45 26.11 -3.42 8.82
C GLN K 45 26.40 -1.98 8.42
N ARG K 46 25.70 -1.03 9.06
CA ARG K 46 26.00 0.39 8.92
C ARG K 46 25.30 1.12 10.06
N LEU K 47 26.04 1.87 10.85
CA LEU K 47 25.52 2.49 12.06
C LEU K 47 25.34 3.98 11.84
N ILE K 48 24.19 4.52 12.28
CA ILE K 48 23.82 5.91 12.10
C ILE K 48 23.39 6.50 13.44
N PHE K 49 23.86 7.72 13.73
CA PHE K 49 23.41 8.44 14.91
C PHE K 49 23.35 9.93 14.61
N ALA K 50 22.22 10.55 14.97
CA ALA K 50 22.02 11.99 14.83
C ALA K 50 22.36 12.49 13.43
N GLY K 51 21.93 11.73 12.42
CA GLY K 51 22.09 12.15 11.05
C GLY K 51 23.49 11.99 10.49
N LYS K 52 24.46 11.63 11.31
CA LYS K 52 25.84 11.48 10.88
C LYS K 52 26.24 10.02 10.96
N GLN K 53 26.84 9.52 9.88
CA GLN K 53 27.34 8.15 9.87
C GLN K 53 28.58 8.06 10.76
N LEU K 54 28.56 7.13 11.71
CA LEU K 54 29.70 6.96 12.60
C LEU K 54 30.90 6.44 11.83
N GLU K 55 32.02 7.16 11.91
CA GLU K 55 33.17 6.89 11.06
C GLU K 55 33.95 5.69 11.59
N ASP K 56 34.49 4.91 10.64
CA ASP K 56 34.95 3.55 10.94
C ASP K 56 36.05 3.50 11.99
N GLY K 57 37.02 4.43 11.92
CA GLY K 57 38.16 4.35 12.81
C GLY K 57 37.95 4.92 14.21
N ARG K 58 37.07 5.90 14.36
CA ARG K 58 37.00 6.64 15.61
C ARG K 58 36.31 5.82 16.71
N THR K 59 36.09 6.46 17.85
CA THR K 59 35.64 5.79 19.07
C THR K 59 34.21 6.21 19.41
N LEU K 60 33.57 5.42 20.27
CA LEU K 60 32.23 5.78 20.76
C LEU K 60 32.24 7.15 21.44
N SER K 61 33.16 7.36 22.39
CA SER K 61 33.20 8.61 23.15
C SER K 61 33.45 9.81 22.25
N ASP K 62 33.97 9.59 21.04
CA ASP K 62 34.13 10.68 20.08
C ASP K 62 32.79 11.34 19.75
N TYR K 63 31.70 10.58 19.82
CA TYR K 63 30.38 11.10 19.50
C TYR K 63 29.56 11.52 20.71
N ASN K 64 30.16 11.53 21.91
CA ASN K 64 29.49 11.91 23.16
C ASN K 64 28.26 11.02 23.46
N ILE K 65 28.37 9.74 23.15
CA ILE K 65 27.28 8.81 23.44
C ILE K 65 27.32 8.41 24.91
N GLN K 66 26.19 8.60 25.59
CA GLN K 66 25.99 8.20 26.98
C GLN K 66 24.86 7.18 27.06
N LYS K 67 24.63 6.68 28.27
CA LYS K 67 23.77 5.51 28.46
C LYS K 67 22.34 5.77 28.02
N GLU K 68 21.67 4.69 27.59
CA GLU K 68 20.29 4.68 27.13
C GLU K 68 20.06 5.53 25.89
N SER K 69 21.13 5.95 25.21
CA SER K 69 20.99 6.54 23.89
C SER K 69 20.45 5.51 22.90
N THR K 70 19.76 5.99 21.87
CA THR K 70 19.33 5.14 20.78
C THR K 70 20.05 5.54 19.49
N LEU K 71 20.27 4.55 18.63
CA LEU K 71 20.87 4.82 17.34
C LEU K 71 20.46 3.72 16.37
N HIS K 72 20.53 4.04 15.08
CA HIS K 72 19.87 3.28 14.03
C HIS K 72 20.87 2.39 13.29
N LEU K 73 20.51 1.12 13.10
CA LEU K 73 21.36 0.18 12.37
C LEU K 73 20.68 -0.18 11.04
N VAL K 74 21.25 0.31 9.94
CA VAL K 74 20.78 -0.01 8.60
C VAL K 74 21.77 -0.97 7.96
N LEU K 75 21.27 -1.88 7.13
CA LEU K 75 22.12 -2.88 6.53
C LEU K 75 22.49 -2.50 5.11
N ARG K 76 23.77 -2.67 4.77
CA ARG K 76 24.28 -2.43 3.43
C ARG K 76 23.89 -3.62 2.53
N LEU K 77 22.59 -3.75 2.31
CA LEU K 77 22.05 -4.98 1.75
C LEU K 77 22.58 -5.22 0.34
N ARG K 78 22.51 -6.48 -0.08
CA ARG K 78 23.08 -6.92 -1.34
C ARG K 78 22.30 -8.14 -1.82
N GLY K 79 22.83 -8.83 -2.82
CA GLY K 79 22.19 -10.02 -3.36
C GLY K 79 22.32 -11.23 -2.46
N MET L 1 26.55 47.25 23.10
CA MET L 1 26.15 48.64 22.93
C MET L 1 25.99 48.99 21.46
N PHE L 2 24.96 49.76 21.14
CA PHE L 2 24.70 50.15 19.75
C PHE L 2 24.08 51.53 19.74
N GLN L 3 24.73 52.46 19.04
CA GLN L 3 24.35 53.86 19.05
C GLN L 3 23.10 54.09 18.19
N PHE L 4 22.40 55.18 18.50
CA PHE L 4 21.22 55.60 17.76
C PHE L 4 21.60 56.53 16.62
N VAL L 5 20.75 56.60 15.60
CA VAL L 5 21.03 57.44 14.45
C VAL L 5 19.92 58.45 14.23
N THR L 6 18.71 57.98 13.94
CA THR L 6 17.64 58.91 13.58
C THR L 6 16.25 58.27 13.59
N PRO L 7 15.25 58.94 14.20
CA PRO L 7 13.86 58.46 14.21
C PRO L 7 13.03 58.99 13.04
N VAL L 8 13.43 58.62 11.82
CA VAL L 8 12.85 59.22 10.62
C VAL L 8 11.36 58.93 10.46
N GLY L 9 10.83 57.94 11.17
CA GLY L 9 9.47 57.50 10.94
C GLY L 9 8.40 58.58 11.00
N THR L 10 7.28 58.35 10.32
CA THR L 10 6.16 59.28 10.32
C THR L 10 5.15 58.81 11.35
N GLN L 11 5.19 59.41 12.54
CA GLN L 11 4.31 59.05 13.64
C GLN L 11 2.89 59.54 13.46
N ASN L 12 2.53 60.07 12.30
CA ASN L 12 1.20 60.62 12.07
C ASN L 12 0.37 59.67 11.22
N GLY L 13 -0.88 59.46 11.63
CA GLY L 13 -1.79 58.58 10.93
C GLY L 13 -2.25 57.43 11.81
N LEU L 14 -2.56 56.31 11.17
CA LEU L 14 -3.01 55.12 11.88
C LEU L 14 -1.79 54.42 12.49
N LYS L 15 -2.03 53.32 13.20
CA LYS L 15 -0.95 52.57 13.82
C LYS L 15 -0.27 51.67 12.79
N ALA L 16 1.04 51.52 12.94
CA ALA L 16 1.85 50.70 12.05
C ALA L 16 2.09 49.33 12.68
N THR L 17 2.19 48.32 11.83
CA THR L 17 2.31 46.94 12.29
C THR L 17 3.73 46.44 12.33
N CYS L 18 4.54 46.71 11.30
CA CYS L 18 5.93 46.29 11.30
C CYS L 18 6.70 47.11 10.29
N ALA L 19 8.01 46.88 10.24
CA ALA L 19 8.89 47.55 9.28
C ALA L 19 10.11 46.66 9.09
N LYS L 20 10.21 46.04 7.91
CA LYS L 20 11.26 45.07 7.63
C LYS L 20 12.23 45.68 6.62
N ILE L 21 13.52 45.65 6.96
CA ILE L 21 14.55 46.18 6.08
C ILE L 21 14.63 45.34 4.81
N SER L 22 15.03 45.97 3.71
CA SER L 22 15.26 45.25 2.48
C SER L 22 16.50 44.36 2.61
N PRO L 23 16.58 43.28 1.81
CA PRO L 23 17.69 42.34 1.95
C PRO L 23 19.04 42.89 1.49
N ASP L 24 19.12 44.17 1.12
CA ASP L 24 20.38 44.80 0.80
C ASP L 24 20.74 45.90 1.77
N GLY L 25 19.99 46.04 2.86
CA GLY L 25 20.25 47.11 3.82
C GLY L 25 20.13 48.49 3.21
N GLN L 26 19.06 48.74 2.46
CA GLN L 26 18.91 50.00 1.72
C GLN L 26 17.56 50.66 1.87
N PHE L 27 16.49 49.93 2.18
CA PHE L 27 15.15 50.49 2.19
C PHE L 27 14.45 50.09 3.49
N LEU L 28 13.38 50.82 3.80
CA LEU L 28 12.53 50.54 4.97
C LEU L 28 11.08 50.56 4.51
N ALA L 29 10.41 49.42 4.60
CA ALA L 29 9.01 49.30 4.23
C ALA L 29 8.16 49.36 5.49
N ILE L 30 7.43 50.47 5.66
CA ILE L 30 6.56 50.69 6.80
C ILE L 30 5.12 50.64 6.30
N THR L 31 4.20 50.22 7.16
CA THR L 31 2.81 50.11 6.77
C THR L 31 1.92 51.07 7.54
N GLN L 32 0.87 51.54 6.87
CA GLN L 32 -0.26 52.17 7.53
C GLN L 32 -1.51 51.61 6.88
N GLY L 33 -2.65 51.86 7.51
CA GLY L 33 -3.90 51.33 7.00
C GLY L 33 -4.11 51.58 5.53
N LEU L 34 -4.03 50.51 4.73
CA LEU L 34 -4.30 50.54 3.29
C LEU L 34 -3.26 51.35 2.51
N ASN L 35 -2.03 51.41 3.00
CA ASN L 35 -0.98 52.09 2.25
C ASN L 35 0.39 51.70 2.81
N ILE L 36 1.41 51.85 1.97
CA ILE L 36 2.77 51.46 2.30
C ILE L 36 3.70 52.65 2.12
N LEU L 37 4.42 53.00 3.17
CA LEU L 37 5.49 53.99 3.12
C LEU L 37 6.81 53.28 2.86
N ILE L 38 7.69 53.93 2.09
CA ILE L 38 8.98 53.37 1.70
C ILE L 38 10.03 54.44 1.93
N TYR L 39 10.89 54.22 2.92
CA TYR L 39 11.90 55.20 3.30
C TYR L 39 13.27 54.74 2.78
N ASP L 40 13.96 55.63 2.07
CA ASP L 40 15.28 55.34 1.55
C ASP L 40 16.35 55.66 2.58
N ILE L 41 17.50 54.98 2.46
CA ILE L 41 18.64 55.23 3.32
C ILE L 41 19.89 55.41 2.47
N ARG L 44 20.71 58.64 2.29
CA ARG L 44 19.51 59.16 1.64
C ARG L 44 18.37 59.31 2.65
N THR L 45 17.52 60.30 2.44
CA THR L 45 16.40 60.61 3.34
C THR L 45 15.24 61.07 2.47
N VAL L 46 14.37 60.14 2.10
CA VAL L 46 13.25 60.44 1.20
C VAL L 46 12.24 59.30 1.36
N SER L 47 10.98 59.59 1.01
CA SER L 47 9.90 58.62 1.17
C SER L 47 9.08 58.53 -0.12
N GLN L 48 8.57 57.33 -0.36
CA GLN L 48 7.64 57.04 -1.44
C GLN L 48 6.44 56.29 -0.86
N THR L 49 5.38 56.19 -1.66
CA THR L 49 4.12 55.61 -1.18
C THR L 49 3.54 54.68 -2.22
N LEU L 50 2.99 53.56 -1.74
CA LEU L 50 2.32 52.57 -2.57
C LEU L 50 0.92 52.35 -2.04
N VAL L 51 -0.07 52.46 -2.93
CA VAL L 51 -1.45 52.19 -2.58
C VAL L 51 -1.76 50.73 -2.86
N THR L 52 -2.56 50.12 -2.01
CA THR L 52 -2.84 48.70 -2.07
C THR L 52 -4.21 48.46 -2.69
N SER L 53 -4.63 47.19 -2.69
CA SER L 53 -5.97 46.80 -3.15
C SER L 53 -6.73 46.02 -2.08
N HIS L 54 -6.40 46.21 -0.81
CA HIS L 54 -7.06 45.51 0.27
C HIS L 54 -8.39 46.17 0.59
N ALA L 55 -9.12 45.54 1.52
CA ALA L 55 -10.36 46.08 2.05
C ALA L 55 -10.32 46.21 3.57
N ARG L 56 -9.16 45.98 4.17
CA ARG L 56 -8.99 46.03 5.62
C ARG L 56 -7.54 46.39 5.92
N PRO L 57 -7.23 46.78 7.15
CA PRO L 57 -5.82 46.94 7.52
C PRO L 57 -5.13 45.57 7.57
N PHE L 58 -3.89 45.54 7.11
CA PHE L 58 -3.16 44.29 6.98
C PHE L 58 -2.07 44.20 8.04
N SER L 59 -1.75 42.95 8.41
CA SER L 59 -0.99 42.69 9.63
C SER L 59 0.52 42.63 9.42
N GLU L 60 0.99 42.02 8.34
CA GLU L 60 2.43 41.86 8.14
C GLU L 60 2.78 42.01 6.67
N LEU L 61 3.98 42.52 6.42
CA LEU L 61 4.54 42.58 5.08
C LEU L 61 6.02 42.22 5.16
N CYS L 62 6.54 41.59 4.11
CA CYS L 62 7.94 41.19 4.06
C CYS L 62 8.48 41.39 2.64
N TRP L 63 9.77 41.72 2.56
CA TRP L 63 10.43 42.00 1.30
C TRP L 63 10.65 40.72 0.50
N SER L 64 11.27 40.87 -0.66
CA SER L 64 11.67 39.80 -1.55
C SER L 64 13.19 39.78 -1.68
N PRO L 65 13.81 38.59 -1.82
CA PRO L 65 15.27 38.51 -1.78
C PRO L 65 15.98 39.31 -2.87
N ASP L 66 15.24 39.89 -3.81
CA ASP L 66 15.82 40.80 -4.80
C ASP L 66 15.30 42.22 -4.69
N GLY L 67 14.47 42.51 -3.69
CA GLY L 67 13.97 43.85 -3.47
C GLY L 67 13.10 44.39 -4.57
N GLN L 68 12.26 43.53 -5.18
CA GLN L 68 11.41 43.94 -6.28
C GLN L 68 9.93 43.73 -6.03
N CYS L 69 9.54 43.09 -4.93
CA CYS L 69 8.13 42.88 -4.64
C CYS L 69 7.89 43.05 -3.16
N ILE L 70 6.62 43.17 -2.79
CA ILE L 70 6.20 43.25 -1.40
C ILE L 70 4.90 42.48 -1.25
N ALA L 71 4.86 41.55 -0.31
CA ALA L 71 3.63 40.83 0.00
C ALA L 71 2.97 41.46 1.23
N THR L 72 1.66 41.34 1.31
CA THR L 72 0.86 41.95 2.36
C THR L 72 -0.30 41.03 2.72
N ALA L 73 -0.57 40.91 4.01
CA ALA L 73 -1.53 39.95 4.55
C ALA L 73 -2.69 40.71 5.19
N SER L 74 -3.77 40.90 4.43
CA SER L 74 -4.92 41.67 4.87
C SER L 74 -6.03 40.77 5.39
N ASP L 75 -6.72 41.27 6.42
CA ASP L 75 -7.79 40.52 7.06
C ASP L 75 -9.00 40.29 6.17
N ASP L 76 -8.99 40.75 4.92
CA ASP L 76 -10.07 40.44 3.99
C ASP L 76 -10.03 39.01 3.49
N PHE L 77 -9.20 38.17 4.13
CA PHE L 77 -9.00 36.73 3.92
C PHE L 77 -8.11 36.47 2.72
N SER L 78 -7.63 37.50 2.02
CA SER L 78 -6.75 37.33 0.88
C SER L 78 -5.38 37.89 1.21
N VAL L 79 -4.42 37.62 0.32
CA VAL L 79 -3.06 38.12 0.46
C VAL L 79 -2.59 38.64 -0.88
N GLU L 80 -1.94 39.80 -0.87
CA GLU L 80 -1.64 40.55 -2.08
C GLU L 80 -0.14 40.70 -2.24
N ILE L 81 0.40 40.30 -3.38
CA ILE L 81 1.79 40.56 -3.72
C ILE L 81 1.83 41.61 -4.81
N ILE L 82 2.48 42.73 -4.50
CA ILE L 82 2.53 43.92 -5.35
C ILE L 82 3.98 44.17 -5.76
N HIS L 83 4.20 44.36 -7.05
CA HIS L 83 5.51 44.74 -7.54
C HIS L 83 5.77 46.19 -7.20
N LEU L 84 6.96 46.47 -6.65
CA LEU L 84 7.30 47.81 -6.20
C LEU L 84 7.25 48.83 -7.32
N SER L 85 7.26 48.40 -8.58
CA SER L 85 7.32 49.32 -9.71
C SER L 85 6.19 49.15 -10.71
N TYR L 86 5.58 47.97 -10.81
CA TYR L 86 4.53 47.71 -11.79
C TYR L 86 3.19 47.44 -11.12
N GLY L 87 2.98 47.97 -9.92
CA GLY L 87 1.71 47.79 -9.26
C GLY L 87 1.47 46.35 -8.83
N LEU L 88 0.25 46.13 -8.34
CA LEU L 88 -0.14 44.82 -7.83
C LEU L 88 0.06 43.74 -8.87
N LEU L 89 0.51 42.57 -8.43
CA LEU L 89 0.75 41.45 -9.33
C LEU L 89 -0.17 40.26 -9.09
N HIS L 90 -0.29 39.79 -7.85
CA HIS L 90 -1.11 38.60 -7.64
C HIS L 90 -1.95 38.71 -6.38
N THR L 91 -3.11 38.04 -6.43
CA THR L 91 -4.13 38.06 -5.39
C THR L 91 -4.39 36.61 -5.00
N PHE L 92 -3.80 36.13 -3.91
CA PHE L 92 -4.08 34.78 -3.45
C PHE L 92 -5.31 34.83 -2.53
N ILE L 93 -6.38 34.17 -2.96
CA ILE L 93 -7.72 34.38 -2.42
C ILE L 93 -8.31 33.09 -1.88
N GLY L 94 -7.46 32.18 -1.39
CA GLY L 94 -7.95 30.88 -1.01
C GLY L 94 -8.29 30.72 0.47
N HIS L 95 -7.77 31.60 1.31
CA HIS L 95 -8.01 31.50 2.73
C HIS L 95 -9.46 31.85 3.06
N THR L 96 -9.87 31.54 4.30
CA THR L 96 -11.21 31.85 4.76
C THR L 96 -11.18 32.45 6.17
N ALA L 97 -10.19 33.29 6.44
CA ALA L 97 -9.97 33.85 7.77
C ALA L 97 -8.88 34.90 7.67
N PRO L 98 -8.80 35.83 8.64
CA PRO L 98 -7.78 36.88 8.53
C PRO L 98 -6.37 36.32 8.58
N VAL L 99 -5.62 36.53 7.50
CA VAL L 99 -4.25 36.03 7.44
C VAL L 99 -3.32 36.97 8.19
N ILE L 100 -2.31 36.41 8.85
CA ILE L 100 -1.53 37.12 9.85
C ILE L 100 -0.11 37.39 9.36
N SER L 101 0.65 36.35 9.07
CA SER L 101 2.06 36.49 8.74
C SER L 101 2.34 35.82 7.40
N LEU L 102 3.50 36.16 6.85
CA LEU L 102 3.90 35.65 5.54
C LEU L 102 5.41 35.69 5.44
N THR L 103 5.94 34.90 4.51
CA THR L 103 7.36 34.77 4.23
C THR L 103 7.50 33.86 3.03
N PHE L 104 8.55 34.07 2.24
CA PHE L 104 8.91 33.10 1.21
C PHE L 104 10.39 32.77 1.32
N ASN L 105 10.80 31.77 0.54
CA ASN L 105 12.08 31.11 0.73
C ASN L 105 13.21 31.88 0.06
N ARG L 106 14.42 31.31 0.16
CA ARG L 106 15.63 31.97 -0.31
C ARG L 106 15.54 32.34 -1.79
N LYS L 107 14.74 31.62 -2.57
CA LYS L 107 14.65 31.86 -4.00
C LYS L 107 13.43 32.66 -4.42
N GLY L 108 12.54 32.98 -3.49
CA GLY L 108 11.30 33.64 -3.88
C GLY L 108 10.43 32.77 -4.76
N ASN L 109 10.53 31.46 -4.59
CA ASN L 109 9.86 30.51 -5.46
C ASN L 109 8.52 30.02 -4.93
N LEU L 110 8.30 30.09 -3.61
CA LEU L 110 7.05 29.69 -3.01
C LEU L 110 6.82 30.56 -1.79
N LEU L 111 5.57 30.96 -1.56
CA LEU L 111 5.21 31.87 -0.48
C LEU L 111 4.43 31.10 0.57
N PHE L 112 4.61 31.47 1.83
CA PHE L 112 4.03 30.77 2.96
C PHE L 112 3.10 31.71 3.71
N THR L 113 1.86 31.26 3.95
CA THR L 113 0.85 32.11 4.55
C THR L 113 0.21 31.41 5.75
N SER L 114 0.07 32.15 6.85
CA SER L 114 -0.58 31.67 8.06
C SER L 114 -1.89 32.39 8.25
N SER L 115 -2.94 31.63 8.59
CA SER L 115 -4.29 32.17 8.69
C SER L 115 -4.91 31.84 10.05
N MET L 116 -6.11 32.35 10.25
CA MET L 116 -6.95 31.97 11.38
C MET L 116 -7.80 30.74 11.08
N ASP L 117 -7.74 30.23 9.85
CA ASP L 117 -8.40 28.99 9.47
C ASP L 117 -7.86 27.78 10.22
N GLU L 118 -6.89 27.98 11.11
CA GLU L 118 -6.19 26.90 11.80
C GLU L 118 -5.42 26.06 10.79
N SER L 119 -4.74 26.73 9.87
CA SER L 119 -4.03 26.05 8.79
C SER L 119 -2.98 26.99 8.21
N ILE L 120 -2.18 26.44 7.32
CA ILE L 120 -1.11 27.14 6.62
C ILE L 120 -1.29 26.84 5.14
N LYS L 121 -0.80 27.74 4.29
CA LYS L 121 -0.90 27.54 2.86
C LYS L 121 0.39 27.89 2.16
N ILE L 122 0.78 27.04 1.21
CA ILE L 122 1.95 27.25 0.37
C ILE L 122 1.44 27.65 -1.01
N TRP L 123 1.69 28.89 -1.40
CA TRP L 123 1.28 29.47 -2.67
C TRP L 123 2.46 29.51 -3.62
N ASP L 124 2.17 29.40 -4.91
CA ASP L 124 3.19 29.56 -5.94
C ASP L 124 3.19 31.02 -6.40
N THR L 125 4.31 31.70 -6.19
CA THR L 125 4.38 33.13 -6.48
C THR L 125 4.18 33.40 -7.97
N LEU L 126 5.05 32.85 -8.82
CA LEU L 126 5.08 33.25 -10.23
C LEU L 126 3.76 32.92 -10.92
N ASN L 127 3.26 31.67 -10.76
CA ASN L 127 2.00 31.28 -11.37
C ASN L 127 0.79 31.65 -10.52
N GLY L 128 0.98 32.31 -9.40
CA GLY L 128 -0.12 32.84 -8.61
C GLY L 128 -1.08 31.82 -8.05
N SER L 129 -0.83 30.53 -8.27
CA SER L 129 -1.74 29.48 -7.86
C SER L 129 -1.34 28.88 -6.52
N LEU L 130 -2.29 28.21 -5.88
CA LEU L 130 -2.03 27.50 -4.64
C LEU L 130 -1.23 26.24 -4.91
N MET L 131 -0.39 25.86 -3.96
CA MET L 131 0.36 24.63 -4.03
C MET L 131 -0.07 23.62 -2.97
N LYS L 132 -0.03 24.00 -1.69
CA LYS L 132 -0.31 23.03 -0.62
C LYS L 132 -1.06 23.70 0.52
N THR L 133 -1.65 22.85 1.37
CA THR L 133 -2.37 23.29 2.56
C THR L 133 -2.03 22.36 3.71
N ILE L 134 -1.65 22.94 4.85
CA ILE L 134 -1.18 22.19 6.01
C ILE L 134 -2.09 22.55 7.18
N SER L 135 -3.01 21.66 7.52
CA SER L 135 -3.95 21.90 8.63
C SER L 135 -3.49 21.05 9.82
N ALA L 136 -2.66 21.65 10.67
CA ALA L 136 -2.07 20.95 11.80
C ALA L 136 -2.16 21.77 13.07
N HIS L 137 -3.29 22.43 13.28
CA HIS L 137 -3.52 23.23 14.48
C HIS L 137 -5.01 23.33 14.76
N SER L 138 -5.36 23.32 16.05
CA SER L 138 -6.71 23.58 16.51
C SER L 138 -6.78 24.94 17.20
N GLU L 139 -6.01 25.90 16.72
CA GLU L 139 -5.84 27.18 17.39
C GLU L 139 -5.39 28.20 16.35
N ALA L 140 -4.90 29.34 16.82
CA ALA L 140 -4.58 30.48 15.97
C ALA L 140 -3.12 30.41 15.53
N VAL L 141 -2.89 30.12 14.25
CA VAL L 141 -1.55 29.99 13.71
C VAL L 141 -1.03 31.40 13.41
N VAL L 142 -0.14 31.91 14.26
CA VAL L 142 0.20 33.32 14.23
C VAL L 142 1.54 33.63 13.56
N SER L 143 2.41 32.63 13.35
CA SER L 143 3.72 32.94 12.80
C SER L 143 4.29 31.73 12.08
N VAL L 144 4.75 31.95 10.85
CA VAL L 144 5.48 30.97 10.06
C VAL L 144 6.77 31.60 9.58
N ASP L 145 7.81 30.80 9.44
CA ASP L 145 9.13 31.33 9.09
C ASP L 145 10.00 30.22 8.50
N VAL L 146 10.44 30.42 7.26
CA VAL L 146 11.43 29.54 6.65
C VAL L 146 12.81 30.15 6.89
N PRO L 147 13.85 29.36 7.09
CA PRO L 147 15.19 29.93 7.22
C PRO L 147 15.67 30.53 5.91
N MET L 148 16.83 31.18 5.97
CA MET L 148 17.41 31.82 4.79
C MET L 148 18.46 30.97 4.10
N ASN L 149 19.31 30.30 4.88
CA ASN L 149 20.31 29.42 4.27
C ASN L 149 19.66 28.12 3.79
N ASP L 150 18.71 27.59 4.54
CA ASP L 150 17.90 26.47 4.10
C ASP L 150 16.55 26.98 3.60
N SER L 151 15.89 26.14 2.82
CA SER L 151 14.54 26.46 2.37
C SER L 151 13.63 25.25 2.42
N SER L 152 14.02 24.22 3.18
CA SER L 152 13.30 22.95 3.18
C SER L 152 12.37 22.79 4.36
N ILE L 153 12.62 23.46 5.49
CA ILE L 153 11.77 23.34 6.66
C ILE L 153 11.14 24.70 6.96
N LEU L 154 10.05 24.66 7.73
CA LEU L 154 9.42 25.88 8.21
C LEU L 154 8.77 25.61 9.56
N SER L 155 9.01 26.50 10.52
CA SER L 155 8.38 26.39 11.83
C SER L 155 7.03 27.09 11.83
N SER L 156 6.19 26.69 12.79
CA SER L 156 4.84 27.23 12.89
C SER L 156 4.46 27.32 14.36
N GLY L 157 4.16 28.54 14.81
CA GLY L 157 3.72 28.78 16.17
C GLY L 157 2.27 29.23 16.21
N SER L 158 1.56 28.78 17.23
CA SER L 158 0.15 29.10 17.38
C SER L 158 -0.11 29.66 18.78
N TYR L 159 -1.39 29.97 19.04
CA TYR L 159 -1.83 30.43 20.35
C TYR L 159 -2.11 29.28 21.32
N ASP L 160 -1.58 28.09 21.07
CA ASP L 160 -1.75 26.97 21.97
C ASP L 160 -0.44 26.34 22.41
N GLY L 161 0.69 26.93 22.04
CA GLY L 161 1.99 26.44 22.44
C GLY L 161 2.63 25.48 21.46
N LEU L 162 1.85 24.85 20.59
CA LEU L 162 2.39 23.91 19.62
C LEU L 162 3.32 24.63 18.65
N ILE L 163 4.60 24.30 18.72
CA ILE L 163 5.61 24.80 17.79
C ILE L 163 5.99 23.64 16.88
N ARG L 164 5.33 23.59 15.72
CA ARG L 164 5.55 22.50 14.78
C ARG L 164 6.65 22.84 13.79
N ILE L 165 7.21 21.80 13.18
CA ILE L 165 8.15 21.95 12.07
C ILE L 165 7.64 21.14 10.89
N PHE L 166 7.47 21.78 9.74
CA PHE L 166 7.00 21.12 8.54
C PHE L 166 8.05 21.27 7.44
N ASP L 167 7.73 20.73 6.27
CA ASP L 167 8.61 20.79 5.10
C ASP L 167 7.96 21.63 4.00
N ALA L 168 8.79 22.38 3.29
CA ALA L 168 8.30 23.15 2.15
C ALA L 168 8.08 22.29 0.92
N GLU L 169 8.74 21.14 0.83
CA GLU L 169 8.61 20.30 -0.36
C GLU L 169 7.31 19.51 -0.36
N THR L 170 6.92 18.96 0.79
CA THR L 170 5.74 18.10 0.86
C THR L 170 4.77 18.44 1.97
N GLY L 171 5.17 19.22 2.97
CA GLY L 171 4.26 19.62 4.02
C GLY L 171 3.76 18.49 4.90
N HIS L 172 4.68 17.86 5.62
CA HIS L 172 4.33 16.91 6.67
C HIS L 172 4.89 17.41 7.99
N CYS L 173 4.37 16.85 9.09
CA CYS L 173 4.85 17.22 10.41
C CYS L 173 6.12 16.44 10.72
N LEU L 174 7.20 17.15 11.02
CA LEU L 174 8.48 16.52 11.32
C LEU L 174 8.77 16.44 12.80
N LYS L 175 8.50 17.51 13.56
CA LYS L 175 8.77 17.49 14.99
C LYS L 175 7.96 18.58 15.66
N THR L 176 7.43 18.26 16.84
CA THR L 176 6.68 19.20 17.68
C THR L 176 7.36 19.24 19.05
N LEU L 177 7.72 20.44 19.49
CA LEU L 177 8.52 20.59 20.70
C LEU L 177 7.70 20.78 21.97
N THR L 178 6.38 20.96 21.86
CA THR L 178 5.56 21.29 23.02
C THR L 178 4.25 20.53 22.96
N TYR L 179 3.50 20.59 24.06
CA TYR L 179 2.21 19.91 24.20
C TYR L 179 1.06 20.91 24.10
N ASP L 180 -0.06 20.45 23.56
CA ASP L 180 -1.28 21.23 23.54
C ASP L 180 -2.10 20.90 24.80
N LYS L 181 -3.37 21.33 24.81
CA LYS L 181 -4.20 21.17 26.00
C LYS L 181 -4.45 19.72 26.37
N ASP L 182 -4.41 18.81 25.40
CA ASP L 182 -4.79 17.43 25.66
C ASP L 182 -3.69 16.61 26.32
N TRP L 183 -2.43 17.06 26.26
CA TRP L 183 -1.31 16.29 26.79
C TRP L 183 -0.50 17.11 27.78
N LYS L 184 -1.18 17.97 28.56
CA LYS L 184 -0.59 18.72 29.65
C LYS L 184 -1.74 19.34 30.44
N ARG L 185 -1.45 19.76 31.67
CA ARG L 185 -2.44 20.48 32.45
C ARG L 185 -2.94 21.70 31.68
N GLU L 186 -4.26 21.77 31.50
CA GLU L 186 -4.85 22.73 30.56
C GLU L 186 -4.39 24.15 30.85
N ASN L 187 -4.24 24.51 32.13
CA ASN L 187 -3.82 25.85 32.51
C ASN L 187 -2.31 26.04 32.43
N GLY L 188 -1.58 25.08 31.85
CA GLY L 188 -0.18 25.23 31.57
C GLY L 188 0.12 25.74 30.19
N VAL L 189 -0.91 26.01 29.38
CA VAL L 189 -0.70 26.47 28.02
C VAL L 189 -0.15 27.89 28.03
N VAL L 190 0.58 28.24 26.98
CA VAL L 190 1.11 29.59 26.80
C VAL L 190 1.22 29.88 25.31
N PRO L 191 0.38 30.75 24.78
CA PRO L 191 0.41 31.03 23.34
C PRO L 191 1.78 31.49 22.88
N ILE L 192 2.14 31.08 21.66
CA ILE L 192 3.40 31.46 21.05
C ILE L 192 3.17 32.70 20.20
N SER L 193 4.01 33.71 20.36
CA SER L 193 3.82 34.99 19.67
C SER L 193 4.64 35.06 18.38
N GLN L 194 5.95 34.85 18.47
CA GLN L 194 6.83 35.04 17.33
C GLN L 194 7.95 34.00 17.37
N VAL L 195 8.12 33.30 16.26
CA VAL L 195 9.19 32.31 16.13
C VAL L 195 10.20 32.80 15.09
N LYS L 196 11.41 32.27 15.17
CA LYS L 196 12.50 32.75 14.34
C LYS L 196 13.62 31.73 14.35
N PHE L 197 14.13 31.38 13.16
CA PHE L 197 15.27 30.50 13.04
C PHE L 197 16.57 31.24 13.32
N SER L 198 17.58 30.48 13.75
CA SER L 198 18.94 30.98 13.77
C SER L 198 19.41 31.19 12.33
N GLU L 199 20.63 31.72 12.17
CA GLU L 199 21.10 31.98 10.83
C GLU L 199 21.49 30.70 10.09
N ASN L 200 21.62 29.59 10.81
CA ASN L 200 21.98 28.31 10.20
C ASN L 200 20.88 27.26 10.36
N ALA L 201 19.67 27.67 10.71
CA ALA L 201 18.49 26.81 10.78
C ALA L 201 18.67 25.61 11.70
N ARG L 202 19.64 25.66 12.62
CA ARG L 202 19.86 24.55 13.53
C ARG L 202 19.18 24.78 14.88
N TYR L 203 18.99 26.03 15.28
CA TYR L 203 18.33 26.35 16.54
C TYR L 203 17.17 27.29 16.26
N LEU L 204 16.15 27.22 17.11
CA LEU L 204 14.91 27.95 16.91
C LEU L 204 14.72 28.95 18.04
N LEU L 205 14.61 30.22 17.69
CA LEU L 205 14.28 31.26 18.66
C LEU L 205 12.77 31.39 18.75
N VAL L 206 12.28 31.61 19.96
CA VAL L 206 10.83 31.63 20.16
C VAL L 206 10.49 32.56 21.32
N LYS L 207 9.38 33.27 21.18
CA LYS L 207 8.84 34.14 22.22
C LYS L 207 7.40 33.75 22.49
N SER L 208 7.02 33.76 23.76
CA SER L 208 5.67 33.42 24.17
C SER L 208 4.97 34.63 24.78
N LEU L 209 3.73 34.43 25.21
CA LEU L 209 2.94 35.48 25.81
C LEU L 209 3.20 35.66 27.31
N ASP L 210 4.33 35.17 27.81
CA ASP L 210 4.77 35.48 29.17
C ASP L 210 6.19 36.04 29.17
N GLY L 211 6.54 36.79 28.12
CA GLY L 211 7.80 37.49 28.06
C GLY L 211 9.06 36.66 28.06
N VAL L 212 8.93 35.34 28.06
CA VAL L 212 10.12 34.49 28.03
C VAL L 212 10.60 34.38 26.59
N VAL L 213 11.91 34.17 26.43
CA VAL L 213 12.52 34.03 25.12
C VAL L 213 13.40 32.79 25.16
N LYS L 214 13.00 31.75 24.44
CA LYS L 214 13.70 30.48 24.51
C LYS L 214 14.41 30.16 23.20
N ILE L 215 15.47 29.39 23.30
CA ILE L 215 16.21 28.87 22.15
C ILE L 215 16.15 27.35 22.23
N TRP L 216 15.49 26.74 21.26
CA TRP L 216 15.37 25.29 21.20
C TRP L 216 16.42 24.71 20.26
N ASP L 217 16.93 23.53 20.62
CA ASP L 217 17.75 22.72 19.72
C ASP L 217 16.79 21.80 18.98
N CYS L 218 16.41 22.19 17.77
CA CYS L 218 15.37 21.45 17.05
C CYS L 218 15.80 20.04 16.68
N ILE L 219 17.08 19.70 16.80
CA ILE L 219 17.50 18.32 16.61
C ILE L 219 17.19 17.49 17.85
N GLY L 220 17.48 18.03 19.03
CA GLY L 220 17.16 17.37 20.27
C GLY L 220 15.84 17.75 20.90
N GLY L 221 15.19 18.79 20.37
CA GLY L 221 13.90 19.20 20.88
C GLY L 221 13.90 19.77 22.27
N CYS L 222 15.06 20.04 22.85
CA CYS L 222 15.15 20.55 24.21
C CYS L 222 15.64 22.00 24.22
N VAL L 223 15.11 22.77 25.17
CA VAL L 223 15.56 24.15 25.32
C VAL L 223 16.98 24.17 25.87
N VAL L 224 17.76 25.15 25.43
CA VAL L 224 19.14 25.25 25.87
C VAL L 224 19.42 26.61 26.50
N ARG L 225 18.64 27.63 26.11
CA ARG L 225 18.84 28.98 26.62
C ARG L 225 17.50 29.65 26.83
N THR L 226 17.40 30.41 27.91
CA THR L 226 16.18 31.12 28.28
C THR L 226 16.55 32.53 28.74
N PHE L 227 16.07 33.53 28.03
CA PHE L 227 16.24 34.93 28.38
C PHE L 227 14.93 35.48 28.91
N GLN L 228 15.04 36.40 29.87
CA GLN L 228 13.87 36.87 30.60
C GLN L 228 14.21 38.20 31.25
N VAL L 229 13.17 38.93 31.62
CA VAL L 229 13.28 40.11 32.47
C VAL L 229 12.94 39.65 33.89
N GLN L 230 13.89 39.83 34.82
CA GLN L 230 13.69 39.31 36.16
C GLN L 230 12.51 39.95 36.90
N PRO L 231 12.12 41.22 36.67
CA PRO L 231 10.78 41.63 37.09
C PRO L 231 9.76 41.25 36.04
N LEU L 232 8.54 40.92 36.44
CA LEU L 232 7.51 40.43 35.52
C LEU L 232 6.52 41.52 35.15
N GLU L 233 6.98 42.76 35.01
CA GLU L 233 6.07 43.88 34.77
C GLU L 233 5.40 43.77 33.39
N LYS L 234 6.20 43.63 32.34
CA LYS L 234 5.68 43.60 30.98
C LYS L 234 6.00 42.31 30.25
N GLY L 235 6.66 41.36 30.91
CA GLY L 235 6.79 40.02 30.37
C GLY L 235 5.43 39.52 29.92
N VAL L 236 4.46 39.55 30.83
CA VAL L 236 3.08 39.32 30.45
C VAL L 236 2.67 40.41 29.47
N LEU L 237 2.24 40.01 28.28
CA LEU L 237 1.94 40.94 27.21
C LEU L 237 0.71 40.44 26.46
N HIS L 238 0.27 41.23 25.48
CA HIS L 238 -0.97 40.94 24.78
C HIS L 238 -0.88 41.05 23.26
N HIS L 239 0.16 41.68 22.72
CA HIS L 239 0.32 41.85 21.28
C HIS L 239 1.51 41.04 20.80
N SER L 240 1.72 41.06 19.48
CA SER L 240 2.89 40.43 18.88
C SER L 240 4.12 41.32 19.10
N CYS L 241 4.48 41.46 20.38
CA CYS L 241 5.60 42.31 20.75
C CYS L 241 6.87 41.79 20.10
N GLY L 242 7.42 42.58 19.19
CA GLY L 242 8.48 42.15 18.32
C GLY L 242 9.69 41.56 19.00
N MET L 243 10.28 40.56 18.36
CA MET L 243 11.56 40.02 18.73
C MET L 243 12.35 39.77 17.46
N ASP L 244 13.67 39.66 17.60
CA ASP L 244 14.49 39.35 16.44
C ASP L 244 15.88 38.95 16.91
N PHE L 245 16.73 38.67 15.92
CA PHE L 245 18.05 38.13 16.09
C PHE L 245 19.01 39.14 15.48
N LEU L 246 20.25 39.19 15.98
CA LEU L 246 21.23 40.13 15.44
C LEU L 246 22.56 39.41 15.38
N ASN L 247 22.85 38.81 14.23
CA ASN L 247 24.16 38.24 13.99
C ASN L 247 25.05 39.31 13.38
N PRO L 248 25.94 39.92 14.16
CA PRO L 248 26.75 41.01 13.64
C PRO L 248 27.77 40.51 12.64
N GLU L 249 28.09 41.35 11.66
CA GLU L 249 29.10 41.00 10.68
C GLU L 249 30.43 40.76 11.38
N ASP L 250 30.99 39.58 11.18
CA ASP L 250 32.10 39.06 11.98
C ASP L 250 31.79 39.14 13.48
N GLY L 251 30.54 38.89 13.86
CA GLY L 251 30.15 38.91 15.25
C GLY L 251 30.70 37.73 16.02
N SER L 252 31.20 37.97 17.23
CA SER L 252 31.70 36.89 18.07
C SER L 252 30.60 35.89 18.39
N THR L 253 29.57 36.34 19.10
CA THR L 253 28.39 35.54 19.35
C THR L 253 27.18 36.42 19.07
N PRO L 254 26.23 35.95 18.27
CA PRO L 254 25.08 36.78 17.92
C PRO L 254 24.23 37.12 19.14
N LEU L 255 23.42 38.16 18.98
CA LEU L 255 22.60 38.72 20.05
C LEU L 255 21.13 38.43 19.80
N VAL L 256 20.35 38.48 20.88
CA VAL L 256 18.90 38.40 20.80
C VAL L 256 18.31 39.73 21.27
N ILE L 257 17.32 40.22 20.53
CA ILE L 257 16.74 41.53 20.75
C ILE L 257 15.24 41.36 20.89
N SER L 258 14.63 42.10 21.83
CA SER L 258 13.20 41.99 22.05
C SER L 258 12.65 43.32 22.52
N GLY L 259 11.41 43.61 22.12
CA GLY L 259 10.73 44.81 22.55
C GLY L 259 9.40 44.51 23.22
N TYR L 260 9.31 44.81 24.51
CA TYR L 260 8.16 44.41 25.32
C TYR L 260 7.02 45.41 25.13
N GLU L 261 6.00 45.32 25.99
CA GLU L 261 4.84 46.19 25.88
C GLU L 261 5.14 47.64 26.27
N ASN L 262 6.35 47.94 26.70
CA ASN L 262 6.80 49.32 26.80
C ASN L 262 7.46 49.72 25.48
N GLY L 263 8.10 50.88 25.46
CA GLY L 263 8.92 51.24 24.32
C GLY L 263 10.34 50.74 24.51
N ASP L 264 10.49 49.69 25.31
CA ASP L 264 11.79 49.18 25.68
C ASP L 264 12.30 48.17 24.67
N ILE L 265 13.61 48.08 24.56
CA ILE L 265 14.31 47.18 23.66
C ILE L 265 15.51 46.62 24.42
N TYR L 266 15.67 45.30 24.40
CA TYR L 266 16.73 44.66 25.16
C TYR L 266 17.79 44.09 24.23
N CYS L 267 18.95 43.78 24.80
CA CYS L 267 20.01 43.09 24.07
C CYS L 267 20.64 42.05 24.99
N TRP L 268 20.55 40.78 24.60
CA TRP L 268 21.19 39.71 25.35
C TRP L 268 22.21 38.99 24.50
N ASN L 269 23.35 38.68 25.10
CA ASN L 269 24.35 37.82 24.48
C ASN L 269 23.89 36.37 24.63
N SER L 270 23.63 35.71 23.50
CA SER L 270 23.03 34.39 23.53
C SER L 270 23.90 33.38 24.25
N ASP L 271 25.23 33.47 24.08
CA ASP L 271 26.11 32.48 24.69
C ASP L 271 26.16 32.61 26.19
N THR L 272 26.11 33.83 26.72
CA THR L 272 26.30 34.06 28.15
C THR L 272 25.04 34.51 28.89
N LYS L 273 24.00 34.95 28.18
CA LYS L 273 22.73 35.41 28.71
C LYS L 273 22.87 36.70 29.51
N SER L 274 24.07 37.25 29.65
CA SER L 274 24.26 38.47 30.42
C SER L 274 23.74 39.66 29.61
N LEU L 275 22.79 40.38 30.19
CA LEU L 275 22.22 41.55 29.52
C LEU L 275 23.31 42.59 29.26
N LEU L 276 23.24 43.23 28.09
CA LEU L 276 24.24 44.19 27.67
C LEU L 276 23.72 45.61 27.58
N GLN L 277 22.51 45.82 27.10
CA GLN L 277 22.01 47.17 26.86
C GLN L 277 20.50 47.11 26.72
N LEU L 278 19.87 48.24 27.05
CA LEU L 278 18.45 48.42 26.84
C LEU L 278 18.18 49.87 26.42
N LEU L 279 17.12 50.04 25.66
CA LEU L 279 16.73 51.32 25.09
C LEU L 279 15.26 51.55 25.34
N ASP L 280 14.83 52.82 25.29
CA ASP L 280 13.45 53.16 25.59
C ASP L 280 13.04 54.40 24.83
N GLY L 281 11.95 54.30 24.07
CA GLY L 281 11.33 55.47 23.46
C GLY L 281 12.11 56.08 22.31
N SER L 282 13.38 56.41 22.58
CA SER L 282 14.30 57.10 21.66
C SER L 282 13.96 57.00 20.18
N HIS L 286 9.56 53.94 25.87
CA HIS L 286 8.80 54.16 27.09
C HIS L 286 7.39 54.66 26.76
N SER L 287 7.15 55.00 25.50
CA SER L 287 5.93 55.68 25.10
C SER L 287 4.81 54.74 24.66
N SER L 288 5.13 53.59 24.08
CA SER L 288 4.13 52.68 23.55
C SER L 288 4.75 51.31 23.38
N PRO L 289 3.94 50.26 23.33
CA PRO L 289 4.50 48.92 23.11
C PRO L 289 5.17 48.81 21.74
N VAL L 290 6.41 48.32 21.76
CA VAL L 290 7.17 48.13 20.52
C VAL L 290 6.54 46.98 19.75
N MET L 291 5.93 47.30 18.61
CA MET L 291 5.17 46.30 17.87
C MET L 291 6.06 45.40 17.01
N SER L 292 7.24 45.86 16.62
CA SER L 292 8.09 45.06 15.75
C SER L 292 9.53 45.52 15.81
N ILE L 293 10.44 44.57 15.62
CA ILE L 293 11.86 44.86 15.45
C ILE L 293 12.35 44.04 14.26
N HIS L 294 13.17 44.65 13.41
CA HIS L 294 13.73 43.96 12.26
C HIS L 294 15.20 44.35 12.15
N CYS L 295 16.08 43.36 12.25
CA CYS L 295 17.52 43.62 12.25
C CYS L 295 18.13 43.29 10.89
N PHE L 296 19.40 43.64 10.77
CA PHE L 296 20.19 43.40 9.57
C PHE L 296 21.65 43.49 10.00
N GLY L 297 22.56 43.25 9.05
CA GLY L 297 23.95 42.94 9.33
C GLY L 297 24.54 43.64 10.53
N ASN L 298 24.35 44.97 10.62
CA ASN L 298 24.68 45.66 11.85
C ASN L 298 23.67 46.74 12.20
N ILE L 299 22.46 46.69 11.65
CA ILE L 299 21.47 47.74 11.88
C ILE L 299 20.19 47.11 12.40
N MET L 300 19.25 47.97 12.80
CA MET L 300 18.01 47.50 13.41
C MET L 300 16.97 48.60 13.33
N CYS L 301 15.77 48.26 12.85
CA CYS L 301 14.64 49.17 12.82
C CYS L 301 13.61 48.71 13.84
N SER L 302 13.17 49.63 14.69
CA SER L 302 12.19 49.35 15.73
C SER L 302 10.95 50.21 15.52
N LEU L 303 9.78 49.59 15.70
CA LEU L 303 8.51 50.27 15.46
C LEU L 303 7.56 49.95 16.60
N ALA L 304 7.13 50.99 17.31
CA ALA L 304 6.19 50.85 18.42
C ALA L 304 4.76 50.79 17.89
N LEU L 305 3.80 50.65 18.81
CA LEU L 305 2.40 50.56 18.41
C LEU L 305 1.95 51.81 17.67
N ASN L 306 2.61 52.95 17.90
CA ASN L 306 2.28 54.19 17.20
C ASN L 306 2.93 54.15 15.83
N GLY L 307 2.93 55.30 15.14
CA GLY L 307 3.84 55.45 14.04
C GLY L 307 5.28 55.63 14.46
N ASP L 308 5.56 55.52 15.77
CA ASP L 308 6.90 55.66 16.32
C ASP L 308 7.86 54.69 15.66
N CYS L 309 8.84 55.22 14.93
CA CYS L 309 9.81 54.41 14.21
C CYS L 309 11.20 54.94 14.46
N CYS L 310 12.16 54.02 14.63
CA CYS L 310 13.53 54.40 14.90
C CYS L 310 14.44 53.35 14.29
N LEU L 311 15.75 53.64 14.29
CA LEU L 311 16.74 52.67 13.85
C LEU L 311 18.03 52.91 14.61
N TRP L 312 18.94 51.95 14.50
CA TRP L 312 20.18 51.98 15.27
C TRP L 312 21.31 51.52 14.37
N ARG L 313 22.48 51.29 14.97
CA ARG L 313 23.66 50.87 14.23
C ARG L 313 24.73 50.34 15.20
N MET M 1 19.03 18.89 6.30
CA MET M 1 17.93 19.51 7.03
C MET M 1 16.63 19.29 6.27
N ASN M 2 15.63 18.80 7.01
CA ASN M 2 14.43 18.06 6.59
C ASN M 2 14.82 16.60 6.38
N ILE M 3 16.10 16.31 6.52
CA ILE M 3 16.60 14.95 6.43
C ILE M 3 17.25 14.52 7.74
N LEU M 4 18.02 15.43 8.36
CA LEU M 4 18.49 15.20 9.72
C LEU M 4 17.33 14.92 10.67
N LEU M 5 16.21 15.60 10.47
CA LEU M 5 15.04 15.38 11.32
C LEU M 5 14.33 14.09 10.96
N GLN M 6 14.37 13.71 9.69
CA GLN M 6 13.73 12.46 9.25
C GLN M 6 14.44 11.26 9.87
N ASP M 7 13.74 10.13 9.90
CA ASP M 7 14.33 8.92 10.43
C ASP M 7 15.24 8.29 9.39
N PRO M 8 16.42 7.79 9.76
CA PRO M 8 17.37 7.30 8.76
C PRO M 8 17.08 5.88 8.32
N PHE M 9 15.82 5.58 8.02
CA PHE M 9 15.43 4.31 7.41
C PHE M 9 14.79 4.56 6.06
N ALA M 10 13.80 5.43 5.99
CA ALA M 10 13.11 5.74 4.74
C ALA M 10 13.79 6.86 3.95
N VAL M 11 14.82 7.49 4.51
CA VAL M 11 15.52 8.54 3.79
C VAL M 11 16.81 8.03 3.16
N LEU M 12 17.33 6.88 3.60
CA LEU M 12 18.59 6.35 3.12
C LEU M 12 18.39 5.18 2.17
N LYS M 13 17.27 5.15 1.44
CA LYS M 13 17.12 4.20 0.36
C LYS M 13 18.17 4.48 -0.71
N GLU M 14 18.55 3.43 -1.44
CA GLU M 14 19.71 3.53 -2.31
C GLU M 14 19.40 4.10 -3.68
N HIS M 15 18.14 4.13 -4.09
CA HIS M 15 17.75 4.63 -5.40
C HIS M 15 16.24 4.79 -5.43
N PRO M 16 15.72 5.58 -6.37
CA PRO M 16 14.26 5.73 -6.48
C PRO M 16 13.56 4.38 -6.63
N GLU M 17 12.30 4.34 -6.22
CA GLU M 17 11.53 3.10 -6.25
C GLU M 17 10.17 3.23 -6.92
N LYS M 18 9.61 4.44 -7.00
CA LYS M 18 8.30 4.64 -7.61
C LYS M 18 8.31 5.96 -8.35
N LEU M 19 7.49 6.06 -9.39
CA LEU M 19 7.34 7.32 -10.10
C LEU M 19 6.28 8.15 -9.41
N THR M 20 6.53 9.46 -9.32
CA THR M 20 5.63 10.37 -8.64
C THR M 20 4.94 11.33 -9.60
N HIS M 21 5.69 12.04 -10.42
CA HIS M 21 5.11 13.02 -11.32
C HIS M 21 5.47 12.72 -12.76
N THR M 22 4.66 13.26 -13.66
CA THR M 22 4.83 13.11 -15.11
C THR M 22 4.59 14.46 -15.77
N ILE M 23 5.68 15.22 -15.93
CA ILE M 23 5.61 16.47 -16.67
C ILE M 23 5.14 16.20 -18.09
N GLU M 24 4.27 17.06 -18.59
CA GLU M 24 3.87 17.04 -19.99
C GLU M 24 4.46 18.26 -20.68
N ASN M 25 5.22 18.02 -21.73
CA ASN M 25 5.77 19.13 -22.50
C ASN M 25 4.97 19.30 -23.78
N PRO M 26 4.60 20.53 -24.14
CA PRO M 26 3.83 20.71 -25.39
C PRO M 26 4.59 20.25 -26.61
N LEU M 27 5.87 20.59 -26.70
CA LEU M 27 6.74 20.07 -27.75
C LEU M 27 7.21 18.67 -27.34
N ARG M 28 8.16 18.11 -28.09
CA ARG M 28 8.73 16.82 -27.76
C ARG M 28 10.11 17.02 -27.15
N THR M 29 10.34 16.41 -25.99
CA THR M 29 11.61 16.55 -25.29
C THR M 29 12.69 15.71 -25.97
N GLU M 30 13.92 16.21 -25.95
CA GLU M 30 15.05 15.49 -26.53
C GLU M 30 16.26 15.40 -25.62
N CYS M 31 16.44 16.31 -24.68
CA CYS M 31 17.57 16.27 -23.76
C CYS M 31 17.10 16.70 -22.37
N LEU M 32 17.65 16.05 -21.36
CA LEU M 32 17.39 16.39 -19.97
C LEU M 32 18.71 16.70 -19.28
N GLN M 33 18.68 17.68 -18.37
CA GLN M 33 19.87 17.98 -17.57
C GLN M 33 19.46 18.79 -16.35
N PHE M 34 19.66 18.22 -15.17
CA PHE M 34 19.48 18.99 -13.95
C PHE M 34 20.53 20.08 -13.84
N SER M 35 20.32 21.01 -12.94
CA SER M 35 21.34 21.96 -12.56
C SER M 35 22.38 21.22 -11.70
N PRO M 36 23.53 21.82 -11.45
CA PRO M 36 24.53 21.14 -10.61
C PRO M 36 23.98 20.65 -9.28
N CYS M 37 23.04 21.39 -8.70
CA CYS M 37 22.22 20.90 -7.59
C CYS M 37 20.80 20.71 -8.10
N GLY M 38 20.02 19.94 -7.35
CA GLY M 38 18.70 19.61 -7.81
C GLY M 38 17.71 20.76 -7.73
N ASP M 39 17.93 21.79 -8.54
CA ASP M 39 17.11 22.99 -8.52
C ASP M 39 16.32 23.20 -9.80
N TYR M 40 16.97 23.14 -10.95
CA TYR M 40 16.35 23.46 -12.23
C TYR M 40 16.51 22.29 -13.19
N LEU M 41 15.57 22.18 -14.12
CA LEU M 41 15.58 21.13 -15.14
C LEU M 41 15.54 21.79 -16.50
N ALA M 42 16.66 21.75 -17.22
CA ALA M 42 16.80 22.44 -18.50
C ALA M 42 16.41 21.47 -19.62
N LEU M 43 15.19 21.61 -20.12
CA LEU M 43 14.69 20.74 -21.18
C LEU M 43 14.93 21.37 -22.55
N GLY M 44 15.32 20.52 -23.50
CA GLY M 44 15.43 20.91 -24.89
C GLY M 44 14.33 20.31 -25.73
N CYS M 45 13.41 21.14 -26.21
CA CYS M 45 12.19 20.65 -26.83
C CYS M 45 12.46 20.22 -28.27
N ALA M 46 11.37 19.96 -29.00
CA ALA M 46 11.49 19.34 -30.33
C ALA M 46 12.06 20.31 -31.37
N ASN M 47 11.63 21.57 -31.33
CA ASN M 47 11.96 22.53 -32.36
C ASN M 47 12.87 23.64 -31.85
N GLY M 48 13.90 23.26 -31.09
CA GLY M 48 14.82 24.22 -30.54
C GLY M 48 14.30 25.03 -29.37
N ALA M 49 13.04 24.82 -28.98
CA ALA M 49 12.54 25.45 -27.77
C ALA M 49 13.30 24.91 -26.57
N LEU M 50 13.75 25.82 -25.71
CA LEU M 50 14.59 25.46 -24.56
C LEU M 50 13.95 26.06 -23.31
N VAL M 51 13.43 25.21 -22.44
CA VAL M 51 12.75 25.68 -21.25
C VAL M 51 13.57 25.29 -20.03
N ILE M 52 13.34 25.98 -18.92
CA ILE M 52 13.99 25.66 -17.65
C ILE M 52 12.90 25.54 -16.60
N TYR M 53 12.45 24.32 -16.34
CA TYR M 53 11.47 24.12 -15.29
C TYR M 53 12.15 24.23 -13.92
N ASP M 54 11.33 24.42 -12.89
CA ASP M 54 11.80 24.41 -11.52
C ASP M 54 11.22 23.21 -10.79
N MET M 55 12.07 22.51 -10.04
CA MET M 55 11.66 21.27 -9.42
C MET M 55 10.71 21.47 -8.24
N ASP M 56 10.56 22.70 -7.75
CA ASP M 56 9.62 22.94 -6.67
C ASP M 56 8.19 23.11 -7.17
N THR M 57 8.00 23.47 -8.44
CA THR M 57 6.68 23.68 -9.02
C THR M 57 6.38 22.82 -10.23
N PHE M 58 7.40 22.30 -10.92
CA PHE M 58 7.27 21.53 -12.15
C PHE M 58 6.72 22.36 -13.31
N ARG M 59 6.62 23.68 -13.16
CA ARG M 59 6.15 24.57 -14.20
C ARG M 59 7.25 25.55 -14.61
N PRO M 60 7.24 25.98 -15.85
CA PRO M 60 8.40 26.71 -16.37
C PRO M 60 8.77 27.92 -15.53
N ILE M 61 10.04 28.30 -15.59
CA ILE M 61 10.52 29.52 -14.95
C ILE M 61 11.28 30.43 -15.90
N CYS M 62 11.86 29.93 -16.98
CA CYS M 62 12.59 30.79 -17.90
C CYS M 62 12.77 30.07 -19.22
N VAL M 63 12.50 30.79 -20.30
CA VAL M 63 12.71 30.29 -21.65
C VAL M 63 13.81 31.12 -22.30
N PRO M 64 15.06 30.69 -22.25
CA PRO M 64 16.14 31.47 -22.87
C PRO M 64 15.88 31.71 -24.35
N GLY M 65 16.39 32.84 -24.83
CA GLY M 65 16.23 33.19 -26.22
C GLY M 65 14.88 33.73 -26.60
N ASN M 66 14.09 34.20 -25.63
CA ASN M 66 12.76 34.71 -25.95
C ASN M 66 12.86 35.98 -26.77
N MET M 67 13.90 36.79 -26.54
CA MET M 67 14.14 37.95 -27.38
C MET M 67 14.64 37.54 -28.75
N LEU M 68 15.75 36.82 -28.81
CA LEU M 68 16.38 36.47 -30.08
C LEU M 68 17.33 35.29 -29.86
N GLY M 69 17.98 34.88 -30.95
CA GLY M 69 19.05 33.91 -30.88
C GLY M 69 18.66 32.54 -30.37
N ALA M 70 17.38 32.25 -30.22
CA ALA M 70 16.96 30.94 -29.73
C ALA M 70 17.28 29.87 -30.77
N HIS M 71 17.05 28.62 -30.40
CA HIS M 71 17.29 27.50 -31.30
C HIS M 71 16.03 27.20 -32.11
N VAL M 72 16.23 26.61 -33.28
CA VAL M 72 15.14 26.39 -34.23
C VAL M 72 14.81 24.93 -34.46
N ARG M 73 15.69 24.00 -34.11
CA ARG M 73 15.48 22.60 -34.47
C ARG M 73 16.00 21.71 -33.33
N PRO M 74 15.76 20.38 -33.36
CA PRO M 74 16.11 19.52 -32.22
C PRO M 74 17.45 19.81 -31.55
N ILE M 75 17.43 19.97 -30.23
CA ILE M 75 18.62 20.23 -29.44
C ILE M 75 19.25 18.90 -29.08
N THR M 76 20.60 18.88 -29.01
CA THR M 76 21.31 17.64 -28.77
C THR M 76 22.19 17.65 -27.52
N SER M 77 22.41 18.79 -26.88
CA SER M 77 23.23 18.77 -25.67
C SER M 77 22.93 20.00 -24.81
N ILE M 78 22.90 19.78 -23.50
CA ILE M 78 22.66 20.83 -22.50
C ILE M 78 23.60 20.58 -21.34
N ALA M 79 24.60 21.45 -21.16
CA ALA M 79 25.60 21.31 -20.12
C ALA M 79 25.59 22.53 -19.22
N TRP M 80 25.42 22.31 -17.92
CA TRP M 80 25.42 23.39 -16.96
C TRP M 80 26.84 23.74 -16.53
N SER M 81 26.97 24.89 -15.87
CA SER M 81 28.25 25.29 -15.31
C SER M 81 28.28 24.98 -13.82
N PRO M 82 29.42 24.53 -13.30
CA PRO M 82 29.49 24.07 -11.90
C PRO M 82 28.91 25.05 -10.90
N ASP M 83 29.01 26.35 -11.15
CA ASP M 83 28.39 27.32 -10.25
C ASP M 83 26.87 27.34 -10.41
N GLY M 84 26.40 27.33 -11.65
CA GLY M 84 24.98 27.43 -11.94
C GLY M 84 24.62 28.61 -12.82
N ARG M 85 25.57 29.49 -13.11
CA ARG M 85 25.28 30.72 -13.85
C ARG M 85 25.20 30.46 -15.36
N LEU M 86 26.29 29.99 -15.95
CA LEU M 86 26.35 29.82 -17.39
C LEU M 86 25.71 28.50 -17.81
N LEU M 87 25.24 28.45 -19.05
CA LEU M 87 24.59 27.26 -19.57
C LEU M 87 24.92 27.10 -21.04
N LEU M 88 25.56 26.00 -21.41
CA LEU M 88 25.90 25.71 -22.80
C LEU M 88 24.86 24.79 -23.40
N THR M 89 24.48 25.06 -24.64
CA THR M 89 23.61 24.15 -25.36
C THR M 89 24.07 24.04 -26.81
N SER M 90 23.67 22.94 -27.43
CA SER M 90 23.98 22.71 -28.84
C SER M 90 22.85 21.90 -29.44
N SER M 91 22.50 22.23 -30.68
CA SER M 91 21.38 21.62 -31.37
C SER M 91 21.83 21.05 -32.71
N ARG M 92 20.87 20.60 -33.52
CA ARG M 92 21.18 20.19 -34.88
C ARG M 92 21.30 21.35 -35.84
N ASP M 93 21.14 22.59 -35.36
CA ASP M 93 21.33 23.78 -36.16
C ASP M 93 22.80 24.16 -36.29
N TRP M 94 23.71 23.26 -35.94
CA TRP M 94 25.16 23.40 -36.07
C TRP M 94 25.74 24.42 -35.11
N SER M 95 24.92 25.09 -34.32
CA SER M 95 25.37 26.21 -33.49
C SER M 95 25.51 25.77 -32.04
N ILE M 96 26.55 26.29 -31.38
CA ILE M 96 26.77 26.10 -29.96
C ILE M 96 26.56 27.45 -29.28
N LYS M 97 25.61 27.49 -28.35
CA LYS M 97 25.18 28.75 -27.75
C LYS M 97 25.37 28.69 -26.24
N LEU M 98 26.19 29.60 -25.73
CA LEU M 98 26.40 29.75 -24.29
C LEU M 98 25.60 30.94 -23.79
N TRP M 99 24.80 30.71 -22.75
CA TRP M 99 23.88 31.68 -22.22
C TRP M 99 24.29 32.06 -20.80
N ASP M 100 24.33 33.35 -20.54
CA ASP M 100 24.48 33.86 -19.18
C ASP M 100 23.09 33.99 -18.59
N LEU M 101 22.78 33.17 -17.59
CA LEU M 101 21.42 33.12 -17.05
C LEU M 101 21.09 34.31 -16.17
N SER M 102 21.92 35.36 -16.16
CA SER M 102 21.53 36.61 -15.53
C SER M 102 20.85 37.55 -16.52
N LYS M 103 20.95 37.29 -17.81
CA LYS M 103 20.23 38.03 -18.85
C LYS M 103 19.78 37.03 -19.89
N PRO M 104 18.75 36.25 -19.58
CA PRO M 104 18.36 35.12 -20.45
C PRO M 104 17.49 35.51 -21.64
N SER M 105 17.38 36.79 -21.98
CA SER M 105 16.58 37.18 -23.13
C SER M 105 17.25 36.77 -24.43
N LYS M 106 18.58 36.91 -24.50
CA LYS M 106 19.35 36.65 -25.71
C LYS M 106 20.56 35.80 -25.36
N PRO M 107 21.11 35.09 -26.34
CA PRO M 107 22.34 34.33 -26.09
C PRO M 107 23.51 35.25 -25.82
N LEU M 108 24.32 34.88 -24.83
CA LEU M 108 25.52 35.66 -24.54
C LEU M 108 26.56 35.48 -25.63
N LYS M 109 26.92 34.23 -25.91
CA LYS M 109 27.88 33.94 -26.98
C LYS M 109 27.37 32.77 -27.79
N GLU M 110 27.88 32.65 -29.00
CA GLU M 110 27.48 31.55 -29.87
C GLU M 110 28.49 31.40 -30.99
N ILE M 111 28.60 30.17 -31.49
CA ILE M 111 29.47 29.84 -32.61
C ILE M 111 28.71 28.91 -33.54
N ARG M 112 29.16 28.84 -34.79
CA ARG M 112 28.48 28.08 -35.82
C ARG M 112 29.48 27.18 -36.53
N PHE M 113 28.96 26.09 -37.08
CA PHE M 113 29.78 25.01 -37.64
C PHE M 113 29.31 24.60 -39.02
N ASP M 114 29.81 23.46 -39.51
CA ASP M 114 29.48 22.97 -40.85
C ASP M 114 28.88 21.57 -40.81
N SER M 115 28.26 21.20 -39.68
CA SER M 115 27.73 19.87 -39.49
C SER M 115 26.93 19.81 -38.18
N PRO M 116 25.96 18.90 -38.06
CA PRO M 116 25.21 18.80 -36.80
C PRO M 116 26.10 18.35 -35.65
N ILE M 117 25.59 18.52 -34.44
CA ILE M 117 26.37 18.33 -33.23
C ILE M 117 25.85 17.09 -32.50
N TRP M 118 26.76 16.40 -31.81
CA TRP M 118 26.40 15.30 -30.92
C TRP M 118 26.39 15.70 -29.45
N GLY M 119 27.37 16.48 -29.01
CA GLY M 119 27.43 16.88 -27.62
C GLY M 119 28.52 17.88 -27.29
N CYS M 120 28.21 18.83 -26.41
CA CYS M 120 29.18 19.79 -25.91
C CYS M 120 29.43 19.54 -24.43
N GLN M 121 30.65 19.84 -23.98
CA GLN M 121 31.05 19.58 -22.61
C GLN M 121 31.86 20.74 -22.07
N TRP M 122 31.67 21.05 -20.79
CA TRP M 122 32.29 22.21 -20.17
C TRP M 122 33.71 21.90 -19.70
N LEU M 123 34.53 22.91 -19.72
CA LEU M 123 35.82 22.94 -19.03
C LEU M 123 35.91 24.33 -18.42
N ASP M 124 35.87 24.41 -17.09
CA ASP M 124 35.85 25.66 -16.34
C ASP M 124 34.68 26.53 -16.79
N ARG M 127 37.98 29.60 -15.98
CA ARG M 127 38.09 29.81 -17.41
C ARG M 127 36.80 29.45 -18.11
N ARG M 128 36.84 29.42 -19.45
CA ARG M 128 35.65 29.12 -20.26
C ARG M 128 36.13 28.43 -21.53
N LEU M 129 36.01 27.11 -21.57
CA LEU M 129 36.38 26.40 -22.80
C LEU M 129 35.63 25.08 -22.89
N CYS M 130 34.92 24.87 -23.99
CA CYS M 130 34.12 23.67 -24.17
C CYS M 130 34.78 22.73 -25.17
N VAL M 131 34.37 21.48 -25.12
CA VAL M 131 34.83 20.43 -26.01
C VAL M 131 33.63 19.82 -26.70
N ALA M 132 33.67 19.76 -28.03
CA ALA M 132 32.51 19.40 -28.83
C ALA M 132 32.85 18.27 -29.80
N THR M 133 31.83 17.46 -30.10
CA THR M 133 31.93 16.37 -31.07
C THR M 133 30.97 16.65 -32.21
N ILE M 134 31.48 16.69 -33.42
CA ILE M 134 30.70 17.05 -34.59
C ILE M 134 30.31 15.78 -35.34
N PHE M 135 29.20 15.87 -36.07
CA PHE M 135 28.70 14.72 -36.83
C PHE M 135 29.67 14.37 -37.95
N GLU M 136 30.01 13.08 -38.03
CA GLU M 136 30.76 12.50 -39.14
C GLU M 136 32.24 12.87 -39.12
N GLU M 137 32.63 13.77 -38.24
CA GLU M 137 34.03 14.15 -38.16
C GLU M 137 34.80 13.15 -37.32
N SER M 138 36.14 13.24 -37.39
CA SER M 138 37.02 12.31 -36.69
C SER M 138 37.95 13.02 -35.70
N ASP M 139 37.57 14.22 -35.26
CA ASP M 139 38.34 14.95 -34.26
C ASP M 139 37.38 15.80 -33.44
N ALA M 140 37.73 16.02 -32.18
CA ALA M 140 36.94 16.88 -31.32
C ALA M 140 37.35 18.34 -31.55
N TYR M 141 36.61 19.25 -30.91
CA TYR M 141 36.86 20.68 -31.06
C TYR M 141 36.96 21.32 -29.68
N VAL M 142 37.96 22.17 -29.50
CA VAL M 142 38.11 22.96 -28.29
C VAL M 142 37.73 24.40 -28.64
N ILE M 143 36.64 24.87 -28.07
CA ILE M 143 36.16 26.22 -28.30
C ILE M 143 36.35 26.98 -26.99
N ASP M 144 37.41 27.76 -26.91
CA ASP M 144 37.73 28.55 -25.72
C ASP M 144 37.17 29.96 -25.95
N PHE M 145 35.85 30.03 -26.05
CA PHE M 145 35.18 31.22 -26.59
C PHE M 145 34.82 32.18 -25.45
N SER M 146 35.82 32.90 -25.00
CA SER M 146 35.63 34.17 -24.32
C SER M 146 35.63 35.33 -25.31
N ASN M 147 36.15 35.11 -26.53
CA ASN M 147 36.07 36.05 -27.64
C ASN M 147 35.71 35.34 -28.94
N ASP M 148 35.20 34.11 -28.84
CA ASP M 148 34.80 33.20 -29.92
C ASP M 148 35.96 32.76 -30.83
N PRO M 149 37.03 32.14 -30.28
CA PRO M 149 37.91 31.34 -31.14
C PRO M 149 37.58 29.86 -31.08
N VAL M 150 37.91 29.12 -32.14
CA VAL M 150 37.69 27.68 -32.20
C VAL M 150 38.97 27.02 -32.68
N ALA M 151 39.28 25.85 -32.12
CA ALA M 151 40.45 25.08 -32.55
C ALA M 151 40.08 23.60 -32.55
N SER M 152 40.92 22.81 -33.20
CA SER M 152 40.76 21.37 -33.26
C SER M 152 41.86 20.71 -32.43
N LEU M 153 41.83 19.38 -32.42
CA LEU M 153 42.82 18.61 -31.65
C LEU M 153 43.99 18.19 -32.54
N HIS M 168 40.91 5.60 -37.13
CA HIS M 168 40.06 4.90 -36.17
C HIS M 168 38.60 5.27 -36.36
N GLY M 169 38.16 5.39 -37.61
CA GLY M 169 36.79 5.73 -37.91
C GLY M 169 36.42 7.16 -37.59
N TYR M 170 35.48 7.34 -36.65
CA TYR M 170 34.97 8.66 -36.34
C TYR M 170 35.13 8.98 -34.86
N VAL M 171 34.51 10.06 -34.40
CA VAL M 171 34.41 10.37 -32.98
C VAL M 171 32.93 10.64 -32.68
N LEU M 172 32.35 9.86 -31.77
CA LEU M 172 30.95 10.03 -31.42
C LEU M 172 30.76 10.78 -30.10
N VAL M 173 31.31 10.23 -29.01
CA VAL M 173 31.09 10.78 -27.68
C VAL M 173 32.43 11.17 -27.07
N CYS M 174 32.43 12.31 -26.39
CA CYS M 174 33.60 12.76 -25.65
C CYS M 174 33.19 12.97 -24.19
N THR M 175 34.19 12.93 -23.32
CA THR M 175 33.98 13.16 -21.89
C THR M 175 35.32 13.46 -21.25
N VAL M 176 35.34 14.43 -20.36
CA VAL M 176 36.55 14.78 -19.64
C VAL M 176 36.57 14.04 -18.32
N HIS M 177 37.76 13.62 -17.90
CA HIS M 177 37.89 12.91 -16.64
C HIS M 177 37.54 13.83 -15.48
N THR M 178 36.99 13.26 -14.42
CA THR M 178 36.48 14.05 -13.31
C THR M 178 37.59 14.53 -12.38
N LYS M 179 38.48 13.62 -11.97
CA LYS M 179 39.53 13.99 -11.03
C LYS M 179 40.60 14.83 -11.70
N HIS M 180 41.01 14.45 -12.91
CA HIS M 180 42.06 15.13 -13.65
C HIS M 180 41.45 15.80 -14.88
N PRO M 181 41.01 17.06 -14.78
CA PRO M 181 40.34 17.70 -15.91
C PRO M 181 41.22 17.92 -17.12
N ASN M 182 42.49 17.54 -17.08
CA ASN M 182 43.32 17.60 -18.28
C ASN M 182 43.11 16.38 -19.17
N ILE M 183 42.81 15.23 -18.57
CA ILE M 183 42.52 14.04 -19.35
C ILE M 183 41.21 14.22 -20.10
N ILE M 184 41.16 13.69 -21.32
CA ILE M 184 39.97 13.69 -22.15
C ILE M 184 39.80 12.29 -22.72
N ILE M 185 38.56 11.83 -22.81
CA ILE M 185 38.25 10.51 -23.35
C ILE M 185 37.33 10.68 -24.56
N VAL M 186 37.51 9.82 -25.56
CA VAL M 186 36.66 9.87 -26.73
C VAL M 186 36.46 8.46 -27.26
N GLY M 187 35.27 8.19 -27.78
CA GLY M 187 34.92 6.91 -28.36
C GLY M 187 34.71 7.05 -29.86
N THR M 188 35.13 6.04 -30.61
CA THR M 188 35.10 6.08 -32.06
C THR M 188 33.86 5.36 -32.60
N SER M 189 33.64 5.53 -33.90
CA SER M 189 32.62 4.79 -34.62
C SER M 189 33.10 3.42 -35.06
N LYS M 190 34.25 2.96 -34.56
CA LYS M 190 34.77 1.67 -34.98
C LYS M 190 35.29 0.84 -33.81
N GLY M 191 35.12 1.28 -32.57
CA GLY M 191 35.46 0.49 -31.41
C GLY M 191 36.66 0.95 -30.62
N TRP M 192 37.19 2.13 -30.90
CA TRP M 192 38.42 2.61 -30.27
C TRP M 192 38.11 3.62 -29.19
N LEU M 193 38.65 3.36 -28.00
CA LEU M 193 38.82 4.38 -26.97
C LEU M 193 40.12 5.11 -27.24
N ASP M 194 40.07 6.44 -27.22
CA ASP M 194 41.24 7.28 -27.40
C ASP M 194 41.28 8.31 -26.28
N PHE M 195 42.43 8.41 -25.61
CA PHE M 195 42.61 9.35 -24.52
C PHE M 195 43.52 10.47 -24.97
N TYR M 196 43.34 11.64 -24.35
CA TYR M 196 44.06 12.84 -24.72
C TYR M 196 44.50 13.54 -23.44
N LYS M 197 45.62 14.26 -23.51
CA LYS M 197 46.12 15.02 -22.38
C LYS M 197 46.13 16.49 -22.76
N PHE M 198 45.25 17.28 -22.14
CA PHE M 198 45.15 18.71 -22.43
C PHE M 198 46.30 19.46 -21.74
N HIS M 199 47.52 19.02 -22.05
CA HIS M 199 48.73 19.58 -21.48
C HIS M 199 49.03 20.97 -21.99
N SER M 200 48.23 21.48 -22.92
CA SER M 200 48.47 22.78 -23.55
C SER M 200 47.13 23.46 -23.77
N LEU M 201 47.14 24.49 -24.61
CA LEU M 201 45.92 25.22 -24.96
C LEU M 201 45.25 24.67 -26.21
N TYR M 202 45.98 24.55 -27.31
CA TYR M 202 45.43 23.98 -28.54
C TYR M 202 46.42 23.04 -29.20
N GLN M 203 47.09 22.21 -28.41
CA GLN M 203 47.90 21.12 -28.95
C GLN M 203 47.90 19.98 -27.95
N THR M 204 47.28 18.86 -28.33
CA THR M 204 47.07 17.75 -27.42
C THR M 204 47.46 16.44 -28.09
N GLU M 205 48.39 15.72 -27.48
CA GLU M 205 48.83 14.42 -27.97
C GLU M 205 48.19 13.31 -27.13
N CYS M 206 47.76 12.25 -27.82
CA CYS M 206 47.18 11.09 -27.16
C CYS M 206 48.15 10.51 -26.13
N ILE M 207 47.61 9.73 -25.20
CA ILE M 207 48.41 9.08 -24.17
C ILE M 207 48.07 7.59 -24.14
N HIS M 208 46.98 7.21 -24.77
CA HIS M 208 46.54 5.81 -24.75
C HIS M 208 45.43 5.63 -25.76
N SER M 209 45.41 4.46 -26.39
CA SER M 209 44.31 4.11 -27.28
C SER M 209 44.16 2.60 -27.25
N LEU M 210 42.98 2.13 -27.65
CA LEU M 210 42.73 0.69 -27.75
C LEU M 210 41.40 0.48 -28.45
N LYS M 211 41.12 -0.79 -28.77
CA LYS M 211 39.92 -1.18 -29.50
C LYS M 211 39.33 -2.39 -28.80
N ILE M 212 38.15 -2.22 -28.21
CA ILE M 212 37.53 -3.28 -27.42
C ILE M 212 36.38 -3.97 -28.13
N THR M 213 35.80 -3.36 -29.17
CA THR M 213 34.68 -3.95 -29.88
C THR M 213 34.88 -3.75 -31.37
N SER M 214 33.90 -4.22 -32.15
CA SER M 214 33.86 -4.01 -33.58
C SER M 214 32.70 -3.11 -33.98
N SER M 215 32.00 -2.53 -33.01
CA SER M 215 30.82 -1.72 -33.27
C SER M 215 31.02 -0.33 -32.67
N ASN M 216 30.06 0.56 -32.94
CA ASN M 216 30.17 1.94 -32.50
C ASN M 216 29.99 2.04 -30.99
N ILE M 217 30.87 2.81 -30.35
CA ILE M 217 30.64 3.23 -28.99
C ILE M 217 29.60 4.35 -29.00
N LYS M 218 28.66 4.30 -28.06
CA LYS M 218 27.57 5.27 -28.04
C LYS M 218 27.53 6.12 -26.78
N HIS M 219 28.19 5.71 -25.70
CA HIS M 219 28.18 6.48 -24.46
C HIS M 219 29.47 6.24 -23.70
N LEU M 220 29.96 7.29 -23.04
CA LEU M 220 31.16 7.21 -22.22
C LEU M 220 30.90 7.96 -20.93
N ILE M 221 30.55 7.22 -19.89
CA ILE M 221 30.28 7.80 -18.58
C ILE M 221 31.38 7.36 -17.61
N VAL M 222 31.62 8.19 -16.61
CA VAL M 222 32.70 7.98 -15.65
C VAL M 222 32.20 8.43 -14.28
N SER M 223 32.49 7.63 -13.26
CA SER M 223 32.10 7.98 -11.90
C SER M 223 32.74 9.30 -11.49
N GLN M 224 32.25 9.85 -10.38
CA GLN M 224 32.74 11.14 -9.91
C GLN M 224 34.15 11.08 -9.34
N ASN M 225 34.68 9.87 -9.08
CA ASN M 225 36.01 9.73 -8.52
C ASN M 225 36.92 8.90 -9.41
N GLY M 226 36.67 8.94 -10.72
CA GLY M 226 37.56 8.32 -11.69
C GLY M 226 37.89 6.86 -11.47
N GLU M 227 37.17 6.19 -10.59
CA GLU M 227 37.47 4.80 -10.24
C GLU M 227 36.59 3.81 -10.98
N ARG M 228 35.86 4.25 -12.00
CA ARG M 228 35.01 3.37 -12.79
C ARG M 228 34.73 4.03 -14.13
N LEU M 229 34.32 3.22 -15.10
CA LEU M 229 33.95 3.70 -16.42
C LEU M 229 33.02 2.68 -17.06
N ALA M 230 32.08 3.16 -17.87
CA ALA M 230 31.15 2.29 -18.55
C ALA M 230 31.07 2.69 -20.02
N ILE M 231 30.66 1.73 -20.84
CA ILE M 231 30.63 1.90 -22.29
C ILE M 231 29.43 1.12 -22.85
N ASN M 232 28.68 1.76 -23.74
CA ASN M 232 27.53 1.15 -24.38
C ASN M 232 27.89 0.92 -25.85
N CYS M 233 28.12 -0.34 -26.20
CA CYS M 233 28.44 -0.67 -27.57
C CYS M 233 27.17 -0.78 -28.40
N SER M 234 27.33 -0.72 -29.73
CA SER M 234 26.20 -1.00 -30.60
C SER M 234 25.80 -2.46 -30.51
N ASP M 235 26.75 -3.34 -30.28
CA ASP M 235 26.44 -4.66 -29.75
C ASP M 235 25.66 -4.49 -28.45
N ARG M 236 24.68 -5.37 -28.22
CA ARG M 236 23.73 -5.25 -27.09
C ARG M 236 24.41 -5.58 -25.76
N THR M 237 25.57 -4.99 -25.48
CA THR M 237 26.26 -5.25 -24.22
C THR M 237 26.74 -3.93 -23.63
N ILE M 238 26.99 -3.97 -22.32
CA ILE M 238 27.52 -2.84 -21.57
C ILE M 238 28.83 -3.29 -20.95
N ARG M 239 29.92 -2.64 -21.27
CA ARG M 239 31.25 -2.98 -20.79
C ARG M 239 31.63 -2.03 -19.65
N GLN M 240 31.90 -2.54 -18.49
CA GLN M 240 32.25 -1.73 -17.32
C GLN M 240 33.67 -2.06 -16.91
N TYR M 241 34.53 -1.04 -16.93
CA TYR M 241 35.94 -1.11 -16.57
C TYR M 241 36.21 -0.33 -15.29
N GLU M 242 37.35 -0.64 -14.67
CA GLU M 242 37.84 0.09 -13.51
C GLU M 242 39.12 0.82 -13.91
N ILE M 243 38.96 2.06 -14.41
CA ILE M 243 40.10 2.84 -14.87
C ILE M 243 40.88 3.40 -13.67
N SER M 244 42.12 3.78 -13.93
CA SER M 244 42.97 4.44 -12.95
C SER M 244 44.04 5.22 -13.68
N ILE M 245 44.40 6.39 -13.16
CA ILE M 245 45.38 7.26 -13.78
C ILE M 245 46.48 7.57 -12.76
N ASP M 246 47.67 7.87 -13.26
CA ASP M 246 48.82 8.18 -12.42
C ASP M 246 49.90 8.78 -13.30
N ASP M 247 51.09 9.01 -12.72
CA ASP M 247 52.29 9.41 -13.45
C ASP M 247 52.09 10.70 -14.24
N GLU M 248 51.86 11.78 -13.50
CA GLU M 248 51.71 13.14 -14.05
C GLU M 248 50.83 13.12 -15.30
N ASN M 249 49.75 12.33 -15.22
CA ASN M 249 48.83 12.10 -16.32
C ASN M 249 49.52 11.39 -17.48
N SER M 250 50.20 10.30 -17.17
CA SER M 250 50.71 9.41 -18.21
C SER M 250 50.32 7.95 -17.98
N ALA M 251 50.31 7.49 -16.73
CA ALA M 251 49.96 6.11 -16.43
C ALA M 251 48.44 5.93 -16.56
N VAL M 252 48.03 5.02 -17.44
CA VAL M 252 46.62 4.79 -17.70
C VAL M 252 46.41 3.35 -18.14
N GLU M 253 45.50 2.66 -17.46
CA GLU M 253 45.21 1.27 -17.76
C GLU M 253 43.73 1.00 -17.59
N LEU M 254 43.27 -0.11 -18.14
CA LEU M 254 41.88 -0.54 -18.04
C LEU M 254 41.83 -2.00 -17.65
N THR M 255 40.90 -2.35 -16.76
CA THR M 255 40.68 -3.71 -16.32
C THR M 255 39.20 -4.01 -16.47
N LEU M 256 38.87 -4.96 -17.34
CA LEU M 256 37.48 -5.33 -17.53
C LEU M 256 36.88 -5.82 -16.23
N GLU M 257 35.78 -5.17 -15.81
CA GLU M 257 35.11 -5.53 -14.58
C GLU M 257 33.84 -6.33 -14.82
N HIS M 258 32.98 -5.89 -15.76
CA HIS M 258 31.74 -6.61 -15.99
C HIS M 258 31.21 -6.34 -17.38
N LYS M 259 30.28 -7.20 -17.80
CA LYS M 259 29.51 -7.01 -19.02
C LYS M 259 28.05 -7.31 -18.71
N TYR M 260 27.18 -6.36 -18.98
CA TYR M 260 25.76 -6.50 -18.78
C TYR M 260 25.03 -6.61 -20.10
N GLN M 261 23.89 -7.29 -20.09
CA GLN M 261 23.08 -7.43 -21.30
C GLN M 261 21.70 -7.96 -20.90
N ASP M 262 20.82 -8.05 -21.89
CA ASP M 262 19.46 -8.53 -21.70
C ASP M 262 19.41 -9.99 -22.14
N VAL M 263 19.33 -10.89 -21.16
CA VAL M 263 19.41 -12.32 -21.44
C VAL M 263 18.15 -12.88 -22.09
N ILE M 264 17.01 -12.19 -21.97
CA ILE M 264 15.76 -12.75 -22.46
C ILE M 264 15.56 -12.43 -23.94
N ASN M 265 15.49 -11.14 -24.28
CA ASN M 265 15.15 -10.72 -25.63
C ASN M 265 16.21 -9.86 -26.28
N LYS M 266 17.41 -9.76 -25.70
CA LYS M 266 18.57 -9.13 -26.32
C LYS M 266 18.26 -7.73 -26.84
N LEU M 267 17.61 -6.94 -25.99
CA LEU M 267 17.30 -5.56 -26.36
C LEU M 267 18.55 -4.70 -26.33
N GLN M 268 18.46 -3.53 -26.95
CA GLN M 268 19.57 -2.58 -27.00
C GLN M 268 19.34 -1.47 -25.99
N TRP M 269 20.41 -0.71 -25.73
CA TRP M 269 20.41 0.32 -24.70
C TRP M 269 20.40 1.71 -25.33
N ASN M 270 19.70 2.64 -24.68
CA ASN M 270 19.58 4.01 -25.17
C ASN M 270 20.42 5.00 -24.39
N CYS M 271 20.60 4.80 -23.09
CA CYS M 271 21.45 5.66 -22.28
C CYS M 271 21.78 4.94 -20.98
N ILE M 272 22.92 5.31 -20.40
CA ILE M 272 23.41 4.69 -19.18
C ILE M 272 23.87 5.78 -18.22
N LEU M 273 24.02 5.41 -16.96
CA LEU M 273 24.35 6.37 -15.91
C LEU M 273 24.82 5.63 -14.68
N PHE M 274 25.60 6.33 -13.84
CA PHE M 274 26.11 5.78 -12.59
C PHE M 274 25.42 6.41 -11.38
N SER M 275 25.86 5.95 -10.21
CA SER M 275 25.52 6.56 -8.93
C SER M 275 26.40 7.79 -8.71
N ASN M 276 26.45 8.30 -7.48
CA ASN M 276 27.02 9.62 -7.27
C ASN M 276 28.56 9.59 -7.24
N ASN M 277 29.15 8.93 -6.25
CA ASN M 277 30.59 9.03 -6.05
C ASN M 277 31.31 7.70 -6.26
N THR M 278 30.94 6.66 -5.52
CA THR M 278 31.54 5.35 -5.70
C THR M 278 30.89 4.55 -6.81
N ALA M 279 29.80 5.06 -7.38
CA ALA M 279 29.08 4.42 -8.47
C ALA M 279 28.73 2.98 -8.12
N GLU M 280 28.01 2.82 -7.02
CA GLU M 280 27.59 1.50 -6.59
C GLU M 280 26.37 0.99 -7.34
N TYR M 281 25.88 1.73 -8.33
CA TYR M 281 24.70 1.32 -9.07
C TYR M 281 24.80 1.86 -10.49
N LEU M 282 24.30 1.07 -11.45
CA LEU M 282 24.31 1.43 -12.85
C LEU M 282 22.89 1.37 -13.39
N VAL M 283 22.43 2.46 -13.99
CA VAL M 283 21.08 2.60 -14.49
C VAL M 283 21.13 2.69 -16.00
N ALA M 284 20.34 1.86 -16.68
CA ALA M 284 20.34 1.83 -18.13
C ALA M 284 18.91 1.80 -18.64
N SER M 285 18.72 2.32 -19.85
CA SER M 285 17.41 2.40 -20.48
C SER M 285 17.42 1.60 -21.77
N THR M 286 16.46 0.69 -21.90
CA THR M 286 16.40 -0.19 -23.05
C THR M 286 15.74 0.48 -24.25
N HIS M 287 15.96 -0.10 -25.43
CA HIS M 287 15.67 0.58 -26.70
C HIS M 287 14.72 -0.16 -27.62
N GLY M 288 14.71 -1.49 -27.60
CA GLY M 288 13.88 -2.24 -28.52
C GLY M 288 12.40 -2.00 -28.37
N SER M 289 11.59 -2.71 -29.16
CA SER M 289 10.15 -2.63 -29.00
C SER M 289 9.73 -3.35 -27.72
N SER M 290 8.53 -2.99 -27.24
CA SER M 290 8.00 -3.52 -25.99
C SER M 290 8.91 -3.22 -24.80
N ALA M 291 9.75 -2.20 -24.92
CA ALA M 291 10.74 -1.86 -23.91
C ALA M 291 10.32 -0.55 -23.25
N HIS M 292 9.89 -0.62 -21.99
CA HIS M 292 9.36 0.54 -21.30
C HIS M 292 10.02 0.76 -19.94
N GLU M 293 11.05 -0.01 -19.60
CA GLU M 293 11.56 -0.09 -18.24
C GLU M 293 13.03 0.32 -18.19
N LEU M 294 13.48 0.67 -16.98
CA LEU M 294 14.89 0.98 -16.73
C LEU M 294 15.48 -0.12 -15.86
N TYR M 295 16.68 -0.58 -16.23
CA TYR M 295 17.35 -1.58 -15.41
C TYR M 295 18.34 -0.90 -14.46
N ILE M 296 18.51 -1.50 -13.29
CA ILE M 296 19.42 -0.98 -12.27
C ILE M 296 20.19 -2.17 -11.71
N TRP M 297 21.48 -2.24 -12.02
CA TRP M 297 22.37 -3.27 -11.53
C TRP M 297 23.31 -2.68 -10.47
N GLU M 298 23.96 -3.57 -9.73
CA GLU M 298 25.12 -3.18 -8.94
C GLU M 298 26.33 -3.06 -9.85
N THR M 299 27.50 -2.82 -9.26
CA THR M 299 28.70 -2.73 -10.07
C THR M 299 29.80 -3.62 -9.49
N THR M 300 29.80 -3.82 -8.17
CA THR M 300 30.74 -4.75 -7.57
C THR M 300 30.48 -6.18 -8.07
N SER M 301 29.31 -6.71 -7.76
CA SER M 301 28.94 -8.06 -8.20
C SER M 301 28.29 -8.06 -9.57
N GLY M 302 27.63 -6.98 -9.97
CA GLY M 302 27.04 -6.89 -11.29
C GLY M 302 25.69 -7.53 -11.45
N THR M 303 25.04 -7.94 -10.36
CA THR M 303 23.77 -8.63 -10.45
C THR M 303 22.62 -7.63 -10.48
N LEU M 304 21.58 -7.96 -11.24
CA LEU M 304 20.42 -7.09 -11.34
C LEU M 304 19.73 -6.97 -9.99
N VAL M 305 19.38 -5.73 -9.63
CA VAL M 305 18.75 -5.51 -8.34
C VAL M 305 17.41 -4.81 -8.48
N ARG M 306 17.22 -4.01 -9.53
CA ARG M 306 15.93 -3.33 -9.67
C ARG M 306 15.58 -3.12 -11.13
N VAL M 307 14.28 -2.95 -11.36
CA VAL M 307 13.74 -2.59 -12.68
C VAL M 307 12.68 -1.52 -12.46
N LEU M 308 12.99 -0.28 -12.81
CA LEU M 308 12.01 0.79 -12.79
C LEU M 308 10.95 0.53 -13.86
N GLU M 309 9.69 0.60 -13.44
CA GLU M 309 8.55 0.07 -14.18
C GLU M 309 7.40 1.07 -14.23
N GLY M 310 7.71 2.32 -14.55
CA GLY M 310 6.68 3.35 -14.48
C GLY M 310 6.07 3.75 -15.81
N ALA M 311 6.90 3.92 -16.83
CA ALA M 311 6.44 4.51 -18.08
C ALA M 311 5.68 3.48 -18.91
N GLU M 312 5.21 3.93 -20.08
CA GLU M 312 4.50 3.08 -21.03
C GLU M 312 5.02 3.29 -22.45
N GLU M 313 6.30 3.60 -22.59
CA GLU M 313 6.86 3.92 -23.90
C GLU M 313 8.37 3.83 -23.82
N GLU M 314 8.99 3.62 -24.97
CA GLU M 314 10.44 3.63 -25.08
C GLU M 314 11.01 4.89 -24.44
N LEU M 315 11.96 4.71 -23.52
CA LEU M 315 12.56 5.81 -22.79
C LEU M 315 13.95 6.10 -23.33
N ILE M 316 14.18 7.35 -23.73
CA ILE M 316 15.43 7.71 -24.40
C ILE M 316 16.52 8.07 -23.39
N ASP M 317 16.30 9.11 -22.61
CA ASP M 317 17.36 9.72 -21.82
C ASP M 317 17.11 9.51 -20.33
N ILE M 318 18.18 9.67 -19.55
CA ILE M 318 18.15 9.45 -18.11
C ILE M 318 18.96 10.56 -17.44
N ASN M 319 18.52 10.94 -16.24
CA ASN M 319 19.32 11.87 -15.44
C ASN M 319 19.03 11.65 -13.97
N TRP M 320 20.09 11.58 -13.17
CA TRP M 320 19.98 11.34 -11.73
C TRP M 320 20.36 12.60 -10.98
N ASP M 321 19.62 12.90 -9.93
CA ASP M 321 19.90 14.04 -9.06
C ASP M 321 20.06 13.51 -7.64
N PHE M 322 21.23 13.75 -7.06
CA PHE M 322 21.59 13.12 -5.79
C PHE M 322 21.16 13.93 -4.57
N TYR M 323 20.87 15.22 -4.74
CA TYR M 323 20.38 16.00 -3.60
C TYR M 323 18.95 15.62 -3.26
N SER M 324 18.04 15.80 -4.22
CA SER M 324 16.69 15.30 -4.06
C SER M 324 16.60 13.79 -4.33
N MET M 325 17.63 13.20 -4.92
CA MET M 325 17.70 11.77 -5.20
C MET M 325 16.50 11.33 -6.04
N SER M 326 16.44 11.85 -7.31
CA SER M 326 15.37 11.52 -8.24
C SER M 326 15.96 11.17 -9.61
N ILE M 327 15.28 10.25 -10.29
CA ILE M 327 15.61 9.85 -11.65
C ILE M 327 14.58 10.47 -12.57
N VAL M 328 15.04 11.09 -13.65
CA VAL M 328 14.18 11.77 -14.60
C VAL M 328 14.44 11.18 -15.98
N SER M 329 13.38 10.92 -16.74
CA SER M 329 13.55 10.33 -18.05
C SER M 329 12.42 10.77 -18.98
N ASN M 330 12.78 11.08 -20.22
CA ASN M 330 11.82 11.60 -21.18
C ASN M 330 11.34 10.48 -22.10
N GLY M 331 10.02 10.39 -22.27
CA GLY M 331 9.45 9.43 -23.19
C GLY M 331 9.80 9.74 -24.62
N PHE M 332 9.56 8.75 -25.49
CA PHE M 332 9.86 8.88 -26.91
C PHE M 332 8.61 9.08 -27.76
N GLU M 333 7.60 8.22 -27.58
CA GLU M 333 6.39 8.35 -28.38
C GLU M 333 5.64 9.63 -28.06
N SER M 334 5.40 9.89 -26.78
CA SER M 334 4.64 11.08 -26.38
C SER M 334 5.52 12.32 -26.34
N GLY M 335 6.56 12.29 -25.51
CA GLY M 335 7.37 13.47 -25.24
C GLY M 335 7.32 13.94 -23.81
N ASN M 336 6.64 13.21 -22.93
CA ASN M 336 6.53 13.58 -21.53
C ASN M 336 7.87 13.37 -20.82
N VAL M 337 7.88 13.66 -19.53
CA VAL M 337 9.06 13.50 -18.68
C VAL M 337 8.60 12.90 -17.36
N TYR M 338 8.95 11.64 -17.13
CA TYR M 338 8.55 10.96 -15.91
C TYR M 338 9.64 11.09 -14.86
N VAL M 339 9.21 11.13 -13.60
CA VAL M 339 10.12 11.30 -12.47
C VAL M 339 9.88 10.18 -11.47
N TRP M 340 10.91 9.41 -11.17
CA TRP M 340 10.89 8.43 -10.10
C TRP M 340 11.70 8.99 -8.94
N SER M 341 11.05 9.19 -7.79
CA SER M 341 11.73 9.79 -6.66
C SER M 341 11.51 8.95 -5.41
N VAL M 342 12.44 9.09 -4.47
CA VAL M 342 12.28 8.46 -3.17
C VAL M 342 11.11 9.11 -2.45
N VAL M 343 10.23 8.29 -1.89
CA VAL M 343 9.02 8.77 -1.22
C VAL M 343 9.13 8.45 0.26
N ILE M 344 8.86 9.43 1.09
CA ILE M 344 8.90 9.29 2.54
C ILE M 344 7.49 9.51 3.06
N PRO M 345 6.91 8.56 3.79
CA PRO M 345 5.53 8.71 4.24
C PRO M 345 5.48 9.54 5.52
N PRO M 346 4.35 10.20 5.78
CA PRO M 346 4.25 11.01 7.00
C PRO M 346 4.11 10.13 8.23
N LYS M 347 4.93 10.43 9.24
CA LYS M 347 4.93 9.67 10.47
C LYS M 347 4.12 10.41 11.53
N TRP M 348 3.02 9.80 11.97
CA TRP M 348 2.26 10.36 13.08
C TRP M 348 3.09 10.47 14.34
N SER M 349 4.18 9.69 14.43
CA SER M 349 5.04 9.69 15.60
C SER M 349 5.58 11.07 15.93
N ALA M 350 5.55 12.01 14.97
CA ALA M 350 6.11 13.33 15.19
C ALA M 350 5.17 14.25 15.95
N LEU M 351 3.86 13.99 15.91
CA LEU M 351 2.85 14.92 16.41
C LEU M 351 3.08 15.32 17.87
N ALA M 352 3.89 14.58 18.61
CA ALA M 352 4.21 14.90 19.99
C ALA M 352 5.69 14.63 20.23
N PRO M 353 6.26 15.14 21.31
CA PRO M 353 7.68 14.88 21.58
C PRO M 353 7.95 13.43 21.97
N ASP M 354 7.03 12.75 22.65
CA ASP M 354 7.20 11.33 22.97
C ASP M 354 5.99 10.57 22.44
N PHE M 355 6.01 10.28 21.14
CA PHE M 355 5.06 9.41 20.44
C PHE M 355 5.93 8.49 19.60
N GLU M 356 6.36 7.37 20.17
CA GLU M 356 7.13 6.38 19.42
C GLU M 356 6.19 5.32 18.89
N GLU M 357 6.14 5.16 17.57
CA GLU M 357 5.25 4.19 16.95
C GLU M 357 5.95 2.84 16.83
N VAL M 358 5.18 1.78 17.07
CA VAL M 358 5.67 0.42 16.93
C VAL M 358 4.93 -0.25 15.79
N GLU M 359 5.40 -1.45 15.43
CA GLU M 359 4.76 -2.25 14.40
C GLU M 359 4.06 -3.49 14.94
N GLU M 360 4.63 -4.12 15.97
CA GLU M 360 4.04 -5.28 16.59
C GLU M 360 3.82 -5.00 18.07
N ASN M 361 2.95 -5.79 18.69
CA ASN M 361 2.69 -5.65 20.11
C ASN M 361 3.96 -5.88 20.91
N VAL M 362 4.47 -4.82 21.53
CA VAL M 362 5.63 -4.93 22.39
C VAL M 362 5.16 -5.36 23.77
N ASP M 363 5.97 -6.17 24.44
CA ASP M 363 5.67 -6.52 25.82
C ASP M 363 6.13 -5.39 26.75
N TYR M 364 5.61 -5.41 27.96
CA TYR M 364 5.88 -4.36 28.93
C TYR M 364 6.48 -4.95 30.19
N LEU M 365 7.57 -4.35 30.66
CA LEU M 365 8.20 -4.73 31.92
C LEU M 365 8.06 -3.57 32.89
N GLU M 366 7.76 -3.88 34.14
CA GLU M 366 7.44 -2.87 35.13
C GLU M 366 8.33 -3.02 36.35
N LYS M 367 8.82 -1.90 36.85
CA LYS M 367 9.58 -1.88 38.09
C LYS M 367 8.62 -1.89 39.28
N GLU M 368 9.14 -2.31 40.43
CA GLU M 368 8.33 -2.35 41.64
C GLU M 368 7.74 -0.99 41.98
N ASP M 369 8.32 0.09 41.43
CA ASP M 369 7.91 1.43 41.82
C ASP M 369 6.55 1.79 41.26
N GLU M 370 6.22 1.29 40.07
CA GLU M 370 5.10 1.86 39.32
C GLU M 370 3.76 1.65 40.01
N PHE M 371 3.61 0.57 40.78
CA PHE M 371 2.39 0.40 41.56
C PHE M 371 2.31 1.36 42.74
N ASP M 372 3.44 1.92 43.17
CA ASP M 372 3.49 2.79 44.34
C ASP M 372 3.49 4.24 43.89
N GLU M 373 2.33 4.87 43.94
CA GLU M 373 2.21 6.29 43.59
C GLU M 373 3.14 7.12 44.47
N VAL M 374 3.82 8.08 43.84
CA VAL M 374 4.83 8.90 44.51
C VAL M 374 5.87 8.03 45.20
N GLU M 386 24.70 27.35 34.88
CA GLU M 386 23.61 26.37 34.99
C GLU M 386 23.74 25.29 33.91
N GLU M 387 23.08 25.52 32.77
CA GLU M 387 23.15 24.54 31.68
C GLU M 387 24.48 24.64 30.95
N GLU M 388 24.75 25.79 30.33
CA GLU M 388 26.04 26.11 29.70
C GLU M 388 26.54 24.96 28.83
N ILE M 389 25.75 24.63 27.82
CA ILE M 389 26.14 23.67 26.79
C ILE M 389 26.63 24.44 25.59
N ALA M 390 27.51 23.81 24.82
CA ALA M 390 28.09 24.46 23.65
C ALA M 390 27.01 24.80 22.63
N ILE M 391 26.96 26.07 22.24
CA ILE M 391 25.94 26.57 21.31
C ILE M 391 26.64 27.39 20.24
N ASP M 392 26.57 26.95 18.99
CA ASP M 392 27.13 27.65 17.85
C ASP M 392 26.03 27.93 16.85
N LEU M 393 25.68 29.21 16.70
CA LEU M 393 24.58 29.61 15.83
C LEU M 393 25.02 30.11 14.47
N ARG M 394 26.29 30.46 14.37
CA ARG M 394 26.80 31.01 13.07
C ARG M 394 27.52 29.93 12.25
N THR M 395 27.83 28.79 12.79
CA THR M 395 28.49 27.73 12.04
C THR M 395 27.46 26.94 11.24
N ARG M 396 27.85 26.55 10.03
CA ARG M 396 26.98 25.81 9.12
C ARG M 396 27.43 24.36 9.03
N GLU M 397 26.52 23.52 8.56
CA GLU M 397 26.78 22.10 8.39
C GLU M 397 27.20 21.83 6.95
N GLN M 398 28.25 21.03 6.77
CA GLN M 398 28.84 20.84 5.45
C GLN M 398 28.16 19.74 4.65
N TYR M 399 27.94 18.59 5.26
CA TYR M 399 27.39 17.43 4.57
C TYR M 399 26.12 16.96 5.27
N ASP M 400 25.17 16.49 4.46
CA ASP M 400 23.90 15.99 4.98
C ASP M 400 24.01 14.50 5.26
N VAL M 401 22.87 13.85 5.49
CA VAL M 401 22.86 12.42 5.78
C VAL M 401 23.37 11.63 4.58
N ARG M 402 22.75 11.90 3.39
CA ARG M 402 23.17 11.19 2.19
C ARG M 402 24.67 11.38 1.92
N GLY M 403 25.17 12.57 2.05
CA GLY M 403 26.57 12.85 1.79
C GLY M 403 26.78 13.87 0.70
N ASN M 404 25.78 14.71 0.47
CA ASN M 404 25.86 15.74 -0.56
C ASN M 404 26.47 17.01 0.03
N ASN M 405 27.35 17.64 -0.73
CA ASN M 405 28.12 18.79 -0.25
C ASN M 405 27.25 20.04 -0.34
N LEU M 406 26.86 20.57 0.82
CA LEU M 406 26.18 21.85 0.87
C LEU M 406 27.21 22.97 0.75
N LEU M 407 26.77 24.22 0.92
CA LEU M 407 27.58 25.43 0.89
C LEU M 407 28.16 25.73 -0.49
N VAL M 408 27.92 24.88 -1.49
CA VAL M 408 28.34 25.20 -2.84
C VAL M 408 27.48 26.34 -3.37
N GLU M 409 28.07 27.20 -4.19
CA GLU M 409 27.34 28.35 -4.71
C GLU M 409 26.19 27.89 -5.58
N ARG M 410 24.99 28.35 -5.26
CA ARG M 410 23.77 27.96 -5.96
C ARG M 410 23.15 29.23 -6.54
N PHE M 411 23.57 29.60 -7.74
CA PHE M 411 23.05 30.80 -8.38
C PHE M 411 21.56 30.62 -8.68
N THR M 412 20.80 31.69 -8.48
CA THR M 412 19.37 31.67 -8.68
C THR M 412 19.03 32.36 -10.00
N ILE M 413 18.20 31.71 -10.80
CA ILE M 413 17.75 32.33 -12.04
C ILE M 413 16.85 33.53 -11.70
N PRO M 414 17.12 34.72 -12.23
CA PRO M 414 16.31 35.88 -11.87
C PRO M 414 14.94 35.81 -12.51
N THR M 415 13.91 36.01 -11.69
CA THR M 415 12.54 36.02 -12.20
C THR M 415 12.33 37.22 -13.11
N ASP M 416 11.73 36.99 -14.28
CA ASP M 416 11.41 38.04 -15.22
C ASP M 416 9.96 38.44 -15.01
N TYR M 417 9.73 39.72 -14.70
CA TYR M 417 8.39 40.21 -14.39
C TYR M 417 7.59 40.60 -15.62
N THR M 418 8.27 40.92 -16.73
CA THR M 418 7.57 41.39 -17.93
C THR M 418 6.48 40.42 -18.37
N ARG M 419 6.78 39.12 -18.34
CA ARG M 419 5.82 38.10 -18.77
C ARG M 419 4.89 37.66 -17.65
N ILE M 420 4.73 38.48 -16.62
CA ILE M 420 3.86 38.14 -15.50
C ILE M 420 2.60 39.00 -15.44
N ILE M 421 2.65 40.24 -15.95
CA ILE M 421 1.51 41.15 -15.83
C ILE M 421 0.32 40.65 -16.64
N LYS M 422 0.57 39.99 -17.76
CA LYS M 422 -0.51 39.51 -18.61
C LYS M 422 -1.07 38.19 -18.11
N SER N 81 -6.47 67.15 -5.71
CA SER N 81 -7.05 66.29 -4.68
C SER N 81 -8.22 65.49 -5.23
N ARG N 82 -8.53 65.71 -6.51
CA ARG N 82 -9.60 64.96 -7.16
C ARG N 82 -9.33 63.46 -7.09
N ARG N 83 -8.06 63.07 -7.24
CA ARG N 83 -7.68 61.67 -7.18
C ARG N 83 -8.18 61.02 -5.90
N LYS N 84 -7.99 61.71 -4.76
CA LYS N 84 -8.40 61.15 -3.48
C LYS N 84 -9.82 60.58 -3.55
N VAL N 85 -10.80 61.46 -3.79
CA VAL N 85 -12.19 61.04 -3.81
C VAL N 85 -12.44 60.03 -4.94
N LEU N 86 -11.91 60.33 -6.13
CA LEU N 86 -12.21 59.49 -7.29
C LEU N 86 -11.74 58.05 -7.08
N GLU N 87 -10.43 57.86 -6.94
CA GLU N 87 -9.91 56.51 -6.76
C GLU N 87 -10.40 55.88 -5.46
N GLU N 88 -10.66 56.70 -4.43
CA GLU N 88 -11.19 56.15 -3.18
C GLU N 88 -12.53 55.46 -3.43
N GLU N 89 -13.50 56.20 -3.97
CA GLU N 89 -14.81 55.60 -4.21
C GLU N 89 -14.71 54.42 -5.16
N LYS N 90 -13.98 54.58 -6.28
CA LYS N 90 -13.88 53.50 -7.25
C LYS N 90 -13.32 52.23 -6.62
N ALA N 91 -12.09 52.31 -6.10
CA ALA N 91 -11.41 51.12 -5.60
C ALA N 91 -12.12 50.55 -4.38
N SER N 92 -12.61 51.40 -3.48
CA SER N 92 -13.29 50.91 -2.28
C SER N 92 -14.56 50.14 -2.65
N ASP N 93 -15.41 50.73 -3.50
CA ASP N 93 -16.64 50.06 -3.89
C ASP N 93 -16.34 48.75 -4.61
N TRP N 94 -15.39 48.79 -5.56
CA TRP N 94 -15.04 47.57 -6.29
C TRP N 94 -14.51 46.49 -5.36
N GLN N 95 -13.68 46.86 -4.39
CA GLN N 95 -13.07 45.87 -3.51
C GLN N 95 -14.09 45.28 -2.55
N ILE N 96 -15.01 46.09 -2.02
CA ILE N 96 -16.02 45.55 -1.11
C ILE N 96 -16.99 44.66 -1.88
N GLU N 97 -17.32 45.02 -3.13
CA GLU N 97 -18.18 44.14 -3.91
C GLU N 97 -17.46 42.84 -4.25
N LEU N 98 -16.16 42.91 -4.54
CA LEU N 98 -15.37 41.72 -4.79
C LEU N 98 -15.34 40.81 -3.57
N ASN N 99 -15.14 41.38 -2.38
CA ASN N 99 -15.19 40.59 -1.16
C ASN N 99 -16.55 39.95 -0.95
N GLY N 100 -17.62 40.73 -1.15
CA GLY N 100 -18.96 40.16 -1.06
C GLY N 100 -19.16 38.98 -1.97
N THR N 101 -18.67 39.09 -3.22
CA THR N 101 -18.79 37.96 -4.15
C THR N 101 -17.96 36.78 -3.69
N LEU N 102 -16.73 37.02 -3.25
CA LEU N 102 -15.88 35.94 -2.75
C LEU N 102 -16.37 35.38 -1.42
N PHE N 103 -17.22 36.12 -0.70
CA PHE N 103 -17.72 35.70 0.61
C PHE N 103 -18.99 34.88 0.42
N ASP N 104 -18.81 33.57 0.25
CA ASP N 104 -19.92 32.64 0.37
C ASP N 104 -20.25 32.31 1.82
N SER N 105 -19.50 32.89 2.76
CA SER N 105 -19.69 32.63 4.19
C SER N 105 -20.69 33.63 4.76
N GLU N 106 -20.79 33.68 6.08
CA GLU N 106 -21.78 34.48 6.78
C GLU N 106 -21.27 35.85 7.20
N LEU N 107 -20.09 36.26 6.71
CA LEU N 107 -19.49 37.55 7.04
C LEU N 107 -19.25 37.68 8.56
N GLN N 108 -18.38 36.80 9.05
CA GLN N 108 -18.09 36.77 10.47
C GLN N 108 -17.39 38.06 10.90
N PRO N 109 -17.48 38.44 12.17
CA PRO N 109 -16.83 39.67 12.64
C PRO N 109 -15.37 39.47 12.99
N GLY N 110 -14.65 40.58 13.05
CA GLY N 110 -13.25 40.56 13.43
C GLY N 110 -12.53 41.87 13.11
N SER N 111 -11.68 42.31 14.03
CA SER N 111 -10.88 43.51 13.86
C SER N 111 -9.49 43.13 13.36
N SER N 112 -8.58 44.11 13.35
CA SER N 112 -7.20 43.85 12.94
C SER N 112 -6.49 43.00 13.99
N PHE N 113 -5.25 42.63 13.68
CA PHE N 113 -4.46 41.76 14.54
C PHE N 113 -3.35 42.49 15.29
N LYS N 114 -3.42 43.80 15.38
CA LYS N 114 -2.67 44.52 16.39
C LYS N 114 -3.47 44.70 17.67
N ALA N 115 -4.80 44.65 17.57
CA ALA N 115 -5.64 44.49 18.75
C ALA N 115 -5.45 43.09 19.32
N GLU N 116 -5.32 43.00 20.64
CA GLU N 116 -5.09 41.72 21.30
C GLU N 116 -6.38 40.91 21.26
N GLY N 117 -6.61 40.24 20.13
CA GLY N 117 -7.83 39.49 19.93
C GLY N 117 -7.62 38.00 20.04
N PHE N 118 -8.24 37.38 21.05
CA PHE N 118 -8.13 35.95 21.25
C PHE N 118 -9.29 35.18 20.64
N ARG N 119 -10.52 35.71 20.75
CA ARG N 119 -11.69 35.17 20.08
C ARG N 119 -11.80 33.66 20.25
N LYS N 120 -11.52 33.18 21.47
CA LYS N 120 -11.56 31.75 21.78
C LYS N 120 -13.02 31.29 21.91
N ILE N 121 -13.74 31.42 20.80
CA ILE N 121 -15.13 31.00 20.74
C ILE N 121 -15.20 29.49 20.63
N ALA N 122 -16.19 28.89 21.30
CA ALA N 122 -16.32 27.44 21.31
C ALA N 122 -16.53 26.89 19.90
N ASP N 123 -17.63 27.28 19.26
CA ASP N 123 -17.98 26.79 17.94
C ASP N 123 -17.31 27.62 16.87
N LYS N 124 -16.60 26.95 15.97
CA LYS N 124 -15.94 27.63 14.84
C LYS N 124 -16.90 27.67 13.66
N LEU N 125 -16.85 28.77 12.92
CA LEU N 125 -17.78 29.03 11.83
C LEU N 125 -17.21 28.68 10.47
N LYS N 126 -15.89 28.52 10.37
CA LYS N 126 -15.21 28.15 9.13
C LYS N 126 -15.32 26.65 8.90
N ILE N 127 -14.49 26.11 8.00
CA ILE N 127 -14.51 24.71 7.62
C ILE N 127 -14.37 23.84 8.87
N ASN N 128 -14.84 22.59 8.78
CA ASN N 128 -14.89 21.65 9.90
C ASN N 128 -15.87 22.12 10.97
N VAL N 175 -0.83 2.61 -3.63
CA VAL N 175 -1.50 3.57 -4.50
C VAL N 175 -1.71 2.95 -5.88
N SER N 176 -1.06 1.81 -6.11
CA SER N 176 -1.14 1.16 -7.41
C SER N 176 -2.26 0.11 -7.44
N SER N 177 -2.15 -0.92 -6.61
CA SER N 177 -3.15 -1.97 -6.49
C SER N 177 -2.79 -2.81 -5.27
N SER N 178 -3.58 -3.87 -5.04
CA SER N 178 -3.24 -4.83 -4.01
C SER N 178 -2.23 -5.86 -4.51
N ARG N 179 -2.28 -6.18 -5.82
CA ARG N 179 -1.35 -7.15 -6.37
C ARG N 179 0.07 -6.62 -6.36
N ASP N 180 0.26 -5.36 -6.79
CA ASP N 180 1.57 -4.75 -6.72
C ASP N 180 2.10 -4.74 -5.29
N ASN N 181 1.24 -4.40 -4.33
CA ASN N 181 1.66 -4.34 -2.94
C ASN N 181 2.08 -5.72 -2.43
N ARG N 182 1.28 -6.74 -2.72
CA ARG N 182 1.64 -8.07 -2.23
C ARG N 182 2.90 -8.59 -2.91
N ALA N 183 3.10 -8.26 -4.18
CA ALA N 183 4.31 -8.70 -4.87
C ALA N 183 5.54 -8.03 -4.29
N SER N 184 5.47 -6.71 -4.06
CA SER N 184 6.58 -6.01 -3.43
C SER N 184 6.86 -6.54 -2.04
N ASN N 185 5.80 -6.83 -1.26
CA ASN N 185 5.99 -7.36 0.08
C ASN N 185 6.67 -8.71 0.05
N ARG N 186 6.22 -9.61 -0.82
CA ARG N 186 6.85 -10.93 -0.89
C ARG N 186 8.29 -10.82 -1.37
N ARG N 187 8.57 -9.91 -2.29
CA ARG N 187 9.95 -9.74 -2.75
C ARG N 187 10.84 -9.23 -1.63
N PHE N 188 10.34 -8.27 -0.84
CA PHE N 188 11.12 -7.75 0.28
C PHE N 188 11.34 -8.82 1.35
N GLN N 189 10.31 -9.62 1.62
CA GLN N 189 10.45 -10.66 2.63
C GLN N 189 11.40 -11.76 2.18
N GLN N 190 11.38 -12.11 0.88
CA GLN N 190 12.32 -13.11 0.41
C GLN N 190 13.73 -12.54 0.26
N ASP N 191 13.87 -11.23 0.08
CA ASP N 191 15.19 -10.62 0.20
C ASP N 191 15.73 -10.75 1.61
N ILE N 192 14.88 -10.52 2.61
CA ILE N 192 15.28 -10.74 4.00
C ILE N 192 15.66 -12.20 4.23
N GLU N 193 14.86 -13.13 3.70
CA GLU N 193 15.16 -14.54 3.93
C GLU N 193 16.44 -14.97 3.22
N ALA N 194 16.77 -14.32 2.10
CA ALA N 194 18.05 -14.60 1.46
C ALA N 194 19.21 -14.00 2.26
N GLN N 195 18.97 -12.85 2.90
CA GLN N 195 20.01 -12.27 3.75
C GLN N 195 20.21 -13.07 5.02
N LYS N 196 19.18 -13.79 5.47
CA LYS N 196 19.21 -14.48 6.76
C LYS N 196 20.38 -15.44 6.92
N ALA N 197 21.09 -15.76 5.84
CA ALA N 197 22.23 -16.68 5.95
C ALA N 197 23.37 -16.11 6.79
N ALA N 198 23.33 -14.82 7.10
CA ALA N 198 24.37 -14.18 7.89
C ALA N 198 24.07 -14.15 9.39
N ILE N 199 22.89 -14.63 9.79
CA ILE N 199 22.53 -14.63 11.21
C ILE N 199 22.43 -16.05 11.73
N LEU N 205 15.52 -14.17 13.12
CA LEU N 205 16.01 -13.50 14.32
C LEU N 205 16.16 -12.00 14.07
N LEU N 206 15.66 -11.20 15.00
CA LEU N 206 15.75 -9.74 15.04
C LEU N 206 15.31 -9.10 13.71
N SER N 207 14.66 -9.89 12.84
CA SER N 207 14.35 -9.42 11.51
C SER N 207 12.94 -9.78 11.06
N LEU N 208 12.19 -10.55 11.83
CA LEU N 208 10.85 -10.94 11.41
C LEU N 208 9.94 -9.72 11.34
N ASN N 209 8.83 -9.89 10.63
CA ASN N 209 7.91 -8.80 10.36
C ASN N 209 6.53 -9.11 10.93
N GLN N 210 5.81 -8.06 11.32
CA GLN N 210 4.41 -8.19 11.69
C GLN N 210 3.65 -8.80 10.53
N LEU N 211 3.10 -10.00 10.72
CA LEU N 211 2.56 -10.75 9.59
C LEU N 211 1.35 -10.05 8.98
N ASN N 212 0.60 -9.28 9.77
CA ASN N 212 -0.56 -8.56 9.26
C ASN N 212 -0.12 -7.32 8.48
N LYS N 213 0.56 -7.58 7.36
CA LYS N 213 0.95 -6.51 6.45
C LYS N 213 -0.12 -6.21 5.41
N ARG N 214 -1.11 -7.08 5.27
CA ARG N 214 -2.20 -6.83 4.34
C ARG N 214 -3.12 -5.75 4.87
N LYS N 215 -2.66 -4.50 4.82
CA LYS N 215 -3.41 -3.37 5.36
C LYS N 215 -3.64 -2.36 4.25
N LYS N 216 -4.81 -1.73 4.28
CA LYS N 216 -5.18 -0.79 3.25
C LYS N 216 -4.45 0.55 3.46
N PRO N 217 -4.38 1.39 2.43
CA PRO N 217 -3.77 2.71 2.59
C PRO N 217 -4.75 3.67 3.24
N VAL N 218 -4.35 4.25 4.37
CA VAL N 218 -5.15 5.22 5.10
C VAL N 218 -4.28 6.43 5.38
N MET N 219 -4.86 7.43 6.06
CA MET N 219 -4.13 8.62 6.45
C MET N 219 -4.78 9.21 7.69
N PHE N 220 -4.09 10.15 8.31
CA PHE N 220 -4.61 10.85 9.49
C PHE N 220 -4.75 12.33 9.18
N ALA N 221 -5.88 12.91 9.59
CA ALA N 221 -6.16 14.31 9.34
C ALA N 221 -7.20 14.79 10.34
N ARG N 222 -7.46 16.10 10.32
CA ARG N 222 -8.44 16.67 11.23
C ARG N 222 -9.84 16.14 10.93
N SER N 223 -10.62 15.93 11.99
CA SER N 223 -11.89 15.24 11.89
C SER N 223 -13.01 16.08 12.50
N ALA N 224 -14.25 15.61 12.29
CA ALA N 224 -15.44 16.20 12.87
C ALA N 224 -15.76 15.61 14.24
N ILE N 225 -15.85 14.28 14.33
CA ILE N 225 -16.21 13.62 15.58
C ILE N 225 -15.24 13.99 16.69
N HIS N 226 -13.99 14.26 16.34
CA HIS N 226 -12.98 14.69 17.30
C HIS N 226 -11.88 15.40 16.53
N ASN N 227 -10.79 15.73 17.23
CA ASN N 227 -9.72 16.51 16.60
C ASN N 227 -9.09 15.74 15.44
N TRP N 228 -8.46 14.61 15.74
CA TRP N 228 -7.81 13.80 14.73
C TRP N 228 -8.69 12.62 14.34
N GLY N 229 -8.43 12.09 13.15
CA GLY N 229 -9.19 10.95 12.66
C GLY N 229 -8.47 10.33 11.48
N LEU N 230 -8.96 9.15 11.10
CA LEU N 230 -8.34 8.33 10.08
C LEU N 230 -9.26 8.27 8.86
N TYR N 231 -8.76 8.75 7.72
CA TYR N 231 -9.50 8.75 6.47
C TYR N 231 -8.90 7.70 5.52
N ALA N 232 -9.77 6.90 4.93
CA ALA N 232 -9.33 5.96 3.91
C ALA N 232 -8.77 6.71 2.71
N LEU N 233 -7.61 6.26 2.23
CA LEU N 233 -6.98 6.88 1.07
C LEU N 233 -7.46 6.30 -0.24
N ASP N 234 -8.08 5.12 -0.22
CA ASP N 234 -8.54 4.46 -1.42
C ASP N 234 -9.86 3.77 -1.12
N SER N 235 -10.70 3.65 -2.14
CA SER N 235 -11.98 2.97 -1.98
C SER N 235 -11.76 1.49 -1.68
N ILE N 236 -12.35 1.02 -0.59
CA ILE N 236 -12.20 -0.37 -0.16
C ILE N 236 -13.57 -1.03 -0.16
N ALA N 237 -13.56 -2.35 -0.35
CA ALA N 237 -14.79 -3.13 -0.40
C ALA N 237 -15.24 -3.43 1.04
N ALA N 238 -16.22 -4.33 1.17
CA ALA N 238 -16.75 -4.72 2.46
C ALA N 238 -16.23 -6.10 2.84
N LYS N 239 -16.19 -6.36 4.16
CA LYS N 239 -15.65 -7.60 4.71
C LYS N 239 -14.21 -7.81 4.27
N GLU N 240 -13.38 -6.81 4.54
CA GLU N 240 -11.96 -6.84 4.20
C GLU N 240 -11.16 -6.24 5.34
N MET N 241 -9.98 -6.81 5.58
CA MET N 241 -9.13 -6.30 6.65
C MET N 241 -8.58 -4.93 6.29
N ILE N 242 -8.47 -4.07 7.30
CA ILE N 242 -8.01 -2.70 7.12
C ILE N 242 -6.68 -2.47 7.86
N ILE N 243 -6.65 -2.72 9.16
CA ILE N 243 -5.47 -2.46 9.96
C ILE N 243 -5.59 -3.17 11.30
N GLU N 244 -4.45 -3.52 11.90
CA GLU N 244 -4.41 -4.05 13.25
C GLU N 244 -4.26 -2.91 14.24
N TYR N 245 -4.94 -3.05 15.38
CA TYR N 245 -4.82 -2.09 16.47
C TYR N 245 -3.72 -2.61 17.40
N VAL N 246 -2.57 -1.95 17.37
CA VAL N 246 -1.37 -2.44 18.00
C VAL N 246 -0.92 -1.45 19.06
N GLY N 247 -0.39 -1.97 20.16
CA GLY N 247 0.15 -1.16 21.24
C GLY N 247 0.95 -2.02 22.19
N GLU N 248 1.19 -1.52 23.40
CA GLU N 248 1.92 -2.29 24.41
C GLU N 248 0.96 -3.16 25.19
N ARG N 249 1.34 -4.43 25.39
CA ARG N 249 0.52 -5.36 26.15
C ARG N 249 0.75 -5.14 27.64
N ILE N 250 -0.33 -4.99 28.40
CA ILE N 250 -0.25 -4.87 29.85
C ILE N 250 -1.38 -5.66 30.48
N ARG N 251 -1.25 -5.92 31.78
CA ARG N 251 -2.30 -6.61 32.51
C ARG N 251 -3.40 -5.62 32.89
N GLN N 252 -4.36 -6.08 33.69
CA GLN N 252 -5.48 -5.23 34.06
C GLN N 252 -5.12 -4.20 35.12
N PRO N 253 -4.50 -4.55 36.26
CA PRO N 253 -4.18 -3.51 37.24
C PRO N 253 -3.24 -2.44 36.71
N VAL N 254 -2.27 -2.83 35.87
CA VAL N 254 -1.40 -1.84 35.23
C VAL N 254 -2.23 -0.89 34.38
N ALA N 255 -3.23 -1.42 33.66
CA ALA N 255 -4.10 -0.58 32.85
C ALA N 255 -4.88 0.39 33.72
N GLU N 256 -5.39 -0.08 34.86
CA GLU N 256 -6.13 0.80 35.76
C GLU N 256 -5.24 1.93 36.26
N MET N 257 -4.04 1.58 36.76
CA MET N 257 -3.10 2.58 37.22
C MET N 257 -2.79 3.59 36.11
N ARG N 258 -2.56 3.10 34.88
CA ARG N 258 -2.19 4.00 33.80
C ARG N 258 -3.32 4.93 33.42
N GLU N 259 -4.55 4.42 33.35
CA GLU N 259 -5.66 5.30 33.02
C GLU N 259 -5.92 6.31 34.14
N LYS N 260 -5.70 5.92 35.39
CA LYS N 260 -5.80 6.87 36.48
C LYS N 260 -4.76 7.98 36.34
N ARG N 261 -3.51 7.61 36.07
CA ARG N 261 -2.46 8.60 35.93
C ARG N 261 -2.70 9.51 34.73
N TYR N 262 -3.26 8.96 33.65
CA TYR N 262 -3.57 9.77 32.48
C TYR N 262 -4.69 10.75 32.79
N LEU N 263 -5.74 10.30 33.48
CA LEU N 263 -6.76 11.23 33.94
C LEU N 263 -6.18 12.28 34.87
N LYS N 264 -5.09 11.95 35.57
CA LYS N 264 -4.45 12.92 36.47
C LYS N 264 -3.84 14.07 35.68
N ASN N 265 -3.05 13.76 34.65
CA ASN N 265 -2.31 14.76 33.90
C ASN N 265 -3.15 15.41 32.80
N GLY N 266 -4.47 15.29 32.86
CA GLY N 266 -5.32 15.96 31.90
C GLY N 266 -5.46 15.29 30.56
N ILE N 267 -5.02 14.03 30.43
CA ILE N 267 -5.17 13.33 29.16
C ILE N 267 -6.65 13.12 28.86
N GLY N 268 -7.35 12.42 29.76
CA GLY N 268 -8.78 12.19 29.64
C GLY N 268 -9.25 11.63 28.32
N SER N 269 -8.36 10.95 27.61
CA SER N 269 -8.68 10.33 26.32
C SER N 269 -8.13 8.91 26.34
N SER N 270 -8.95 7.95 26.71
CA SER N 270 -8.51 6.57 26.87
C SER N 270 -8.27 5.91 25.52
N TYR N 271 -7.08 5.34 25.34
CA TYR N 271 -6.76 4.53 24.18
C TYR N 271 -6.65 3.05 24.51
N LEU N 272 -7.09 2.64 25.70
CA LEU N 272 -7.00 1.26 26.09
C LEU N 272 -7.95 0.39 25.25
N PHE N 273 -7.56 -0.87 25.09
CA PHE N 273 -8.35 -1.84 24.34
C PHE N 273 -8.26 -3.17 25.06
N ARG N 274 -9.36 -3.91 25.08
CA ARG N 274 -9.43 -5.17 25.83
C ARG N 274 -9.23 -6.35 24.88
N VAL N 275 -8.06 -6.97 24.96
CA VAL N 275 -7.82 -8.21 24.21
C VAL N 275 -8.69 -9.33 24.76
N ASP N 276 -8.52 -9.63 26.05
CA ASP N 276 -9.33 -10.61 26.75
C ASP N 276 -9.45 -10.16 28.20
N GLU N 277 -9.84 -11.08 29.08
CA GLU N 277 -10.15 -10.70 30.45
C GLU N 277 -8.92 -10.23 31.22
N ASN N 278 -7.75 -10.81 30.94
CA ASN N 278 -6.55 -10.52 31.72
C ASN N 278 -5.41 -10.02 30.84
N THR N 279 -5.73 -9.17 29.87
CA THR N 279 -4.71 -8.56 29.01
C THR N 279 -5.36 -7.43 28.22
N VAL N 280 -4.67 -6.30 28.12
CA VAL N 280 -5.16 -5.16 27.37
C VAL N 280 -4.03 -4.54 26.57
N ILE N 281 -4.39 -3.91 25.46
CA ILE N 281 -3.48 -3.15 24.62
C ILE N 281 -3.58 -1.69 25.03
N ASP N 282 -2.42 -1.03 25.13
CA ASP N 282 -2.35 0.39 25.47
C ASP N 282 -1.59 1.10 24.38
N ALA N 283 -2.27 2.04 23.70
CA ALA N 283 -1.70 2.76 22.58
C ALA N 283 -1.64 4.26 22.82
N THR N 284 -1.54 4.66 24.10
CA THR N 284 -1.47 6.09 24.40
C THR N 284 -0.13 6.68 23.97
N LYS N 285 0.95 5.94 24.16
CA LYS N 285 2.28 6.42 23.81
C LYS N 285 2.97 5.60 22.72
N LYS N 286 2.60 4.34 22.54
CA LYS N 286 3.22 3.48 21.53
C LYS N 286 2.13 2.68 20.84
N GLY N 287 2.10 2.74 19.50
CA GLY N 287 1.11 2.00 18.77
C GLY N 287 1.04 2.47 17.32
N GLY N 288 -0.02 2.02 16.65
CA GLY N 288 -0.23 2.36 15.25
C GLY N 288 -1.24 3.48 15.08
N ILE N 289 -1.51 3.79 13.81
CA ILE N 289 -2.45 4.85 13.47
C ILE N 289 -3.88 4.38 13.72
N ALA N 290 -4.03 3.11 14.11
CA ALA N 290 -5.34 2.62 14.53
C ALA N 290 -5.83 3.29 15.80
N ARG N 291 -4.99 4.10 16.44
CA ARG N 291 -5.41 4.95 17.56
C ARG N 291 -6.08 6.23 17.09
N PHE N 292 -6.26 6.41 15.79
CA PHE N 292 -6.86 7.61 15.23
C PHE N 292 -8.21 7.33 14.60
N ILE N 293 -8.95 6.38 15.16
CA ILE N 293 -10.25 5.98 14.63
C ILE N 293 -11.30 6.26 15.70
N ASN N 294 -12.27 7.11 15.38
CA ASN N 294 -13.21 7.63 16.35
C ASN N 294 -14.44 6.74 16.50
N HIS N 295 -15.11 6.88 17.63
CA HIS N 295 -16.36 6.17 17.86
C HIS N 295 -17.50 6.91 17.18
N CYS N 296 -18.35 6.16 16.47
CA CYS N 296 -19.51 6.72 15.82
C CYS N 296 -20.71 5.83 16.09
N CYS N 297 -21.87 6.45 16.25
CA CYS N 297 -23.09 5.69 16.53
C CYS N 297 -23.43 4.75 15.38
N ASP N 298 -23.07 5.10 14.16
CA ASP N 298 -23.16 4.20 13.03
C ASP N 298 -21.77 3.87 12.54
N PRO N 299 -21.29 2.64 12.69
CA PRO N 299 -19.94 2.31 12.23
C PRO N 299 -19.93 1.75 10.82
N ASN N 300 -18.80 1.90 10.15
CA ASN N 300 -18.54 1.21 8.89
C ASN N 300 -17.36 0.26 9.00
N CYS N 301 -16.78 0.10 10.19
CA CYS N 301 -15.73 -0.86 10.44
C CYS N 301 -15.96 -1.51 11.79
N THR N 302 -15.66 -2.80 11.89
CA THR N 302 -15.76 -3.55 13.13
C THR N 302 -14.38 -4.06 13.53
N ALA N 303 -14.30 -4.62 14.73
CA ALA N 303 -13.04 -5.10 15.28
C ALA N 303 -13.20 -6.55 15.72
N LYS N 304 -12.47 -7.45 15.07
CA LYS N 304 -12.45 -8.85 15.44
C LYS N 304 -11.12 -9.19 16.11
N ILE N 305 -11.07 -10.37 16.72
CA ILE N 305 -9.91 -10.82 17.47
C ILE N 305 -9.42 -12.11 16.82
N ILE N 306 -8.44 -11.99 15.93
CA ILE N 306 -7.83 -13.17 15.33
C ILE N 306 -6.78 -13.73 16.28
N LYS N 307 -6.32 -14.96 16.01
CA LYS N 307 -5.18 -15.52 16.72
C LYS N 307 -4.17 -16.01 15.68
N VAL N 308 -3.08 -15.29 15.55
CA VAL N 308 -2.00 -15.66 14.65
C VAL N 308 -0.78 -16.05 15.49
N GLY N 309 -0.06 -17.07 15.04
CA GLY N 309 1.04 -17.60 15.81
C GLY N 309 0.66 -18.10 17.18
N GLY N 310 -0.64 -18.37 17.39
CA GLY N 310 -1.13 -18.76 18.69
C GLY N 310 -1.45 -17.62 19.64
N ARG N 311 -1.32 -16.38 19.20
CA ARG N 311 -1.58 -15.23 20.07
C ARG N 311 -2.71 -14.38 19.49
N ARG N 312 -3.50 -13.78 20.38
CA ARG N 312 -4.64 -12.98 20.00
C ARG N 312 -4.21 -11.58 19.57
N ARG N 313 -4.82 -11.09 18.50
CA ARG N 313 -4.57 -9.75 17.98
C ARG N 313 -5.88 -9.15 17.50
N ILE N 314 -5.92 -7.82 17.46
CA ILE N 314 -7.13 -7.07 17.14
C ILE N 314 -7.03 -6.55 15.72
N VAL N 315 -7.91 -7.00 14.84
CA VAL N 315 -7.93 -6.52 13.48
C VAL N 315 -9.22 -5.75 13.24
N ILE N 316 -9.19 -4.85 12.27
CA ILE N 316 -10.33 -3.99 11.95
C ILE N 316 -10.78 -4.32 10.54
N TYR N 317 -11.99 -4.85 10.42
CA TYR N 317 -12.58 -5.23 9.14
C TYR N 317 -13.57 -4.16 8.69
N ALA N 318 -13.74 -4.07 7.38
CA ALA N 318 -14.69 -3.11 6.79
C ALA N 318 -16.08 -3.74 6.84
N LEU N 319 -16.93 -3.20 7.71
CA LEU N 319 -18.29 -3.73 7.83
C LEU N 319 -19.06 -3.57 6.53
N ARG N 320 -19.28 -2.33 6.10
CA ARG N 320 -19.91 -2.04 4.83
C ARG N 320 -18.90 -1.36 3.91
N ASP N 321 -19.23 -1.36 2.62
CA ASP N 321 -18.36 -0.74 1.62
C ASP N 321 -18.02 0.69 2.02
N ILE N 322 -16.79 1.10 1.72
CA ILE N 322 -16.27 2.40 2.12
C ILE N 322 -15.68 3.07 0.88
N ALA N 323 -16.13 4.29 0.59
CA ALA N 323 -15.61 5.03 -0.53
C ALA N 323 -14.35 5.80 -0.12
N ALA N 324 -13.70 6.40 -1.11
CA ALA N 324 -12.47 7.14 -0.85
C ALA N 324 -12.75 8.40 -0.04
N SER N 325 -11.71 8.88 0.64
CA SER N 325 -11.77 10.10 1.45
C SER N 325 -12.93 10.07 2.44
N GLU N 326 -13.23 8.88 2.96
CA GLU N 326 -14.26 8.70 3.96
C GLU N 326 -13.63 8.41 5.31
N GLU N 327 -14.17 9.01 6.37
CA GLU N 327 -13.66 8.75 7.71
C GLU N 327 -14.04 7.34 8.14
N LEU N 328 -13.09 6.65 8.79
CA LEU N 328 -13.30 5.27 9.22
C LEU N 328 -14.01 5.28 10.55
N THR N 329 -15.33 5.06 10.53
CA THR N 329 -16.08 4.96 11.76
C THR N 329 -15.93 3.58 12.37
N TYR N 330 -16.21 3.49 13.66
CA TYR N 330 -16.00 2.25 14.40
C TYR N 330 -16.66 2.38 15.77
N ASP N 331 -17.25 1.29 16.24
CA ASP N 331 -18.03 1.28 17.48
C ASP N 331 -17.14 0.81 18.63
N TYR N 332 -16.97 1.66 19.64
CA TYR N 332 -16.05 1.36 20.74
C TYR N 332 -16.62 0.32 21.70
N LYS N 333 -17.93 0.37 21.96
CA LYS N 333 -18.58 -0.45 22.98
C LYS N 333 -17.93 -0.23 24.35
N PHE N 334 -18.04 1.00 24.83
CA PHE N 334 -17.49 1.33 26.15
C PHE N 334 -18.25 0.61 27.27
N GLU N 335 -19.56 0.47 27.12
CA GLU N 335 -20.43 -0.05 28.18
C GLU N 335 -20.31 0.79 29.45
N PRO N 345 -21.53 12.37 27.10
CA PRO N 345 -21.29 13.17 25.89
C PRO N 345 -20.96 12.32 24.68
N CYS N 346 -21.40 12.74 23.50
CA CYS N 346 -21.09 12.02 22.27
C CYS N 346 -21.16 12.99 21.09
N LEU N 347 -20.01 13.38 20.56
CA LEU N 347 -19.98 14.21 19.37
C LEU N 347 -20.19 13.34 18.14
N CYS N 348 -21.30 12.58 18.14
CA CYS N 348 -21.53 11.57 17.11
C CYS N 348 -21.67 12.20 15.73
N GLY N 349 -22.56 13.19 15.61
CA GLY N 349 -22.81 13.80 14.31
C GLY N 349 -23.52 12.92 13.31
N ALA N 350 -24.02 11.76 13.73
CA ALA N 350 -24.72 10.86 12.82
C ALA N 350 -26.17 11.28 12.65
N PRO N 351 -26.83 10.87 11.55
CA PRO N 351 -28.26 11.15 11.39
C PRO N 351 -29.09 10.58 12.53
N ASN N 352 -29.00 9.27 12.72
CA ASN N 352 -29.54 8.60 13.90
C ASN N 352 -28.40 8.32 14.85
N CYS N 353 -28.57 8.68 16.12
CA CYS N 353 -27.43 8.73 17.02
C CYS N 353 -27.91 8.91 18.46
N LYS N 354 -27.10 8.44 19.40
CA LYS N 354 -27.36 8.63 20.82
C LYS N 354 -26.25 9.48 21.44
N GLY N 355 -26.60 10.23 22.47
CA GLY N 355 -25.74 11.21 23.09
C GLY N 355 -24.66 10.68 24.02
N PHE N 356 -24.46 9.37 24.10
CA PHE N 356 -23.49 8.79 25.02
C PHE N 356 -22.57 7.80 24.30
N LEU N 357 -21.27 7.92 24.55
CA LEU N 357 -20.30 6.88 24.20
C LEU N 357 -20.42 5.64 25.09
N ASN N 358 -21.28 5.66 26.09
CA ASN N 358 -21.31 4.60 27.08
C ASN N 358 -22.54 3.72 26.91
N PHE O 51 10.72 -24.09 42.09
CA PHE O 51 9.35 -23.64 42.29
C PHE O 51 8.43 -24.13 41.18
N VAL O 52 7.28 -24.67 41.57
CA VAL O 52 6.35 -25.30 40.63
C VAL O 52 5.03 -24.54 40.67
N ARG O 53 4.34 -24.54 39.55
CA ARG O 53 3.03 -23.92 39.42
C ARG O 53 1.91 -24.95 39.56
N THR O 54 0.71 -24.45 39.81
CA THR O 54 -0.48 -25.28 39.84
C THR O 54 -1.01 -25.49 38.43
N GLU O 55 -1.48 -26.70 38.14
CA GLU O 55 -1.90 -27.03 36.79
C GLU O 55 -3.40 -27.22 36.64
N ASP O 56 -4.08 -27.86 37.60
CA ASP O 56 -5.49 -28.16 37.44
C ASP O 56 -6.33 -27.64 38.61
N ILE O 57 -5.85 -26.67 39.38
CA ILE O 57 -6.68 -26.13 40.44
C ILE O 57 -7.41 -24.85 40.02
N PRO O 58 -8.68 -24.70 40.38
CA PRO O 58 -9.38 -23.42 40.21
C PRO O 58 -8.80 -22.39 41.16
N LEU O 59 -8.18 -21.35 40.62
CA LEU O 59 -7.65 -20.30 41.49
C LEU O 59 -8.68 -19.20 41.71
N ASN O 60 -8.53 -18.49 42.84
CA ASN O 60 -9.48 -17.46 43.24
C ASN O 60 -9.43 -16.31 42.26
N ARG O 61 -10.57 -16.05 41.62
CA ARG O 61 -10.69 -15.02 40.59
C ARG O 61 -12.16 -14.70 40.41
N ARG O 62 -12.41 -13.49 39.89
CA ARG O 62 -13.77 -13.01 39.61
C ARG O 62 -14.65 -13.02 40.85
N HIS O 63 -14.05 -12.83 42.02
CA HIS O 63 -14.74 -12.82 43.32
C HIS O 63 -15.31 -14.18 43.70
N PHE O 64 -14.66 -15.28 43.33
CA PHE O 64 -15.11 -16.60 43.74
C PHE O 64 -13.97 -17.32 44.45
N VAL O 65 -14.30 -18.02 45.54
CA VAL O 65 -13.33 -18.78 46.33
C VAL O 65 -13.71 -20.25 46.26
N TYR O 66 -12.69 -21.10 46.16
CA TYR O 66 -12.87 -22.54 46.06
C TYR O 66 -12.31 -23.23 47.30
N ARG O 67 -12.83 -24.43 47.54
CA ARG O 67 -12.23 -25.30 48.57
C ARG O 67 -12.42 -26.79 48.30
N PRO O 68 -11.36 -27.59 48.42
CA PRO O 68 -11.53 -29.04 48.29
C PRO O 68 -12.36 -29.65 49.40
N CYS O 69 -13.01 -30.75 49.06
CA CYS O 69 -13.84 -31.48 50.00
C CYS O 69 -13.56 -32.97 49.83
N SER O 70 -13.97 -33.75 50.82
CA SER O 70 -13.80 -35.21 50.85
C SER O 70 -15.14 -35.83 51.21
N ALA O 71 -15.34 -37.08 50.79
CA ALA O 71 -16.63 -37.75 50.98
C ALA O 71 -16.92 -38.00 52.46
N ASN O 72 -18.06 -37.46 52.91
CA ASN O 72 -18.49 -37.52 54.34
C ASN O 72 -19.90 -38.09 54.36
N PRO O 73 -20.10 -39.36 54.76
CA PRO O 73 -21.43 -39.98 54.62
C PRO O 73 -22.39 -39.67 55.76
N PHE O 74 -21.96 -38.96 56.80
CA PHE O 74 -22.87 -38.50 57.83
C PHE O 74 -23.83 -37.42 57.30
N PHE O 75 -23.43 -36.72 56.25
CA PHE O 75 -24.23 -35.69 55.61
C PHE O 75 -25.13 -36.30 54.54
N THR O 76 -26.44 -36.03 54.65
CA THR O 76 -27.41 -36.53 53.69
C THR O 76 -27.79 -35.50 52.64
N ILE O 77 -28.10 -34.26 53.05
CA ILE O 77 -28.46 -33.23 52.10
C ILE O 77 -27.25 -32.86 51.23
N LEU O 78 -26.12 -32.61 51.88
CA LEU O 78 -24.83 -32.49 51.22
C LEU O 78 -24.11 -33.84 51.31
N GLY O 79 -23.19 -34.08 50.39
CA GLY O 79 -22.49 -35.36 50.38
C GLY O 79 -21.05 -35.32 50.83
N TYR O 80 -20.48 -34.13 51.01
CA TYR O 80 -19.05 -33.98 51.23
C TYR O 80 -18.81 -32.98 52.34
N GLY O 81 -17.68 -33.13 53.03
CA GLY O 81 -17.30 -32.20 54.06
C GLY O 81 -15.87 -31.73 53.82
N CYS O 82 -15.54 -30.58 54.41
CA CYS O 82 -14.25 -29.96 54.16
C CYS O 82 -13.10 -30.86 54.59
N THR O 83 -12.04 -30.88 53.77
CA THR O 83 -10.82 -31.58 54.13
C THR O 83 -10.07 -30.78 55.18
N GLU O 84 -9.25 -31.47 55.98
CA GLU O 84 -8.34 -30.75 56.87
C GLU O 84 -7.46 -29.83 56.03
N TYR O 85 -6.58 -30.43 55.21
CA TYR O 85 -5.73 -29.77 54.23
C TYR O 85 -5.05 -30.92 53.48
N PRO O 86 -4.32 -30.65 52.39
CA PRO O 86 -3.39 -31.68 51.88
C PRO O 86 -2.27 -32.03 52.86
N PHE O 87 -2.31 -31.49 54.08
CA PHE O 87 -1.29 -31.76 55.08
C PHE O 87 -1.89 -31.45 56.44
N ASP O 88 -1.17 -31.81 57.50
CA ASP O 88 -1.54 -31.50 58.87
C ASP O 88 -1.58 -30.01 59.19
N HIS O 89 -0.42 -29.37 59.23
CA HIS O 89 -0.33 -27.96 59.57
C HIS O 89 -0.87 -27.06 58.45
N SER O 90 -1.09 -25.81 58.83
CA SER O 90 -1.42 -24.74 57.90
C SER O 90 -0.28 -24.52 56.91
N GLY O 91 -0.65 -24.04 55.73
CA GLY O 91 0.32 -23.80 54.68
C GLY O 91 -0.19 -22.79 53.69
N MET O 92 0.46 -22.73 52.54
CA MET O 92 0.09 -21.77 51.51
C MET O 92 -1.25 -22.14 50.88
N SER O 93 -2.21 -21.23 50.97
CA SER O 93 -3.54 -21.46 50.42
C SER O 93 -3.44 -21.48 48.90
N VAL O 94 -3.65 -22.64 48.29
CA VAL O 94 -3.52 -22.71 46.84
C VAL O 94 -4.73 -22.16 46.09
N MET O 95 -5.89 -22.03 46.75
CA MET O 95 -7.06 -21.54 46.04
C MET O 95 -6.97 -20.04 45.72
N ASP O 96 -6.54 -19.23 46.69
CA ASP O 96 -6.36 -17.80 46.45
C ASP O 96 -4.88 -17.46 46.23
N ARG O 97 -4.39 -17.88 45.07
CA ARG O 97 -3.10 -17.45 44.56
C ARG O 97 -3.30 -16.93 43.15
N SER O 98 -2.36 -16.09 42.71
CA SER O 98 -2.30 -15.75 41.30
C SER O 98 -1.82 -16.94 40.49
N GLU O 99 -2.26 -17.01 39.23
CA GLU O 99 -1.80 -18.08 38.34
C GLU O 99 -0.29 -18.06 38.16
N GLY O 100 0.31 -16.88 38.14
CA GLY O 100 1.75 -16.76 38.02
C GLY O 100 2.54 -16.96 39.29
N LEU O 101 1.89 -17.22 40.41
CA LEU O 101 2.56 -17.36 41.70
C LEU O 101 2.95 -18.82 41.91
N SER O 102 4.25 -19.09 41.91
CA SER O 102 4.80 -20.43 41.97
C SER O 102 5.19 -20.80 43.39
N ILE O 103 5.39 -22.09 43.62
CA ILE O 103 5.77 -22.60 44.93
C ILE O 103 6.85 -23.66 44.81
N ASP O 109 5.50 -24.35 52.54
CA ASP O 109 5.80 -22.98 52.94
C ASP O 109 7.02 -22.42 52.20
N LEU O 110 6.74 -22.02 50.96
CA LEU O 110 7.69 -21.33 50.10
C LEU O 110 6.94 -20.85 48.87
N VAL O 111 7.16 -19.61 48.46
CA VAL O 111 6.42 -19.00 47.36
C VAL O 111 7.31 -18.00 46.65
N SER O 112 7.16 -17.90 45.33
CA SER O 112 7.91 -16.95 44.53
C SER O 112 7.24 -16.83 43.16
N VAL O 113 7.71 -15.87 42.39
CA VAL O 113 7.38 -15.73 40.98
C VAL O 113 8.69 -15.78 40.20
N PRO O 114 8.64 -16.14 38.91
CA PRO O 114 9.84 -16.00 38.08
C PRO O 114 10.39 -14.58 38.10
N ASP O 115 11.61 -14.38 37.60
CA ASP O 115 12.27 -13.09 37.75
C ASP O 115 11.71 -12.02 36.82
N GLN O 116 10.78 -12.38 35.92
CA GLN O 116 10.24 -11.44 34.96
C GLN O 116 8.80 -11.03 35.24
N TYR O 117 8.28 -11.33 36.42
CA TYR O 117 6.87 -11.16 36.71
C TYR O 117 6.65 -10.01 37.70
N GLY O 118 5.65 -9.19 37.41
CA GLY O 118 5.24 -8.12 38.29
C GLY O 118 4.82 -8.56 39.67
N TRP O 119 4.43 -7.60 40.50
CA TRP O 119 4.05 -7.88 41.87
C TRP O 119 2.91 -8.90 41.90
N ARG O 120 3.06 -9.94 42.72
CA ARG O 120 1.99 -10.90 42.93
C ARG O 120 1.97 -11.29 44.40
N THR O 121 0.82 -11.76 44.88
CA THR O 121 0.66 -11.97 46.31
C THR O 121 0.02 -13.33 46.60
N ALA O 122 0.18 -13.74 47.86
CA ALA O 122 -0.53 -14.86 48.48
C ALA O 122 -0.98 -14.42 49.86
N ARG O 123 -2.09 -14.99 50.32
CA ARG O 123 -2.57 -14.72 51.67
C ARG O 123 -2.44 -15.97 52.54
N SER O 124 -2.30 -15.73 53.83
CA SER O 124 -2.46 -16.79 54.82
C SER O 124 -3.88 -17.34 54.81
N ASP O 125 -4.00 -18.63 55.10
CA ASP O 125 -5.30 -19.26 55.16
C ASP O 125 -6.10 -18.78 56.38
N VAL O 126 -5.43 -18.62 57.52
CA VAL O 126 -6.12 -18.25 58.75
C VAL O 126 -6.52 -16.78 58.73
N CYS O 127 -7.74 -16.52 59.19
CA CYS O 127 -8.31 -15.18 59.20
C CYS O 127 -8.21 -14.65 60.62
N ILE O 128 -7.46 -13.57 60.80
CA ILE O 128 -7.24 -13.02 62.14
C ILE O 128 -8.36 -12.05 62.46
N LYS O 129 -9.28 -12.48 63.33
CA LYS O 129 -10.45 -11.69 63.68
C LYS O 129 -10.15 -10.72 64.82
N GLU O 130 -9.54 -11.20 65.90
CA GLU O 130 -9.30 -10.37 67.08
C GLU O 130 -8.16 -10.98 67.88
N GLY O 131 -7.83 -10.33 69.00
CA GLY O 131 -6.81 -10.87 69.89
C GLY O 131 -5.38 -10.47 69.60
N MET O 132 -4.41 -11.28 70.00
CA MET O 132 -3.00 -10.97 69.84
C MET O 132 -2.30 -12.15 69.17
N THR O 133 -1.87 -11.98 67.93
CA THR O 133 -1.18 -13.05 67.20
C THR O 133 0.23 -12.63 66.82
N TYR O 134 1.21 -13.48 67.10
CA TYR O 134 2.59 -13.26 66.70
C TYR O 134 3.08 -14.35 65.75
N TRP O 135 3.90 -13.94 64.78
CA TRP O 135 4.59 -14.90 63.92
C TRP O 135 5.87 -14.28 63.37
N GLU O 136 6.66 -15.10 62.69
CA GLU O 136 7.80 -14.65 61.91
C GLU O 136 7.65 -15.06 60.45
N VAL O 137 7.92 -14.12 59.55
CA VAL O 137 8.20 -14.41 58.16
C VAL O 137 9.71 -14.51 57.96
N GLU O 138 10.19 -15.67 57.54
CA GLU O 138 11.54 -15.79 57.02
C GLU O 138 11.63 -15.17 55.63
N VAL O 139 12.70 -14.42 55.39
CA VAL O 139 13.05 -14.01 54.03
C VAL O 139 13.64 -15.19 53.26
N THR O 179 17.40 -6.37 42.23
CA THR O 179 16.26 -6.60 41.34
C THR O 179 15.14 -7.46 41.96
N PRO O 180 15.46 -8.56 42.70
CA PRO O 180 14.38 -9.33 43.32
C PRO O 180 13.93 -8.68 44.61
N HIS O 181 12.77 -8.05 44.57
CA HIS O 181 12.07 -7.44 45.70
C HIS O 181 10.97 -8.35 46.23
N LEU O 182 10.55 -8.06 47.46
CA LEU O 182 9.41 -8.75 48.05
C LEU O 182 8.69 -7.74 48.93
N ARG O 183 7.53 -8.14 49.46
CA ARG O 183 6.84 -7.34 50.46
C ARG O 183 6.17 -8.20 51.51
N PHE O 184 6.21 -7.74 52.76
CA PHE O 184 5.54 -8.46 53.84
C PHE O 184 4.44 -7.58 54.40
N GLY O 185 3.27 -8.14 54.64
CA GLY O 185 2.22 -7.32 55.21
C GLY O 185 1.00 -8.11 55.56
N VAL O 186 -0.13 -7.40 55.62
CA VAL O 186 -1.43 -7.99 55.93
C VAL O 186 -2.46 -7.30 55.04
N CYS O 187 -3.46 -8.04 54.61
CA CYS O 187 -4.45 -7.52 53.69
C CYS O 187 -5.77 -8.23 53.91
N ARG O 188 -6.86 -7.50 53.64
CA ARG O 188 -8.20 -8.08 53.65
C ARG O 188 -8.49 -8.80 52.33
N ARG O 189 -9.68 -9.39 52.23
CA ARG O 189 -10.02 -10.19 51.07
C ARG O 189 -10.21 -9.35 49.83
N GLU O 190 -10.66 -8.10 50.00
CA GLU O 190 -10.99 -7.25 48.86
C GLU O 190 -9.78 -6.96 48.00
N ALA O 191 -8.58 -6.96 48.59
CA ALA O 191 -7.36 -6.75 47.82
C ALA O 191 -7.20 -7.82 46.75
N SER O 192 -6.65 -7.42 45.61
CA SER O 192 -6.47 -8.32 44.48
C SER O 192 -5.15 -9.08 44.63
N LEU O 193 -5.16 -10.35 44.24
CA LEU O 193 -3.93 -11.12 44.27
C LEU O 193 -2.96 -10.67 43.18
N GLU O 194 -3.44 -9.91 42.20
CA GLU O 194 -2.57 -9.34 41.18
C GLU O 194 -1.84 -8.08 41.64
N ALA O 195 -2.30 -7.44 42.72
CA ALA O 195 -1.69 -6.18 43.09
C ALA O 195 -0.86 -6.29 44.37
N PRO O 196 0.24 -5.57 44.44
CA PRO O 196 1.09 -5.60 45.65
C PRO O 196 0.32 -5.10 46.87
N VAL O 197 0.43 -5.84 47.96
CA VAL O 197 -0.16 -5.45 49.24
C VAL O 197 0.10 -3.97 49.50
N GLY O 198 -0.95 -3.22 49.81
CA GLY O 198 -0.81 -1.80 50.07
C GLY O 198 -1.09 -0.91 48.87
N PHE O 199 -1.47 -1.50 47.73
CA PHE O 199 -1.87 -0.71 46.57
C PHE O 199 -3.30 -0.19 46.70
N ASP O 200 -4.11 -0.82 47.53
CA ASP O 200 -5.48 -0.43 47.76
C ASP O 200 -5.63 0.05 49.21
N VAL O 201 -6.86 0.38 49.58
CA VAL O 201 -7.15 0.83 50.93
C VAL O 201 -7.56 -0.32 51.84
N TYR O 202 -7.52 -1.55 51.34
CA TYR O 202 -7.90 -2.72 52.12
C TYR O 202 -6.69 -3.49 52.67
N GLY O 203 -5.48 -3.10 52.32
CA GLY O 203 -4.29 -3.79 52.79
C GLY O 203 -3.22 -2.83 53.25
N TYR O 204 -2.43 -3.29 54.22
CA TYR O 204 -1.30 -2.54 54.75
C TYR O 204 -0.07 -3.44 54.71
N GLY O 205 1.03 -2.93 54.15
CA GLY O 205 2.22 -3.75 54.02
C GLY O 205 3.49 -2.94 54.23
N ILE O 206 4.61 -3.66 54.18
CA ILE O 206 5.95 -3.12 54.34
C ILE O 206 6.82 -3.63 53.20
N ARG O 207 7.81 -2.82 52.84
CA ARG O 207 8.75 -3.06 51.76
C ARG O 207 9.98 -3.79 52.25
N ASP O 208 10.60 -4.56 51.36
CA ASP O 208 11.82 -5.26 51.73
C ASP O 208 12.98 -4.26 51.84
N ILE O 209 13.16 -3.41 50.83
CA ILE O 209 14.24 -2.44 50.83
C ILE O 209 13.75 -1.17 51.51
N SER O 210 14.41 -0.80 52.61
CA SER O 210 14.22 0.40 53.43
C SER O 210 13.07 0.22 54.41
N LEU O 211 12.48 -0.93 54.49
CA LEU O 211 11.37 -1.24 55.40
C LEU O 211 10.30 -0.14 55.44
N GLU O 212 9.95 0.38 54.28
CA GLU O 212 8.94 1.42 54.21
C GLU O 212 7.55 0.77 54.25
N SER O 213 6.60 1.47 54.88
CA SER O 213 5.25 0.96 55.04
C SER O 213 4.35 1.45 53.89
N ILE O 214 3.58 0.55 53.30
CA ILE O 214 2.89 0.81 52.06
C ILE O 214 1.40 0.68 52.31
N HIS O 215 0.64 1.74 52.03
CA HIS O 215 -0.81 1.67 52.14
C HIS O 215 -1.44 2.70 51.23
N GLU O 216 -2.57 2.33 50.62
CA GLU O 216 -3.28 3.20 49.68
C GLU O 216 -2.36 3.58 48.52
N GLY O 217 -1.38 2.71 48.25
CA GLY O 217 -0.43 2.94 47.19
C GLY O 217 0.65 3.94 47.53
N LYS O 218 0.58 4.53 48.71
CA LYS O 218 1.55 5.54 49.14
C LYS O 218 2.54 4.93 50.13
N LEU O 219 3.78 5.40 50.04
CA LEU O 219 4.87 4.92 50.88
C LEU O 219 5.01 5.81 52.11
N ASN O 220 5.49 5.21 53.20
CA ASN O 220 5.66 5.87 54.48
C ASN O 220 6.99 5.45 55.08
N CYS O 221 7.59 6.38 55.83
CA CYS O 221 8.83 6.14 56.56
C CYS O 221 8.63 6.60 58.01
N VAL O 222 7.60 6.01 58.64
CA VAL O 222 7.26 6.34 60.02
C VAL O 222 8.40 5.98 60.96
N LEU O 223 8.97 4.78 60.81
CA LEU O 223 10.11 4.39 61.63
C LEU O 223 11.38 5.14 61.23
N GLU O 224 12.10 5.66 62.23
CA GLU O 224 13.34 6.39 62.01
C GLU O 224 14.59 5.52 62.09
N ASN O 225 14.44 4.24 62.45
CA ASN O 225 15.60 3.37 62.62
C ASN O 225 16.37 3.20 61.31
N GLY O 226 15.65 2.96 60.22
CA GLY O 226 16.24 2.76 58.91
C GLY O 226 17.33 1.73 58.81
N SER O 227 17.09 0.56 59.40
CA SER O 227 18.06 -0.53 59.41
C SER O 227 17.79 -1.41 58.20
N PRO O 228 18.77 -1.65 57.33
CA PRO O 228 18.50 -2.48 56.16
C PRO O 228 18.30 -3.94 56.50
N LEU O 229 17.51 -4.61 55.67
CA LEU O 229 17.13 -6.01 55.83
C LEU O 229 17.99 -6.89 54.93
N LYS O 230 18.58 -7.94 55.50
CA LYS O 230 19.45 -8.82 54.73
C LYS O 230 18.69 -10.06 54.27
N GLU O 231 19.42 -10.95 53.58
CA GLU O 231 18.86 -12.15 52.97
C GLU O 231 18.44 -13.24 53.97
N GLY O 232 18.81 -13.14 55.23
CA GLY O 232 18.49 -14.20 56.17
C GLY O 232 17.77 -13.75 57.41
N ASP O 233 17.20 -12.56 57.36
CA ASP O 233 16.53 -11.96 58.50
C ASP O 233 15.14 -12.57 58.70
N LYS O 234 14.67 -12.50 59.94
CA LYS O 234 13.39 -13.06 60.35
C LYS O 234 12.58 -11.89 60.88
N ILE O 235 11.43 -11.61 60.27
CA ILE O 235 10.62 -10.46 60.64
C ILE O 235 9.42 -10.93 61.43
N GLY O 236 9.31 -10.48 62.66
CA GLY O 236 8.17 -10.81 63.49
C GLY O 236 7.04 -9.81 63.30
N PHE O 237 5.83 -10.30 63.51
CA PHE O 237 4.60 -9.52 63.44
C PHE O 237 3.79 -9.85 64.67
N LEU O 238 3.49 -8.82 65.47
CA LEU O 238 2.49 -8.91 66.52
C LEU O 238 1.30 -8.06 66.09
N LEU O 239 0.17 -8.71 65.87
CA LEU O 239 -1.06 -8.05 65.46
C LEU O 239 -2.08 -8.15 66.58
N SER O 240 -2.43 -7.00 67.17
CA SER O 240 -3.41 -6.96 68.23
C SER O 240 -4.67 -6.30 67.69
N LEU O 241 -5.80 -6.93 67.91
CA LEU O 241 -7.11 -6.46 67.51
C LEU O 241 -8.05 -6.47 68.71
N PRO O 242 -9.02 -5.54 68.72
CA PRO O 242 -10.01 -5.51 69.79
C PRO O 242 -10.86 -6.77 69.94
N SER O 243 -11.45 -6.89 71.12
CA SER O 243 -12.39 -7.96 71.43
C SER O 243 -13.57 -7.88 70.48
N ILE O 244 -14.17 -9.05 70.20
CA ILE O 244 -15.27 -9.09 69.24
C ILE O 244 -16.41 -8.17 69.67
N HIS O 245 -16.71 -8.11 70.98
CA HIS O 245 -17.86 -7.32 71.43
C HIS O 245 -17.73 -5.84 71.06
N THR O 246 -16.55 -5.26 71.23
CA THR O 246 -16.37 -3.85 70.90
C THR O 246 -16.47 -3.61 69.39
N GLN O 247 -15.91 -4.50 68.58
CA GLN O 247 -16.09 -4.37 67.13
C GLN O 247 -17.57 -4.45 66.77
N ILE O 248 -18.30 -5.36 67.43
CA ILE O 248 -19.73 -5.52 67.21
C ILE O 248 -20.46 -4.22 67.54
N LYS O 249 -20.12 -3.59 68.66
CA LYS O 249 -20.81 -2.36 69.03
C LYS O 249 -20.44 -1.21 68.09
N GLN O 250 -19.17 -1.17 67.64
CA GLN O 250 -18.79 -0.19 66.62
C GLN O 250 -19.61 -0.38 65.34
N ALA O 251 -19.81 -1.64 64.94
CA ALA O 251 -20.64 -1.94 63.78
C ALA O 251 -22.08 -1.51 64.02
N LYS O 252 -22.58 -1.72 65.24
CA LYS O 252 -23.95 -1.32 65.56
C LYS O 252 -24.08 0.20 65.51
N GLU O 253 -23.05 0.92 65.93
CA GLU O 253 -23.03 2.36 65.79
C GLU O 253 -23.07 2.76 64.32
N PHE O 254 -22.31 2.05 63.48
CA PHE O 254 -22.36 2.29 62.04
C PHE O 254 -23.77 2.07 61.50
N THR O 255 -24.42 0.99 61.94
CA THR O 255 -25.80 0.74 61.54
C THR O 255 -26.73 1.87 61.98
N LYS O 256 -26.61 2.33 63.23
CA LYS O 256 -27.53 3.36 63.71
C LYS O 256 -27.33 4.67 62.96
N ARG O 257 -26.10 4.98 62.56
CA ARG O 257 -25.90 6.09 61.65
C ARG O 257 -26.55 5.83 60.29
N ARG O 258 -26.29 4.65 59.72
CA ARG O 258 -26.68 4.41 58.33
C ARG O 258 -28.20 4.37 58.16
N ILE O 259 -28.93 3.87 59.16
CA ILE O 259 -30.36 3.62 58.98
C ILE O 259 -31.11 4.90 58.61
N PHE O 260 -30.80 6.01 59.26
CA PHE O 260 -31.49 7.24 58.89
C PHE O 260 -30.58 8.45 58.75
N ALA O 261 -29.47 8.48 59.47
CA ALA O 261 -28.57 9.63 59.40
C ALA O 261 -27.91 9.75 58.04
N LEU O 262 -27.53 8.63 57.43
CA LEU O 262 -27.01 8.66 56.07
C LEU O 262 -28.07 8.48 54.99
N ASN O 263 -29.33 8.22 55.36
CA ASN O 263 -30.41 8.15 54.38
C ASN O 263 -31.43 9.27 54.58
N SER O 264 -31.03 10.36 55.24
CA SER O 264 -31.91 11.45 55.65
C SER O 264 -31.19 12.36 56.64
N ASN O 292 -34.68 3.05 45.42
CA ASN O 292 -35.58 2.46 46.41
C ASN O 292 -35.03 2.64 47.83
N LYS O 293 -35.24 3.84 48.39
CA LYS O 293 -34.78 4.13 49.73
C LYS O 293 -35.40 3.19 50.76
N GLU O 294 -36.71 2.94 50.63
CA GLU O 294 -37.43 2.16 51.64
C GLU O 294 -36.85 0.77 51.80
N PHE O 295 -36.53 0.11 50.68
CA PHE O 295 -35.91 -1.21 50.74
C PHE O 295 -34.58 -1.16 51.47
N GLN O 296 -33.77 -0.14 51.17
CA GLN O 296 -32.47 0.01 51.81
C GLN O 296 -32.62 0.21 53.31
N ARG O 297 -33.59 1.01 53.72
CA ARG O 297 -33.86 1.22 55.14
C ARG O 297 -34.30 -0.07 55.81
N ALA O 298 -35.14 -0.87 55.13
CA ALA O 298 -35.58 -2.13 55.71
C ALA O 298 -34.40 -3.05 56.01
N LEU O 299 -33.44 -3.15 55.10
CA LEU O 299 -32.19 -3.88 55.38
C LEU O 299 -31.43 -3.25 56.54
N GLU O 304 -27.23 -10.16 60.64
CA GLU O 304 -26.90 -10.81 61.91
C GLU O 304 -25.41 -10.69 62.19
N TYR O 305 -25.04 -10.15 63.36
CA TYR O 305 -23.65 -9.78 63.56
C TYR O 305 -22.87 -10.91 64.24
N ASN O 306 -23.44 -11.51 65.28
CA ASN O 306 -22.82 -12.66 65.92
C ASN O 306 -22.97 -13.90 65.03
N ASP O 307 -24.17 -14.11 64.51
CA ASP O 307 -24.48 -15.26 63.68
C ASP O 307 -23.76 -15.23 62.34
N VAL O 308 -23.18 -16.37 61.95
CA VAL O 308 -22.52 -16.52 60.66
C VAL O 308 -23.51 -17.21 59.71
N VAL O 309 -23.62 -16.68 58.50
CA VAL O 309 -24.36 -17.33 57.41
C VAL O 309 -23.47 -17.43 56.17
N ARG O 310 -23.08 -18.64 55.81
CA ARG O 310 -22.20 -18.86 54.67
C ARG O 310 -23.00 -19.31 53.46
N ASP O 311 -22.41 -19.09 52.28
CA ASP O 311 -22.97 -19.51 51.01
C ASP O 311 -21.96 -20.39 50.30
N GLN O 312 -22.33 -21.64 50.02
CA GLN O 312 -21.41 -22.59 49.42
C GLN O 312 -22.16 -23.46 48.42
N ILE O 313 -21.61 -23.61 47.22
CA ILE O 313 -22.16 -24.54 46.23
C ILE O 313 -21.09 -25.53 45.79
N ALA O 314 -21.46 -26.80 45.64
CA ALA O 314 -20.52 -27.81 45.20
C ALA O 314 -20.42 -27.80 43.68
N ILE O 315 -19.20 -27.74 43.15
CA ILE O 315 -18.97 -27.75 41.71
C ILE O 315 -17.90 -28.77 41.38
N ARG O 316 -17.94 -29.29 40.16
CA ARG O 316 -16.97 -30.25 39.64
C ARG O 316 -16.30 -29.61 38.43
N TYR O 317 -15.00 -29.35 38.58
CA TYR O 317 -14.16 -28.74 37.55
C TYR O 317 -13.13 -29.75 37.08
N LYS O 318 -13.33 -30.26 35.87
CA LYS O 318 -12.43 -31.23 35.22
C LYS O 318 -12.19 -32.44 36.12
N ASN O 319 -13.28 -33.06 36.56
CA ASN O 319 -13.31 -34.27 37.37
C ASN O 319 -12.82 -34.03 38.79
N GLN O 320 -12.46 -32.80 39.13
CA GLN O 320 -12.10 -32.46 40.50
C GLN O 320 -13.25 -31.73 41.17
N LEU O 321 -13.23 -31.70 42.50
CA LEU O 321 -14.38 -31.30 43.30
C LEU O 321 -14.00 -30.14 44.20
N PHE O 322 -14.69 -29.00 44.04
CA PHE O 322 -14.42 -27.80 44.81
C PHE O 322 -15.72 -27.12 45.19
N PHE O 323 -15.69 -26.40 46.30
CA PHE O 323 -16.79 -25.55 46.72
C PHE O 323 -16.57 -24.12 46.25
N GLU O 324 -17.62 -23.53 45.67
CA GLU O 324 -17.72 -22.14 45.21
C GLU O 324 -18.40 -21.24 46.23
N ALA O 325 -17.74 -20.15 46.62
CA ALA O 325 -18.32 -19.17 47.52
C ALA O 325 -18.11 -17.76 46.96
N THR O 326 -19.13 -16.92 47.11
CA THR O 326 -19.11 -15.51 46.74
C THR O 326 -18.14 -14.69 47.62
N ASP O 327 -17.55 -13.64 47.03
CA ASP O 327 -16.61 -12.79 47.75
C ASP O 327 -17.03 -11.32 47.69
N TYR O 328 -16.23 -10.49 48.36
CA TYR O 328 -16.50 -9.08 48.58
C TYR O 328 -15.90 -8.20 47.48
N VAL O 329 -16.51 -7.03 47.29
CA VAL O 329 -16.09 -6.08 46.25
C VAL O 329 -15.65 -4.79 46.95
N LYS O 330 -14.76 -4.07 46.28
CA LYS O 330 -14.40 -2.71 46.69
C LYS O 330 -15.56 -1.74 46.49
N THR O 331 -15.74 -0.84 47.46
CA THR O 331 -16.82 0.15 47.47
C THR O 331 -16.22 1.44 48.02
N THR O 332 -17.02 2.51 48.10
CA THR O 332 -16.53 3.73 48.71
C THR O 332 -16.13 3.49 50.17
N LYS O 333 -15.06 4.15 50.59
CA LYS O 333 -14.60 4.01 51.96
C LYS O 333 -15.63 4.56 52.95
N PRO O 334 -15.89 3.85 54.06
CA PRO O 334 -16.93 4.32 54.98
C PRO O 334 -16.36 5.37 55.92
N GLU O 335 -17.08 6.47 56.11
CA GLU O 335 -16.57 7.59 56.88
C GLU O 335 -17.63 8.05 57.88
N TYR O 336 -17.17 8.72 58.94
CA TYR O 336 -18.05 9.43 59.84
C TYR O 336 -17.34 10.62 60.48
N ASP O 346 -14.19 11.80 62.13
CA ASP O 346 -13.34 10.69 62.56
C ASP O 346 -13.48 9.51 61.59
N TYR O 347 -12.36 8.87 61.29
CA TYR O 347 -12.32 7.68 60.45
C TYR O 347 -12.55 6.44 61.29
N TYR O 348 -13.30 5.49 60.74
CA TYR O 348 -13.50 4.21 61.40
C TYR O 348 -12.18 3.55 61.74
N GLN O 349 -12.06 3.12 63.00
CA GLN O 349 -10.86 2.48 63.51
C GLN O 349 -11.24 1.34 64.44
N LEU O 350 -10.60 0.18 64.28
CA LEU O 350 -10.80 -0.88 65.27
C LEU O 350 -10.27 -0.39 66.61
N GLU O 351 -11.04 -0.63 67.66
CA GLU O 351 -10.69 -0.12 68.98
C GLU O 351 -9.38 -0.71 69.51
N ASP O 352 -8.40 0.16 69.77
CA ASP O 352 -7.09 -0.25 70.28
C ASP O 352 -6.43 -1.29 69.37
N SER O 353 -6.67 -1.18 68.06
CA SER O 353 -5.99 -2.02 67.08
C SER O 353 -4.57 -1.54 66.84
N TYR O 354 -3.63 -2.48 66.70
CA TYR O 354 -2.23 -2.12 66.54
C TYR O 354 -1.53 -3.19 65.73
N LEU O 355 -0.63 -2.74 64.85
CA LEU O 355 0.23 -3.60 64.06
C LEU O 355 1.67 -3.35 64.45
N ALA O 356 2.36 -4.32 65.04
CA ALA O 356 3.74 -4.14 65.49
C ALA O 356 4.66 -5.07 64.70
N ILE O 357 5.86 -4.56 64.40
CA ILE O 357 6.84 -5.25 63.57
C ILE O 357 8.15 -5.33 64.33
N PHE O 358 8.78 -6.51 64.27
CA PHE O 358 10.04 -6.79 64.96
C PHE O 358 11.07 -7.33 63.97
N GLN O 359 12.32 -6.92 64.09
CA GLN O 359 13.39 -7.55 63.30
C GLN O 359 14.47 -8.07 64.26
N ASN O 360 14.56 -9.39 64.36
CA ASN O 360 15.52 -10.05 65.26
C ASN O 360 15.36 -9.56 66.70
N GLY O 361 14.12 -9.58 67.20
CA GLY O 361 13.82 -9.16 68.54
C GLY O 361 13.57 -7.67 68.70
N LYS O 362 14.25 -6.83 67.92
CA LYS O 362 14.03 -5.39 68.00
C LYS O 362 12.77 -5.01 67.23
N TYR O 363 11.82 -4.40 67.93
CA TYR O 363 10.66 -3.81 67.27
C TYR O 363 11.09 -2.61 66.42
N LEU O 364 10.36 -2.37 65.35
CA LEU O 364 10.61 -1.19 64.52
C LEU O 364 9.45 -0.20 64.56
N GLY O 365 8.48 -0.41 65.44
CA GLY O 365 7.43 0.55 65.67
C GLY O 365 6.07 -0.11 65.47
N LYS O 366 5.03 0.73 65.46
CA LYS O 366 3.69 0.27 65.15
C LYS O 366 3.42 0.67 63.70
N ALA O 367 3.07 -0.30 62.87
CA ALA O 367 2.82 0.02 61.47
C ALA O 367 1.53 0.83 61.30
N PHE O 368 0.47 0.43 62.00
CA PHE O 368 -0.81 1.11 61.93
C PHE O 368 -1.57 0.92 63.23
N GLU O 369 -2.46 1.88 63.49
CA GLU O 369 -3.39 1.83 64.61
C GLU O 369 -4.83 1.80 64.10
N ASN O 370 -5.24 2.76 63.27
CA ASN O 370 -6.64 2.97 62.88
C ASN O 370 -7.07 1.90 61.86
N LEU O 371 -6.99 0.64 62.28
CA LEU O 371 -7.41 -0.46 61.43
C LEU O 371 -8.91 -0.43 61.15
N LYS O 372 -9.25 -0.66 59.89
CA LYS O 372 -10.64 -0.61 59.43
C LYS O 372 -11.49 -1.72 60.03
N PRO O 373 -12.70 -1.41 60.47
CA PRO O 373 -13.67 -2.46 60.81
C PRO O 373 -14.22 -3.12 59.56
N LEU O 374 -14.79 -4.32 59.73
CA LEU O 374 -15.12 -5.16 58.57
C LEU O 374 -16.47 -5.86 58.67
N LEU O 375 -17.26 -5.63 59.71
CA LEU O 375 -18.54 -6.34 59.85
C LEU O 375 -19.57 -5.85 58.83
N PHE O 378 -19.24 -2.52 56.37
CA PHE O 378 -17.90 -2.09 55.98
C PHE O 378 -17.36 -2.95 54.85
N SER O 379 -17.83 -4.19 54.77
CA SER O 379 -17.37 -5.17 53.78
C SER O 379 -18.59 -5.79 53.09
N GLU O 380 -19.04 -5.17 52.02
CA GLU O 380 -20.21 -5.66 51.30
C GLU O 380 -19.78 -6.75 50.33
N LEU O 381 -20.38 -7.92 50.45
CA LEU O 381 -20.20 -8.99 49.47
C LEU O 381 -20.70 -8.53 48.10
N GLN O 382 -20.12 -9.11 47.05
CA GLN O 382 -20.74 -9.01 45.74
C GLN O 382 -22.18 -9.48 45.81
N TYR O 383 -23.08 -8.63 45.34
CA TYR O 383 -24.52 -8.83 45.51
C TYR O 383 -25.22 -8.33 44.27
N ASN O 384 -26.08 -9.15 43.67
CA ASN O 384 -26.92 -8.65 42.60
C ASN O 384 -28.18 -8.07 43.23
N GLU O 385 -28.06 -6.83 43.71
CA GLU O 385 -29.18 -6.21 44.40
C GLU O 385 -30.36 -6.02 43.44
N LYS O 386 -30.05 -5.85 42.15
CA LYS O 386 -31.10 -5.70 41.14
C LYS O 386 -32.03 -6.91 41.14
N PHE O 387 -31.45 -8.11 41.27
CA PHE O 387 -32.23 -9.35 41.22
C PHE O 387 -33.24 -9.41 42.36
N TYR O 388 -32.76 -9.29 43.61
CA TYR O 388 -33.67 -9.44 44.74
C TYR O 388 -34.62 -8.25 44.84
N LEU O 389 -34.17 -7.05 44.46
CA LEU O 389 -35.06 -5.90 44.42
C LEU O 389 -36.16 -6.07 43.38
N GLY O 390 -35.83 -6.70 42.25
CA GLY O 390 -36.83 -6.98 41.24
C GLY O 390 -37.81 -8.06 41.67
N TYR O 391 -37.34 -9.07 42.39
CA TYR O 391 -38.27 -10.08 42.88
C TYR O 391 -38.94 -9.61 44.16
N TRP O 392 -38.15 -9.13 45.12
CA TRP O 392 -38.59 -8.64 46.44
C TRP O 392 -39.94 -9.15 46.93
N ASN O 430 -21.87 -11.94 57.31
CA ASN O 430 -20.65 -12.54 57.81
C ASN O 430 -20.56 -14.04 57.44
N ASN O 431 -19.41 -14.45 56.89
CA ASN O 431 -19.20 -15.85 56.53
C ASN O 431 -18.18 -16.54 57.42
N ASN O 432 -17.80 -15.94 58.55
CA ASN O 432 -16.85 -16.43 59.56
C ASN O 432 -15.45 -16.20 59.04
N LYS O 433 -15.30 -15.42 57.96
CA LYS O 433 -14.03 -15.24 57.29
C LYS O 433 -13.72 -13.76 57.13
N LEU O 434 -14.23 -12.93 58.03
CA LEU O 434 -13.98 -11.49 57.99
C LEU O 434 -12.83 -11.15 58.93
N GLY O 435 -11.82 -10.49 58.40
CA GLY O 435 -10.63 -10.18 59.16
C GLY O 435 -9.49 -9.81 58.23
N TYR O 436 -8.31 -9.71 58.83
CA TYR O 436 -7.08 -9.41 58.11
C TYR O 436 -6.23 -10.67 57.96
N TYR O 437 -5.73 -10.93 56.75
CA TYR O 437 -4.88 -12.08 56.53
C TYR O 437 -3.43 -11.66 56.37
N PRO O 438 -2.49 -12.31 57.04
CA PRO O 438 -1.06 -12.14 56.71
C PRO O 438 -0.77 -12.48 55.26
N THR O 439 -0.19 -11.52 54.53
CA THR O 439 -0.02 -11.63 53.09
C THR O 439 1.43 -11.41 52.71
N ILE O 440 1.91 -12.25 51.80
CA ILE O 440 3.29 -12.25 51.32
C ILE O 440 3.28 -11.91 49.83
N SER O 441 4.09 -10.94 49.44
CA SER O 441 4.14 -10.50 48.05
C SER O 441 5.52 -10.79 47.48
N CYS O 442 5.54 -11.17 46.20
CA CYS O 442 6.74 -11.59 45.49
C CYS O 442 6.88 -10.80 44.20
N PHE O 443 8.09 -10.32 43.94
CA PHE O 443 8.42 -9.51 42.78
C PHE O 443 9.76 -9.97 42.22
N ASN O 444 9.80 -10.21 40.91
CA ASN O 444 11.01 -10.61 40.19
C ASN O 444 11.84 -11.64 40.95
N GLY O 445 11.17 -12.71 41.37
CA GLY O 445 11.83 -13.80 42.06
C GLY O 445 12.07 -13.64 43.55
N GLY O 446 11.66 -12.53 44.15
CA GLY O 446 11.91 -12.37 45.57
C GLY O 446 11.11 -13.35 46.39
N THR O 447 11.75 -14.40 46.90
CA THR O 447 11.07 -15.43 47.65
C THR O 447 10.98 -15.05 49.13
N ALA O 448 10.23 -15.85 49.88
CA ALA O 448 10.23 -15.80 51.34
C ALA O 448 9.38 -16.97 51.85
N ARG O 449 9.34 -17.12 53.18
CA ARG O 449 8.44 -18.08 53.80
C ARG O 449 7.97 -17.55 55.15
N ILE O 450 6.79 -18.00 55.57
CA ILE O 450 6.11 -17.55 56.77
C ILE O 450 6.08 -18.69 57.79
N ILE O 451 6.27 -18.36 59.07
CA ILE O 451 6.30 -19.36 60.13
C ILE O 451 5.03 -19.25 60.96
N SER O 452 4.45 -20.42 61.28
CA SER O 452 3.14 -20.52 61.91
C SER O 452 3.15 -21.19 63.28
N GLU O 453 4.09 -22.10 63.54
CA GLU O 453 4.02 -23.01 64.68
C GLU O 453 5.11 -22.69 65.70
N GLU O 454 4.72 -22.78 66.98
CA GLU O 454 5.59 -22.34 68.07
C GLU O 454 6.95 -23.05 68.06
N ASP O 455 6.96 -24.36 67.75
CA ASP O 455 8.24 -25.08 67.74
C ASP O 455 9.27 -24.41 66.84
N LYS O 456 8.83 -23.83 65.72
CA LYS O 456 9.69 -23.08 64.83
C LYS O 456 9.42 -21.58 64.93
N LEU O 457 8.93 -21.14 66.09
CA LEU O 457 8.87 -19.73 66.45
C LEU O 457 10.07 -19.36 67.32
N GLU O 458 10.66 -18.20 67.02
CA GLU O 458 11.95 -17.80 67.54
C GLU O 458 11.90 -16.69 68.58
N TYR O 459 10.85 -15.87 68.58
CA TYR O 459 10.76 -14.77 69.53
C TYR O 459 9.40 -14.74 70.20
N LEU O 460 8.87 -15.91 70.59
CA LEU O 460 7.56 -15.98 71.20
C LEU O 460 7.53 -15.48 72.65
N ASP O 461 8.68 -15.41 73.32
CA ASP O 461 8.67 -15.05 74.74
C ASP O 461 8.95 -13.58 75.01
N GLN O 462 9.53 -12.85 74.07
CA GLN O 462 9.84 -11.45 74.31
C GLN O 462 8.59 -10.58 74.39
N ILE O 463 7.46 -11.05 73.87
CA ILE O 463 6.19 -10.37 74.12
C ILE O 463 5.93 -10.26 75.60
N ARG O 464 6.22 -11.31 76.36
CA ARG O 464 5.93 -11.32 77.79
C ARG O 464 7.19 -11.02 78.60
N VAL O 475 -0.08 -15.87 75.09
CA VAL O 475 0.09 -15.61 73.67
C VAL O 475 -0.04 -16.91 72.91
N ASN O 476 -0.57 -16.86 71.68
CA ASN O 476 -0.78 -18.05 70.87
C ASN O 476 -0.29 -17.80 69.45
N THR O 477 0.23 -18.87 68.85
CA THR O 477 0.62 -18.92 67.44
C THR O 477 -0.57 -19.04 66.49
N LEU O 478 -0.28 -18.75 65.22
CA LEU O 478 -1.27 -18.80 64.14
C LEU O 478 -1.87 -20.20 64.00
N ASP O 479 -1.06 -21.25 64.23
CA ASP O 479 -1.55 -22.61 64.04
C ASP O 479 -2.75 -22.89 64.95
N THR O 480 -2.72 -22.32 66.16
CA THR O 480 -3.87 -22.45 67.05
C THR O 480 -5.12 -21.91 66.36
N LEU O 481 -5.05 -20.71 65.79
CA LEU O 481 -6.21 -20.15 65.10
C LEU O 481 -6.56 -20.95 63.85
N TYR O 482 -5.58 -21.59 63.23
CA TYR O 482 -5.85 -22.52 62.13
C TYR O 482 -6.77 -23.65 62.59
N LYS O 483 -6.38 -24.32 63.67
CA LYS O 483 -7.21 -25.37 64.24
C LYS O 483 -8.58 -24.83 64.67
N GLU O 484 -8.62 -23.64 65.27
CA GLU O 484 -9.90 -23.02 65.63
C GLU O 484 -10.78 -22.79 64.41
N GLN O 485 -10.20 -22.31 63.31
CA GLN O 485 -10.99 -22.13 62.09
C GLN O 485 -11.49 -23.46 61.55
N ILE O 486 -10.67 -24.49 61.62
CA ILE O 486 -11.10 -25.83 61.19
C ILE O 486 -12.30 -26.28 62.00
N ALA O 487 -12.22 -26.11 63.32
CA ALA O 487 -13.33 -26.49 64.20
C ALA O 487 -14.58 -25.67 63.92
N GLU O 488 -14.43 -24.36 63.78
CA GLU O 488 -15.59 -23.51 63.51
C GLU O 488 -16.24 -23.90 62.19
N ASP O 489 -15.43 -24.15 61.16
CA ASP O 489 -15.97 -24.54 59.87
C ASP O 489 -16.71 -25.86 59.95
N ILE O 490 -16.11 -26.88 60.59
CA ILE O 490 -16.78 -28.18 60.64
C ILE O 490 -18.05 -28.12 61.49
N VAL O 491 -18.05 -27.38 62.60
CA VAL O 491 -19.26 -27.28 63.42
C VAL O 491 -20.37 -26.53 62.68
N TRP O 492 -20.02 -25.43 62.00
CA TRP O 492 -21.04 -24.72 61.23
C TRP O 492 -21.56 -25.58 60.09
N ASP O 493 -20.68 -26.37 59.46
CA ASP O 493 -21.12 -27.36 58.49
C ASP O 493 -22.09 -28.36 59.10
N ILE O 494 -21.85 -28.77 60.35
CA ILE O 494 -22.78 -29.68 61.02
C ILE O 494 -24.15 -29.02 61.17
N ILE O 495 -24.18 -27.80 61.71
CA ILE O 495 -25.46 -27.19 62.04
C ILE O 495 -26.24 -26.82 60.78
N ASP O 496 -25.54 -26.29 59.76
CA ASP O 496 -26.19 -25.80 58.54
C ASP O 496 -26.81 -26.91 57.69
N GLU O 497 -26.57 -28.18 58.01
CA GLU O 497 -27.21 -29.26 57.26
C GLU O 497 -28.73 -29.22 57.39
N LEU O 498 -29.24 -28.97 58.59
CA LEU O 498 -30.69 -29.03 58.78
C LEU O 498 -31.35 -27.73 58.35
N SER P 120 -34.65 -21.92 58.79
CA SER P 120 -34.18 -20.58 59.11
C SER P 120 -34.60 -20.17 60.52
N GLN P 121 -35.86 -20.39 60.85
CA GLN P 121 -36.32 -20.22 62.22
C GLN P 121 -35.52 -21.08 63.19
N THR P 122 -35.29 -22.35 62.84
CA THR P 122 -34.41 -23.19 63.66
C THR P 122 -33.02 -22.59 63.77
N ARG P 123 -32.47 -22.09 62.66
CA ARG P 123 -31.18 -21.41 62.72
C ARG P 123 -31.22 -20.21 63.64
N LYS P 124 -32.30 -19.42 63.56
CA LYS P 124 -32.44 -18.26 64.43
C LYS P 124 -32.45 -18.67 65.90
N TYR P 125 -33.25 -19.68 66.25
CA TYR P 125 -33.33 -20.13 67.63
C TYR P 125 -31.97 -20.62 68.14
N LEU P 126 -31.32 -21.49 67.37
CA LEU P 126 -30.04 -22.04 67.81
C LEU P 126 -28.98 -20.97 67.94
N ASN P 127 -28.88 -20.08 66.94
CA ASN P 127 -27.91 -18.99 67.02
C ASN P 127 -28.19 -18.08 68.20
N THR P 128 -29.46 -17.80 68.49
CA THR P 128 -29.81 -16.92 69.59
C THR P 128 -29.38 -17.51 70.92
N ASN P 129 -29.71 -18.77 71.20
CA ASN P 129 -29.43 -19.31 72.54
C ASN P 129 -28.17 -20.19 72.58
N VAL P 130 -28.14 -21.29 71.84
CA VAL P 130 -27.15 -22.33 72.14
C VAL P 130 -25.81 -22.06 71.44
N THR P 131 -25.84 -21.62 70.17
CA THR P 131 -24.65 -21.58 69.34
C THR P 131 -23.46 -20.81 69.92
N PRO P 132 -23.59 -19.57 70.43
CA PRO P 132 -22.39 -18.87 70.94
C PRO P 132 -21.53 -19.64 71.92
N HIS P 133 -22.10 -20.07 73.05
CA HIS P 133 -21.28 -20.76 74.04
C HIS P 133 -20.98 -22.20 73.66
N LEU P 134 -21.82 -22.80 72.80
CA LEU P 134 -21.50 -24.08 72.20
C LEU P 134 -20.22 -23.96 71.38
N LEU P 135 -20.14 -22.91 70.58
CA LEU P 135 -18.94 -22.62 69.78
C LEU P 135 -17.74 -22.37 70.67
N ALA P 136 -17.93 -21.63 71.77
CA ALA P 136 -16.80 -21.35 72.66
C ALA P 136 -16.24 -22.64 73.24
N GLY P 137 -17.12 -23.51 73.74
CA GLY P 137 -16.68 -24.78 74.26
C GLY P 137 -16.08 -25.70 73.20
N MET P 138 -16.67 -25.69 71.99
CA MET P 138 -16.14 -26.50 70.90
C MET P 138 -14.74 -26.07 70.52
N ARG P 139 -14.48 -24.77 70.47
CA ARG P 139 -13.14 -24.33 70.10
C ARG P 139 -12.17 -24.51 71.25
N LEU P 140 -12.67 -24.53 72.50
CA LEU P 140 -11.79 -24.85 73.63
C LEU P 140 -11.36 -26.31 73.55
N ILE P 141 -12.30 -27.21 73.29
CA ILE P 141 -11.93 -28.63 73.18
C ILE P 141 -11.11 -28.84 71.90
N ALA P 142 -11.29 -27.98 70.90
CA ALA P 142 -10.50 -28.06 69.68
C ALA P 142 -9.04 -27.67 69.89
N VAL P 143 -8.77 -26.69 70.75
CA VAL P 143 -7.36 -26.28 70.94
C VAL P 143 -6.58 -27.43 71.56
N GLN P 144 -7.12 -28.07 72.59
CA GLN P 144 -6.56 -29.29 73.16
C GLN P 144 -7.73 -30.23 73.38
N GLN P 145 -7.62 -31.44 72.83
CA GLN P 145 -8.78 -32.32 72.99
C GLN P 145 -8.63 -33.22 74.23
N PRO P 146 -9.72 -33.36 74.99
CA PRO P 146 -9.77 -34.39 76.02
C PRO P 146 -10.31 -35.68 75.42
N GLU P 147 -10.59 -36.68 76.26
CA GLU P 147 -11.02 -37.98 75.75
C GLU P 147 -12.53 -38.17 75.85
N ASP P 148 -13.17 -37.53 76.82
CA ASP P 148 -14.62 -37.37 76.87
C ASP P 148 -15.01 -35.91 76.65
N PRO P 149 -14.89 -35.40 75.42
CA PRO P 149 -15.16 -33.97 75.21
C PRO P 149 -16.63 -33.62 75.34
N LEU P 150 -17.53 -34.58 75.08
CA LEU P 150 -18.95 -34.34 75.22
C LEU P 150 -19.35 -34.11 76.66
N ARG P 151 -18.85 -34.92 77.59
CA ARG P 151 -19.24 -34.78 78.99
C ARG P 151 -18.69 -33.48 79.59
N VAL P 152 -17.41 -33.18 79.36
CA VAL P 152 -16.85 -31.93 79.85
C VAL P 152 -17.54 -30.72 79.20
N LEU P 153 -17.94 -30.85 77.93
CA LEU P 153 -18.66 -29.75 77.28
C LEU P 153 -20.04 -29.55 77.90
N GLY P 154 -20.75 -30.65 78.12
CA GLY P 154 -22.02 -30.58 78.85
C GLY P 154 -21.87 -29.92 80.20
N GLU P 155 -20.86 -30.31 80.96
CA GLU P 155 -20.58 -29.65 82.24
C GLU P 155 -20.37 -28.15 82.06
N TYR P 156 -19.49 -27.75 81.14
CA TYR P 156 -19.20 -26.33 80.94
C TYR P 156 -20.46 -25.54 80.62
N LEU P 157 -21.28 -26.06 79.71
CA LEU P 157 -22.49 -25.33 79.31
C LEU P 157 -23.52 -25.32 80.41
N ILE P 158 -23.70 -26.45 81.11
CA ILE P 158 -24.67 -26.43 82.19
C ILE P 158 -24.20 -25.44 83.26
N GLU P 159 -22.89 -25.40 83.50
CA GLU P 159 -22.33 -24.47 84.47
C GLU P 159 -22.53 -23.04 84.03
N GLN P 160 -22.86 -22.83 82.75
CA GLN P 160 -23.18 -21.48 82.31
C GLN P 160 -24.54 -21.04 82.85
N SER P 161 -25.53 -21.92 82.78
CA SER P 161 -26.89 -21.58 83.20
C SER P 161 -27.06 -21.82 84.70
N ASN Q 127 -15.26 -35.98 62.14
CA ASN Q 127 -16.34 -36.79 61.56
C ASN Q 127 -16.44 -38.15 62.23
N THR Q 128 -15.27 -38.76 62.47
CA THR Q 128 -15.20 -39.99 63.24
C THR Q 128 -15.64 -39.78 64.69
N ASN Q 129 -15.38 -38.61 65.26
CA ASN Q 129 -15.48 -38.41 66.70
C ASN Q 129 -16.84 -37.87 67.16
N VAL Q 130 -17.31 -36.76 66.60
CA VAL Q 130 -18.33 -35.98 67.28
C VAL Q 130 -19.50 -35.61 66.37
N THR Q 131 -19.33 -35.77 65.06
CA THR Q 131 -20.39 -35.35 64.14
C THR Q 131 -21.72 -36.06 64.37
N PRO Q 132 -21.80 -37.38 64.60
CA PRO Q 132 -23.14 -37.98 64.73
C PRO Q 132 -23.81 -37.62 66.04
N HIS Q 133 -23.04 -37.48 67.12
CA HIS Q 133 -23.60 -37.04 68.39
C HIS Q 133 -24.18 -35.63 68.26
N LEU Q 134 -23.47 -34.76 67.54
CA LEU Q 134 -23.96 -33.40 67.35
C LEU Q 134 -25.22 -33.38 66.49
N LEU Q 135 -25.23 -34.16 65.40
CA LEU Q 135 -26.43 -34.21 64.55
C LEU Q 135 -27.63 -34.73 65.34
N ALA Q 136 -27.45 -35.82 66.09
CA ALA Q 136 -28.54 -36.34 66.92
C ALA Q 136 -28.99 -35.33 67.97
N GLY Q 137 -28.06 -34.54 68.53
CA GLY Q 137 -28.45 -33.59 69.55
C GLY Q 137 -29.24 -32.43 68.97
N MET Q 138 -28.80 -31.91 67.83
CA MET Q 138 -29.55 -30.83 67.18
C MET Q 138 -30.89 -31.33 66.65
N ARG Q 139 -30.97 -32.58 66.21
CA ARG Q 139 -32.25 -33.17 65.83
C ARG Q 139 -33.18 -33.31 67.04
N LEU Q 140 -32.64 -33.64 68.21
CA LEU Q 140 -33.45 -33.64 69.42
C LEU Q 140 -34.02 -32.25 69.69
N ILE Q 141 -33.17 -31.23 69.70
CA ILE Q 141 -33.67 -29.86 69.88
C ILE Q 141 -34.56 -29.45 68.73
N ASP Q 148 -36.94 -25.45 76.71
CA ASP Q 148 -35.83 -26.35 76.45
C ASP Q 148 -34.46 -25.65 76.58
N PRO Q 149 -34.09 -25.33 77.82
CA PRO Q 149 -32.80 -24.67 78.06
C PRO Q 149 -31.64 -25.50 77.52
N LEU Q 150 -30.49 -24.84 77.33
CA LEU Q 150 -29.30 -25.53 76.85
C LEU Q 150 -28.94 -26.72 77.74
N ARG Q 151 -29.47 -26.78 78.95
CA ARG Q 151 -29.16 -27.90 79.85
C ARG Q 151 -29.58 -29.21 79.22
N VAL Q 152 -30.68 -29.17 78.45
CA VAL Q 152 -31.17 -30.42 77.78
C VAL Q 152 -30.11 -30.91 76.78
N LEU Q 153 -29.49 -30.00 76.00
CA LEU Q 153 -28.42 -30.44 75.06
C LEU Q 153 -27.17 -30.91 75.84
N GLY Q 154 -26.84 -30.22 76.94
CA GLY Q 154 -25.65 -30.57 77.74
C GLY Q 154 -25.79 -31.97 78.27
N GLU Q 155 -26.99 -32.31 78.73
CA GLU Q 155 -27.19 -33.67 79.21
C GLU Q 155 -27.24 -34.65 78.07
N TYR Q 156 -27.97 -34.36 76.98
CA TYR Q 156 -28.04 -35.31 75.88
C TYR Q 156 -26.63 -35.59 75.35
N LEU Q 157 -25.77 -34.56 75.35
CA LEU Q 157 -24.37 -34.67 74.96
C LEU Q 157 -23.62 -35.59 75.90
N ILE Q 158 -23.99 -35.61 77.19
CA ILE Q 158 -23.29 -36.53 78.09
C ILE Q 158 -23.84 -37.95 77.91
N GLU Q 159 -25.16 -38.08 77.78
CA GLU Q 159 -25.79 -39.40 77.71
C GLU Q 159 -25.38 -40.14 76.44
N GLN Q 160 -25.12 -39.40 75.36
CA GLN Q 160 -24.64 -40.05 74.13
C GLN Q 160 -23.26 -40.66 74.32
N SER Q 161 -22.41 -40.04 75.13
CA SER Q 161 -21.09 -40.57 75.41
C SER Q 161 -21.13 -41.64 76.50
N LEU R 240 15.01 58.19 -15.44
CA LEU R 240 15.31 56.77 -15.28
C LEU R 240 14.53 55.93 -16.28
N PHE R 241 13.27 56.31 -16.52
CA PHE R 241 12.36 55.44 -17.26
C PHE R 241 12.56 55.56 -18.77
N LYS R 242 12.85 56.76 -19.27
CA LYS R 242 13.12 56.91 -20.69
C LYS R 242 14.28 56.01 -21.08
N LYS R 243 15.28 55.87 -20.22
CA LYS R 243 16.35 54.90 -20.46
C LYS R 243 15.82 53.48 -20.41
N LYS R 244 14.81 53.23 -19.57
CA LYS R 244 14.35 51.86 -19.36
C LYS R 244 13.61 51.34 -20.59
N LEU R 245 12.80 52.19 -21.23
CA LEU R 245 11.94 51.73 -22.32
C LEU R 245 12.07 52.60 -23.57
N GLU R 246 13.22 53.26 -23.76
CA GLU R 246 13.67 53.67 -25.08
C GLU R 246 14.36 52.52 -25.80
N LEU R 247 14.90 51.58 -25.03
CA LEU R 247 15.34 50.36 -25.69
C LEU R 247 14.19 49.69 -26.40
N LEU R 248 12.94 49.93 -26.01
CA LEU R 248 11.83 49.44 -26.82
C LEU R 248 11.89 49.99 -28.25
N GLU R 249 12.23 51.28 -28.41
CA GLU R 249 12.38 51.84 -29.74
C GLU R 249 13.60 51.28 -30.45
N VAL R 250 14.67 51.02 -29.68
CA VAL R 250 15.84 50.33 -30.24
C VAL R 250 15.44 48.96 -30.77
N TYR R 251 14.70 48.21 -29.97
CA TYR R 251 14.24 46.86 -30.28
C TYR R 251 13.25 46.87 -31.44
N LEU R 252 12.57 47.98 -31.65
CA LEU R 252 11.69 48.09 -32.80
C LEU R 252 12.50 48.33 -34.06
N GLY R 253 13.34 49.38 -34.06
CA GLY R 253 14.10 49.73 -35.23
C GLY R 253 15.36 48.95 -35.60
N TRP R 254 16.39 49.00 -34.75
CA TRP R 254 17.75 48.71 -35.22
C TRP R 254 18.01 47.23 -35.45
N LEU R 255 17.85 46.41 -34.42
CA LEU R 255 18.14 44.99 -34.62
C LEU R 255 17.15 44.39 -35.59
N ASP R 256 15.91 44.89 -35.61
CA ASP R 256 14.95 44.37 -36.56
C ASP R 256 15.31 44.69 -38.00
N ASN R 257 15.77 45.91 -38.30
CA ASN R 257 16.17 46.15 -39.69
C ASN R 257 17.43 45.38 -40.06
N VAL R 258 18.41 45.27 -39.14
CA VAL R 258 19.61 44.50 -39.47
C VAL R 258 19.24 43.04 -39.75
N TYR R 259 18.40 42.44 -38.91
CA TYR R 259 18.05 41.04 -39.10
C TYR R 259 17.16 40.84 -40.32
N THR R 260 16.28 41.80 -40.62
CA THR R 260 15.51 41.69 -41.85
C THR R 260 16.39 41.82 -43.08
N GLU R 261 17.44 42.65 -43.03
CA GLU R 261 18.35 42.73 -44.17
C GLU R 261 19.16 41.45 -44.32
N MET R 262 19.59 40.86 -43.20
CA MET R 262 20.29 39.59 -43.27
C MET R 262 19.37 38.49 -43.78
N ARG R 263 18.10 38.54 -43.41
CA ARG R 263 17.11 37.60 -43.93
C ARG R 263 16.83 37.82 -45.41
N LYS R 264 16.85 39.07 -45.86
CA LYS R 264 16.55 39.37 -47.25
C LYS R 264 17.70 38.99 -48.17
N LEU R 265 18.93 38.97 -47.64
CA LEU R 265 20.05 38.56 -48.48
C LEU R 265 19.91 37.11 -48.96
N ASP R 266 19.24 36.27 -48.17
CA ASP R 266 19.14 34.86 -48.53
C ASP R 266 18.27 34.65 -49.76
N ASP R 267 17.48 35.66 -50.15
CA ASP R 267 16.73 35.54 -51.40
C ASP R 267 17.66 35.48 -52.61
N ASP R 268 18.55 36.46 -52.77
CA ASP R 268 19.47 36.38 -53.91
C ASP R 268 20.47 35.24 -53.73
N ALA R 269 20.88 34.97 -52.48
CA ALA R 269 21.79 33.85 -52.25
C ALA R 269 21.16 32.52 -52.61
N ALA R 270 19.83 32.40 -52.52
CA ALA R 270 19.13 31.22 -52.99
C ALA R 270 18.88 31.28 -54.49
N SER R 271 18.72 32.49 -55.04
CA SER R 271 18.34 32.61 -56.44
C SER R 271 19.51 32.27 -57.35
N HIS R 272 20.72 32.69 -56.98
CA HIS R 272 21.89 32.33 -57.78
C HIS R 272 22.05 30.82 -57.86
N VAL R 273 22.01 30.14 -56.71
CA VAL R 273 22.16 28.68 -56.70
C VAL R 273 20.97 28.02 -57.40
N GLU R 274 19.78 28.61 -57.30
CA GLU R 274 18.60 28.02 -57.93
C GLU R 274 18.72 28.08 -59.44
N CYS R 275 19.11 29.23 -59.98
CA CYS R 275 19.23 29.36 -61.43
C CYS R 275 20.39 28.54 -61.96
N GLY R 276 21.48 28.40 -61.18
CA GLY R 276 22.54 27.51 -61.63
C GLY R 276 22.13 26.05 -61.61
N LYS R 277 21.39 25.64 -60.57
CA LYS R 277 20.95 24.25 -60.44
C LYS R 277 19.87 23.88 -61.45
N GLU R 278 19.02 24.84 -61.85
CA GLU R 278 17.94 24.53 -62.78
C GLU R 278 18.43 24.28 -64.20
N ASP R 279 19.60 24.80 -64.57
CA ASP R 279 20.16 24.55 -65.89
C ASP R 279 20.81 23.18 -65.96
N ASN R 299 21.64 15.61 -61.10
CA ASN R 299 21.56 16.90 -60.42
C ASN R 299 22.29 16.86 -59.07
N ILE R 300 22.63 18.03 -58.55
CA ILE R 300 23.29 18.14 -57.26
C ILE R 300 22.55 19.18 -56.42
N CYS R 301 22.56 18.95 -55.10
CA CYS R 301 21.86 19.83 -54.17
C CYS R 301 22.72 21.05 -53.90
N GLY R 302 22.25 22.23 -54.33
CA GLY R 302 22.97 23.44 -54.01
C GLY R 302 23.06 23.64 -52.51
N TYR R 303 24.28 23.57 -51.97
CA TYR R 303 24.48 23.60 -50.53
C TYR R 303 24.44 25.03 -50.00
N CYS R 304 24.75 25.15 -48.71
CA CYS R 304 24.81 26.41 -47.99
C CYS R 304 26.21 26.98 -48.12
N SER R 305 26.57 27.93 -47.25
CA SER R 305 27.91 28.51 -47.14
C SER R 305 28.23 29.43 -48.31
N THR R 306 27.20 30.02 -48.91
CA THR R 306 27.37 30.96 -50.00
C THR R 306 26.59 32.24 -49.81
N TYR R 307 25.91 32.41 -48.68
CA TYR R 307 25.22 33.65 -48.34
C TYR R 307 25.96 34.51 -47.32
N GLU R 308 27.23 34.22 -47.03
CA GLU R 308 27.86 34.86 -45.88
C GLU R 308 27.96 36.36 -46.07
N ARG R 309 28.72 36.80 -47.08
CA ARG R 309 28.62 38.15 -47.60
C ARG R 309 27.67 38.23 -48.80
N ILE R 310 26.81 37.23 -48.96
CA ILE R 310 26.20 36.82 -50.22
C ILE R 310 27.14 37.08 -51.38
N PRO R 311 28.35 36.49 -51.41
CA PRO R 311 29.23 36.68 -52.58
C PRO R 311 28.68 36.01 -53.83
N CYS R 312 28.48 34.71 -53.73
CA CYS R 312 28.33 33.80 -54.87
C CYS R 312 29.38 34.12 -55.95
N SER R 313 30.64 33.92 -55.57
CA SER R 313 31.77 34.40 -56.35
C SER R 313 31.84 33.60 -57.63
N VAL R 314 31.33 34.14 -58.74
CA VAL R 314 31.15 33.35 -59.95
C VAL R 314 31.10 34.31 -61.14
N GLU R 315 31.42 33.80 -62.32
CA GLU R 315 31.29 34.54 -63.57
C GLU R 315 30.01 34.15 -64.32
N GLU R 316 29.86 32.87 -64.66
CA GLU R 316 28.70 32.38 -65.40
C GLU R 316 28.25 31.06 -64.79
N PHE R 317 27.30 31.15 -63.85
CA PHE R 317 27.01 30.01 -62.96
C PHE R 317 26.48 28.82 -63.73
N VAL R 318 25.80 29.06 -64.86
CA VAL R 318 25.30 27.97 -65.68
C VAL R 318 26.43 27.18 -66.33
N ARG R 319 27.57 27.83 -66.62
CA ARG R 319 28.70 27.15 -67.20
C ARG R 319 29.88 26.99 -66.25
N ASP R 320 29.97 27.81 -65.21
CA ASP R 320 31.04 27.64 -64.23
C ASP R 320 30.81 26.40 -63.38
N PHE R 321 29.55 26.02 -63.16
CA PHE R 321 29.23 24.72 -62.58
C PHE R 321 29.39 23.59 -63.58
N GLY R 322 29.57 23.91 -64.86
CA GLY R 322 29.67 22.93 -65.93
C GLY R 322 30.61 21.77 -65.68
N SER R 323 30.38 20.66 -66.40
CA SER R 323 30.91 19.34 -66.09
C SER R 323 32.40 19.33 -65.73
N ASN R 324 33.17 20.29 -66.28
CA ASN R 324 34.59 20.39 -65.99
C ASN R 324 34.88 20.38 -64.49
N GLU R 325 34.35 21.35 -63.74
CA GLU R 325 34.45 21.36 -62.30
C GLU R 325 33.06 21.24 -61.69
N GLU R 326 32.90 20.29 -60.78
CA GLU R 326 31.59 20.04 -60.20
C GLU R 326 31.36 20.65 -58.82
N ALA R 327 32.39 20.86 -58.01
CA ALA R 327 32.15 21.11 -56.59
C ALA R 327 32.22 22.58 -56.21
N THR R 328 31.88 23.49 -57.13
CA THR R 328 31.92 24.93 -56.87
C THR R 328 33.30 25.33 -56.31
N LYS R 329 34.31 25.27 -57.17
CA LYS R 329 35.63 25.74 -56.74
C LYS R 329 35.56 27.19 -56.29
N ILE R 330 34.82 28.03 -57.02
CA ILE R 330 34.54 29.41 -56.64
C ILE R 330 33.06 29.48 -56.28
N HIS R 331 32.74 30.33 -55.31
CA HIS R 331 31.42 30.32 -54.67
C HIS R 331 31.15 28.92 -54.13
N GLU R 332 31.98 28.53 -53.16
CA GLU R 332 32.05 27.15 -52.70
C GLU R 332 30.87 26.80 -51.81
N VAL R 333 30.00 25.92 -52.31
CA VAL R 333 28.95 25.35 -51.50
C VAL R 333 29.49 24.07 -50.86
N CYS R 334 28.89 23.67 -49.74
CA CYS R 334 29.41 22.50 -49.03
C CYS R 334 29.29 21.23 -49.88
N THR R 335 28.15 21.06 -50.56
CA THR R 335 27.87 19.82 -51.27
C THR R 335 28.74 19.67 -52.53
N LYS R 336 29.25 18.47 -52.71
CA LYS R 336 29.88 18.05 -53.96
C LYS R 336 28.87 17.38 -54.86
N TRP R 337 27.97 16.60 -54.27
CA TRP R 337 26.97 15.81 -54.98
C TRP R 337 25.73 15.71 -54.11
N LYS R 338 24.88 14.72 -54.38
CA LYS R 338 23.75 14.39 -53.50
C LYS R 338 24.27 13.73 -52.23
N CYS R 339 24.74 14.56 -51.32
CA CYS R 339 25.41 14.13 -50.09
C CYS R 339 24.55 14.54 -48.91
N ASN R 340 24.33 13.61 -47.97
CA ASN R 340 23.54 13.89 -46.78
C ASN R 340 24.39 14.39 -45.62
N ARG R 341 25.66 14.75 -45.87
CA ARG R 341 26.52 15.29 -44.83
C ARG R 341 25.84 16.44 -44.09
N HIS R 342 25.49 17.49 -44.82
CA HIS R 342 24.72 18.58 -44.26
C HIS R 342 23.23 18.39 -44.55
N LEU R 343 22.43 19.26 -43.96
CA LEU R 343 20.99 19.31 -44.18
C LEU R 343 20.62 20.24 -45.32
N ASP R 344 21.60 20.91 -45.92
CA ASP R 344 21.40 21.90 -46.98
C ASP R 344 20.40 22.95 -46.51
N TRP R 345 20.77 23.62 -45.41
CA TRP R 345 19.93 24.58 -44.73
C TRP R 345 19.40 25.69 -45.63
N VAL R 346 19.92 25.78 -46.87
CA VAL R 346 19.37 26.74 -47.83
C VAL R 346 17.88 26.57 -47.96
N SER R 347 17.40 25.33 -47.84
CA SER R 347 15.97 25.04 -47.77
C SER R 347 15.45 25.43 -46.39
N THR R 348 14.45 26.29 -46.36
CA THR R 348 13.81 26.77 -45.13
C THR R 348 14.76 27.54 -44.22
N ASN R 349 15.84 28.12 -44.77
CA ASN R 349 16.71 28.92 -43.92
C ASN R 349 15.93 30.09 -43.34
N GLN R 350 15.07 30.70 -44.15
CA GLN R 350 14.35 31.87 -43.68
C GLN R 350 13.61 31.59 -42.39
N GLU R 351 13.12 30.36 -42.21
CA GLU R 351 12.35 30.04 -41.02
C GLU R 351 13.07 30.48 -39.76
N GLN R 352 14.37 30.25 -39.67
CA GLN R 352 15.11 30.72 -38.51
C GLN R 352 14.90 32.22 -38.31
N TYR R 353 15.30 33.00 -39.32
CA TYR R 353 15.12 34.44 -39.24
C TYR R 353 13.64 34.78 -39.11
N LEU R 354 12.78 33.91 -39.64
CA LEU R 354 11.36 34.23 -39.63
C LEU R 354 10.85 34.19 -38.20
N GLN R 355 11.18 33.12 -37.46
CA GLN R 355 10.78 33.15 -36.06
C GLN R 355 11.62 34.12 -35.29
N GLN R 356 12.81 34.46 -35.78
CA GLN R 356 13.59 35.54 -35.20
C GLN R 356 12.80 36.83 -35.22
N ILE R 357 12.29 37.18 -36.42
CA ILE R 357 11.54 38.42 -36.45
C ILE R 357 10.17 38.24 -35.82
N ASP R 358 9.68 36.99 -35.75
CA ASP R 358 8.47 36.75 -35.00
C ASP R 358 8.68 37.02 -33.53
N SER R 359 9.83 36.62 -33.00
CA SER R 359 10.10 36.96 -31.61
C SER R 359 10.26 38.46 -31.44
N LEU R 360 10.85 39.13 -32.44
CA LEU R 360 10.90 40.58 -32.41
C LEU R 360 9.51 41.15 -32.16
N GLU R 361 8.56 40.75 -33.00
CA GLU R 361 7.25 41.37 -32.92
C GLU R 361 6.55 40.97 -31.65
N SER R 362 6.83 39.78 -31.14
CA SER R 362 6.15 39.38 -29.91
C SER R 362 6.56 40.27 -28.75
N MET R 363 7.86 40.49 -28.58
CA MET R 363 8.21 41.36 -27.45
C MET R 363 7.76 42.77 -27.72
N GLN R 364 7.67 43.16 -28.99
CA GLN R 364 7.17 44.49 -29.29
C GLN R 364 5.78 44.66 -28.69
N GLU R 365 4.87 43.72 -28.97
CA GLU R 365 3.54 43.94 -28.45
C GLU R 365 3.55 43.87 -26.93
N ARG R 366 4.31 42.93 -26.38
CA ARG R 366 4.34 42.81 -24.93
C ARG R 366 4.88 44.07 -24.31
N LEU R 367 5.96 44.61 -24.89
CA LEU R 367 6.59 45.75 -24.24
C LEU R 367 5.75 47.01 -24.40
N GLN R 368 4.94 47.07 -25.45
CA GLN R 368 4.04 48.22 -25.53
C GLN R 368 2.99 48.16 -24.43
N HIS R 369 2.49 46.96 -24.15
CA HIS R 369 1.57 46.82 -23.03
C HIS R 369 2.23 47.17 -21.71
N LEU R 370 3.53 46.88 -21.59
CA LEU R 370 4.21 47.22 -20.35
C LEU R 370 4.32 48.73 -20.16
N ILE R 371 4.51 49.47 -21.24
CA ILE R 371 4.53 50.92 -21.09
C ILE R 371 3.21 51.40 -20.52
N GLN R 372 2.10 50.88 -21.04
CA GLN R 372 0.81 51.34 -20.54
C GLN R 372 0.62 51.02 -19.08
N ALA R 373 1.11 49.86 -18.63
CA ALA R 373 0.96 49.57 -17.22
C ALA R 373 1.80 50.50 -16.37
N ARG R 374 3.02 50.80 -16.81
CA ARG R 374 3.82 51.74 -16.03
C ARG R 374 3.12 53.09 -15.97
N LYS R 375 2.57 53.54 -17.09
CA LYS R 375 1.86 54.81 -17.09
C LYS R 375 0.64 54.76 -16.20
N LYS R 376 -0.09 53.63 -16.19
CA LYS R 376 -1.22 53.52 -15.28
C LYS R 376 -0.78 53.68 -13.83
N GLN R 377 0.43 53.28 -13.48
CA GLN R 377 0.88 53.49 -12.12
C GLN R 377 1.40 54.91 -11.89
N LEU R 378 1.96 55.53 -12.92
CA LEU R 378 2.62 56.81 -12.70
C LEU R 378 1.66 57.98 -12.77
N ASN R 379 0.53 57.79 -13.43
CA ASN R 379 -0.54 58.76 -13.29
C ASN R 379 -0.93 58.89 -11.82
N ILE R 380 -1.07 57.75 -11.14
CA ILE R 380 -1.43 57.82 -9.73
C ILE R 380 -0.28 58.40 -8.95
N GLN R 381 0.94 58.25 -9.46
CA GLN R 381 2.09 58.82 -8.78
C GLN R 381 1.98 60.33 -8.74
N TYR R 382 1.74 60.98 -9.88
CA TYR R 382 1.67 62.42 -9.80
C TYR R 382 0.34 62.86 -9.18
N TYR R 383 -0.64 61.96 -9.12
CA TYR R 383 -1.83 62.29 -8.35
C TYR R 383 -1.52 62.32 -6.86
N GLU R 384 -0.56 61.51 -6.41
CA GLU R 384 -0.15 61.55 -5.01
C GLU R 384 0.88 62.63 -4.74
N GLU R 385 1.74 62.92 -5.73
CA GLU R 385 2.76 63.96 -5.60
C GLU R 385 2.20 65.37 -5.73
N ILE R 386 1.08 65.55 -6.43
CA ILE R 386 0.41 66.84 -6.41
C ILE R 386 -0.17 67.14 -5.04
N LEU R 387 -0.72 66.13 -4.37
CA LEU R 387 -1.18 66.28 -3.00
C LEU R 387 -0.04 66.06 -2.02
ZN ZN S . -23.88 9.84 19.22
N SAM T . -9.42 12.00 17.93
CA SAM T . -8.56 11.37 18.95
C SAM T . -7.18 12.04 18.94
O SAM T . -6.23 11.41 19.44
OXT SAM T . -7.11 13.17 18.44
CB SAM T . -8.39 9.87 18.67
CG SAM T . -9.56 9.02 19.14
SD SAM T . -9.01 8.01 20.53
CE SAM T . -8.82 6.40 19.76
C5' SAM T . -10.59 7.84 21.38
C4' SAM T . -10.79 8.96 22.39
O4' SAM T . -11.08 10.20 21.69
C3' SAM T . -11.94 8.76 23.38
O3' SAM T . -11.47 8.16 24.57
C2' SAM T . -12.41 10.20 23.61
O2' SAM T . -11.63 10.88 24.58
C1' SAM T . -12.23 10.79 22.22
N9 SAM T . -13.35 10.52 21.32
C8 SAM T . -13.35 9.67 20.24
N7 SAM T . -14.50 9.63 19.62
C5 SAM T . -15.31 10.51 20.33
C6 SAM T . -16.65 10.91 20.15
N6 SAM T . -17.43 10.46 19.19
N1 SAM T . -17.15 11.80 21.04
C2 SAM T . -16.35 12.25 22.01
N3 SAM T . -15.08 11.95 22.27
C4 SAM T . -14.61 11.07 21.38
#